data_7JLF
# 
_entry.id   7JLF 
# 
_audit_conform.dict_name       mmcif_pdbx.dic 
_audit_conform.dict_version    5.380 
_audit_conform.dict_location   http://mmcif.pdb.org/dictionaries/ascii/mmcif_pdbx.dic 
# 
loop_
_database_2.database_id 
_database_2.database_code 
_database_2.pdbx_database_accession 
_database_2.pdbx_DOI 
PDB   7JLF         pdb_00007jlf 10.2210/pdb7jlf/pdb 
WWPDB D_1000250910 ?            ?                   
# 
_pdbx_database_status.status_code                     REL 
_pdbx_database_status.status_code_sf                  REL 
_pdbx_database_status.status_code_mr                  ? 
_pdbx_database_status.entry_id                        7JLF 
_pdbx_database_status.recvd_initial_deposition_date   2020-07-29 
_pdbx_database_status.SG_entry                        N 
_pdbx_database_status.deposit_site                    RCSB 
_pdbx_database_status.process_site                    RCSB 
_pdbx_database_status.status_code_cs                  ? 
_pdbx_database_status.status_code_nmr_data            ? 
_pdbx_database_status.methods_development_category    ? 
_pdbx_database_status.pdb_format_compatible           Y 
# 
loop_
_audit_author.name 
_audit_author.pdbx_ordinal 
_audit_author.identifier_ORCID 
'Simmons, C.R.'      1 0000-0002-2290-6132 
'MacCulloch, T.'     2 0000-0001-5875-3361 
'Stephanopoulos, N.' 3 0000-0001-7859-410X 
'Yan, H.'            4 0000-0001-7397-9852 
# 
_citation.abstract                  ? 
_citation.abstract_id_CAS           ? 
_citation.book_id_ISBN              ? 
_citation.book_publisher            ? 
_citation.book_publisher_city       ? 
_citation.book_title                ? 
_citation.coordinate_linkage        ? 
_citation.country                   UK 
_citation.database_id_Medline       ? 
_citation.details                   ? 
_citation.id                        primary 
_citation.journal_abbrev            'Nat Commun' 
_citation.journal_id_ASTM           ? 
_citation.journal_id_CSD            ? 
_citation.journal_id_ISSN           2041-1723 
_citation.journal_full              ? 
_citation.journal_issue             ? 
_citation.journal_volume            13 
_citation.language                  ? 
_citation.page_first                3112 
_citation.page_last                 3112 
_citation.title                     'The influence of Holliday junction sequence and dynamics on DNA crystal self-assembly.' 
_citation.year                      2022 
_citation.database_id_CSD           ? 
_citation.pdbx_database_id_DOI      10.1038/s41467-022-30779-6 
_citation.pdbx_database_id_PubMed   35662248 
_citation.unpublished_flag          ? 
# 
loop_
_citation_author.citation_id 
_citation_author.name 
_citation_author.ordinal 
_citation_author.identifier_ORCID 
primary 'Simmons, C.R.'      1  ?                   
primary 'MacCulloch, T.'     2  ?                   
primary 'Krepl, M.'          3  0000-0002-9833-4281 
primary 'Matthies, M.'       4  ?                   
primary 'Buchberger, A.'     5  ?                   
primary 'Crawford, I.'       6  ?                   
primary 'Sponer, J.'         7  0000-0001-6558-6186 
primary 'Sulc, P.'           8  0000-0003-1565-6769 
primary 'Stephanopoulos, N.' 9  0000-0001-7859-410X 
primary 'Yan, H.'            10 0000-0001-7397-9852 
# 
_cell.angle_alpha                  90.000 
_cell.angle_alpha_esd              ? 
_cell.angle_beta                   90.000 
_cell.angle_beta_esd               ? 
_cell.angle_gamma                  120.000 
_cell.angle_gamma_esd              ? 
_cell.entry_id                     7JLF 
_cell.details                      ? 
_cell.formula_units_Z              ? 
_cell.length_a                     112.594 
_cell.length_a_esd                 ? 
_cell.length_b                     112.594 
_cell.length_b_esd                 ? 
_cell.length_c                     51.860 
_cell.length_c_esd                 ? 
_cell.volume                       ? 
_cell.volume_esd                   ? 
_cell.Z_PDB                        9 
_cell.reciprocal_angle_alpha       ? 
_cell.reciprocal_angle_beta        ? 
_cell.reciprocal_angle_gamma       ? 
_cell.reciprocal_angle_alpha_esd   ? 
_cell.reciprocal_angle_beta_esd    ? 
_cell.reciprocal_angle_gamma_esd   ? 
_cell.reciprocal_length_a          ? 
_cell.reciprocal_length_b          ? 
_cell.reciprocal_length_c          ? 
_cell.reciprocal_length_a_esd      ? 
_cell.reciprocal_length_b_esd      ? 
_cell.reciprocal_length_c_esd      ? 
_cell.pdbx_unique_axis             ? 
# 
_symmetry.entry_id                         7JLF 
_symmetry.cell_setting                     ? 
_symmetry.Int_Tables_number                146 
_symmetry.space_group_name_Hall            ? 
_symmetry.space_group_name_H-M             'H 3' 
_symmetry.pdbx_full_space_group_name_H-M   ? 
# 
loop_
_entity.id 
_entity.type 
_entity.src_method 
_entity.pdbx_description 
_entity.formula_weight 
_entity.pdbx_number_of_molecules 
_entity.pdbx_ec 
_entity.pdbx_mutation 
_entity.pdbx_fragment 
_entity.details 
1 polymer     syn 
;DNA (5'-D(*GP*AP*AP*CP*GP*AP*CP*AP*CP*AP*GP*AP*CP*GP*TP*CP*GP*AP*CP*TP*C)-3')
;
6426.177 1 ? ? ? ? 
2 polymer     syn 
;DNA (5'-D(*TP*CP*GP*AP*GP*TP*CP*G)-3')
;
2442.616 1 ? ? ? ? 
3 polymer     syn 
;DNA (5'-D(P*GP*TP*GP*TP*CP*GP*T)-3')
;
2144.420 1 ? ? ? ? 
4 polymer     syn 
;DNA (5'-D(P*AP*CP*GP*TP*CP*T)-3')
;
1784.204 1 ? ? ? ? 
5 non-polymer syn 'CACODYLATE ION'                                                                136.989  2 ? ? ? ? 
# 
loop_
_entity_poly.entity_id 
_entity_poly.type 
_entity_poly.nstd_linkage 
_entity_poly.nstd_monomer 
_entity_poly.pdbx_seq_one_letter_code 
_entity_poly.pdbx_seq_one_letter_code_can 
_entity_poly.pdbx_strand_id 
_entity_poly.pdbx_target_identifier 
1 polydeoxyribonucleotide no no 
;(DG)(DA)(DA)(DC)(DG)(DA)(DC)(DA)(DC)(DA)(DG)(DA)(DC)(DG)(DT)(DC)(DG)(DA)(DC)(DT)
(DC)
;
GAACGACACAGACGTCGACTC B ? 
2 polydeoxyribonucleotide no no '(DT)(DC)(DG)(DA)(DG)(DT)(DC)(DG)'                                                      TCGAGTCG C 
? 
3 polydeoxyribonucleotide no no '(DG)(DT)(DG)(DT)(DC)(DG)(DT)'                                                          GTGTCGT D 
? 
4 polydeoxyribonucleotide no no '(DA)(DC)(DG)(DT)(DC)(DT)'                                                              ACGTCT A ? 
# 
loop_
_entity_poly_seq.entity_id 
_entity_poly_seq.num 
_entity_poly_seq.mon_id 
_entity_poly_seq.hetero 
1 1  DG n 
1 2  DA n 
1 3  DA n 
1 4  DC n 
1 5  DG n 
1 6  DA n 
1 7  DC n 
1 8  DA n 
1 9  DC n 
1 10 DA n 
1 11 DG n 
1 12 DA n 
1 13 DC n 
1 14 DG n 
1 15 DT n 
1 16 DC n 
1 17 DG n 
1 18 DA n 
1 19 DC n 
1 20 DT n 
1 21 DC n 
2 1  DT n 
2 2  DC n 
2 3  DG n 
2 4  DA n 
2 5  DG n 
2 6  DT n 
2 7  DC n 
2 8  DG n 
3 1  DG n 
3 2  DT n 
3 3  DG n 
3 4  DT n 
3 5  DC n 
3 6  DG n 
3 7  DT n 
4 1  DA n 
4 2  DC n 
4 3  DG n 
4 4  DT n 
4 5  DC n 
4 6  DT n 
# 
loop_
_pdbx_entity_src_syn.entity_id 
_pdbx_entity_src_syn.pdbx_src_id 
_pdbx_entity_src_syn.pdbx_alt_source_flag 
_pdbx_entity_src_syn.pdbx_beg_seq_num 
_pdbx_entity_src_syn.pdbx_end_seq_num 
_pdbx_entity_src_syn.organism_scientific 
_pdbx_entity_src_syn.organism_common_name 
_pdbx_entity_src_syn.ncbi_taxonomy_id 
_pdbx_entity_src_syn.details 
1 1 sample 1 21 'synthetic construct' ? 32630 ? 
2 1 sample 1 8  'synthetic construct' ? 32630 ? 
3 1 sample 1 7  'synthetic construct' ? 32630 ? 
4 1 sample 1 6  'synthetic construct' ? 32630 ? 
# 
loop_
_struct_ref.id 
_struct_ref.db_name 
_struct_ref.db_code 
_struct_ref.pdbx_db_accession 
_struct_ref.pdbx_db_isoform 
_struct_ref.entity_id 
_struct_ref.pdbx_seq_one_letter_code 
_struct_ref.pdbx_align_begin 
1 PDB 7JLF 7JLF ? 1 ? 1 
2 PDB 7JLF 7JLF ? 2 ? 1 
3 PDB 7JLF 7JLF ? 3 ? 1 
4 PDB 7JLF 7JLF ? 4 ? 1 
# 
loop_
_struct_ref_seq.align_id 
_struct_ref_seq.ref_id 
_struct_ref_seq.pdbx_PDB_id_code 
_struct_ref_seq.pdbx_strand_id 
_struct_ref_seq.seq_align_beg 
_struct_ref_seq.pdbx_seq_align_beg_ins_code 
_struct_ref_seq.seq_align_end 
_struct_ref_seq.pdbx_seq_align_end_ins_code 
_struct_ref_seq.pdbx_db_accession 
_struct_ref_seq.db_align_beg 
_struct_ref_seq.pdbx_db_align_beg_ins_code 
_struct_ref_seq.db_align_end 
_struct_ref_seq.pdbx_db_align_end_ins_code 
_struct_ref_seq.pdbx_auth_seq_align_beg 
_struct_ref_seq.pdbx_auth_seq_align_end 
1 1 7JLF B 1 ? 21 ? 7JLF 7  ? 27 ? 7  27 
2 2 7JLF C 1 ? 8  ? 7JLF 28 ? 35 ? 28 35 
3 3 7JLF D 1 ? 7  ? 7JLF 36 ? 42 ? 36 42 
4 4 7JLF A 1 ? 6  ? 7JLF 1  ? 6  ? 1  6  
# 
loop_
_chem_comp.id 
_chem_comp.type 
_chem_comp.mon_nstd_flag 
_chem_comp.name 
_chem_comp.pdbx_synonyms 
_chem_comp.formula 
_chem_comp.formula_weight 
CAC non-polymer   . 'CACODYLATE ION'                     dimethylarsinate 'C2 H6 As O2 -1'  136.989 
DA  'DNA linking' y "2'-DEOXYADENOSINE-5'-MONOPHOSPHATE" ?                'C10 H14 N5 O6 P' 331.222 
DC  'DNA linking' y "2'-DEOXYCYTIDINE-5'-MONOPHOSPHATE"  ?                'C9 H14 N3 O7 P'  307.197 
DG  'DNA linking' y "2'-DEOXYGUANOSINE-5'-MONOPHOSPHATE" ?                'C10 H14 N5 O7 P' 347.221 
DT  'DNA linking' y "THYMIDINE-5'-MONOPHOSPHATE"         ?                'C10 H15 N2 O8 P' 322.208 
# 
_exptl.absorpt_coefficient_mu     ? 
_exptl.absorpt_correction_T_max   ? 
_exptl.absorpt_correction_T_min   ? 
_exptl.absorpt_correction_type    ? 
_exptl.absorpt_process_details    ? 
_exptl.entry_id                   7JLF 
_exptl.crystals_number            1 
_exptl.details                    ? 
_exptl.method                     'X-RAY DIFFRACTION' 
_exptl.method_details             ? 
# 
_exptl_crystal.colour                      ? 
_exptl_crystal.density_diffrn              ? 
_exptl_crystal.density_Matthews            4.94 
_exptl_crystal.density_method              ? 
_exptl_crystal.density_percent_sol         75.12 
_exptl_crystal.description                 ? 
_exptl_crystal.F_000                       ? 
_exptl_crystal.id                          1 
_exptl_crystal.preparation                 ? 
_exptl_crystal.size_max                    ? 
_exptl_crystal.size_mid                    ? 
_exptl_crystal.size_min                    ? 
_exptl_crystal.size_rad                    ? 
_exptl_crystal.colour_lustre               ? 
_exptl_crystal.colour_modifier             ? 
_exptl_crystal.colour_primary              ? 
_exptl_crystal.density_meas                ? 
_exptl_crystal.density_meas_esd            ? 
_exptl_crystal.density_meas_gt             ? 
_exptl_crystal.density_meas_lt             ? 
_exptl_crystal.density_meas_temp           ? 
_exptl_crystal.density_meas_temp_esd       ? 
_exptl_crystal.density_meas_temp_gt        ? 
_exptl_crystal.density_meas_temp_lt        ? 
_exptl_crystal.pdbx_crystal_image_url      ? 
_exptl_crystal.pdbx_crystal_image_format   ? 
_exptl_crystal.pdbx_mosaicity              ? 
_exptl_crystal.pdbx_mosaicity_esd          ? 
# 
_exptl_crystal_grow.apparatus       ? 
_exptl_crystal_grow.atmosphere      ? 
_exptl_crystal_grow.crystal_id      1 
_exptl_crystal_grow.details         ? 
_exptl_crystal_grow.method          'VAPOR DIFFUSION, SITTING DROP' 
_exptl_crystal_grow.method_ref      ? 
_exptl_crystal_grow.pH              ? 
_exptl_crystal_grow.pressure        ? 
_exptl_crystal_grow.pressure_esd    ? 
_exptl_crystal_grow.seeding         ? 
_exptl_crystal_grow.seeding_ref     ? 
_exptl_crystal_grow.temp            298 
_exptl_crystal_grow.temp_details    'temperature gradient generated from 60 to 25 C at 0.3 degrees per hour' 
_exptl_crystal_grow.temp_esd        ? 
_exptl_crystal_grow.time            ? 
_exptl_crystal_grow.pdbx_details    
;0.5 mL of 0.05 M Cacodylate pH 7.0 with 18 mM MgCl2, 2.25 mM spermine, 0.9 mM CoH18N6, and 4.5% MPD was added to the reservoir with 2 uL added to the drop containing 4 uL of DNA stock
;
_exptl_crystal_grow.pdbx_pH_range   ? 
# 
_diffrn.ambient_environment              ? 
_diffrn.ambient_temp                     100 
_diffrn.ambient_temp_details             ? 
_diffrn.ambient_temp_esd                 ? 
_diffrn.crystal_id                       1 
_diffrn.crystal_support                  ? 
_diffrn.crystal_treatment                ? 
_diffrn.details                          ? 
_diffrn.id                               1 
_diffrn.ambient_pressure                 ? 
_diffrn.ambient_pressure_esd             ? 
_diffrn.ambient_pressure_gt              ? 
_diffrn.ambient_pressure_lt              ? 
_diffrn.ambient_temp_gt                  ? 
_diffrn.ambient_temp_lt                  ? 
_diffrn.pdbx_serial_crystal_experiment   N 
# 
_diffrn_detector.details                      ? 
_diffrn_detector.detector                     PIXEL 
_diffrn_detector.diffrn_id                    1 
_diffrn_detector.type                         'DECTRIS PILATUS3 6M' 
_diffrn_detector.area_resol_mean              ? 
_diffrn_detector.dtime                        ? 
_diffrn_detector.pdbx_frames_total            ? 
_diffrn_detector.pdbx_collection_time_total   ? 
_diffrn_detector.pdbx_collection_date         2019-08-15 
_diffrn_detector.pdbx_frequency               ? 
# 
_diffrn_radiation.collimation                      ? 
_diffrn_radiation.diffrn_id                        1 
_diffrn_radiation.filter_edge                      ? 
_diffrn_radiation.inhomogeneity                    ? 
_diffrn_radiation.monochromator                    ? 
_diffrn_radiation.polarisn_norm                    ? 
_diffrn_radiation.polarisn_ratio                   ? 
_diffrn_radiation.probe                            ? 
_diffrn_radiation.type                             ? 
_diffrn_radiation.xray_symbol                      ? 
_diffrn_radiation.wavelength_id                    1 
_diffrn_radiation.pdbx_monochromatic_or_laue_m_l   M 
_diffrn_radiation.pdbx_wavelength_list             ? 
_diffrn_radiation.pdbx_wavelength                  ? 
_diffrn_radiation.pdbx_diffrn_protocol             'SINGLE WAVELENGTH' 
_diffrn_radiation.pdbx_analyzer                    ? 
_diffrn_radiation.pdbx_scattering_type             x-ray 
# 
_diffrn_radiation_wavelength.id           1 
_diffrn_radiation_wavelength.wavelength   1 
_diffrn_radiation_wavelength.wt           1.0 
# 
_diffrn_source.current                     ? 
_diffrn_source.details                     ? 
_diffrn_source.diffrn_id                   1 
_diffrn_source.power                       ? 
_diffrn_source.size                        ? 
_diffrn_source.source                      SYNCHROTRON 
_diffrn_source.target                      ? 
_diffrn_source.type                        'APS BEAMLINE 19-ID' 
_diffrn_source.voltage                     ? 
_diffrn_source.take-off_angle              ? 
_diffrn_source.pdbx_wavelength_list        1 
_diffrn_source.pdbx_wavelength             ? 
_diffrn_source.pdbx_synchrotron_beamline   19-ID 
_diffrn_source.pdbx_synchrotron_site       APS 
# 
_reflns.B_iso_Wilson_estimate            77.850 
_reflns.entry_id                         7JLF 
_reflns.data_reduction_details           ? 
_reflns.data_reduction_method            ? 
_reflns.d_resolution_high                2.900 
_reflns.d_resolution_low                 50.000 
_reflns.details                          ? 
_reflns.limit_h_max                      ? 
_reflns.limit_h_min                      ? 
_reflns.limit_k_max                      ? 
_reflns.limit_k_min                      ? 
_reflns.limit_l_max                      ? 
_reflns.limit_l_min                      ? 
_reflns.number_all                       ? 
_reflns.number_obs                       5331 
_reflns.observed_criterion               ? 
_reflns.observed_criterion_F_max         ? 
_reflns.observed_criterion_F_min         ? 
_reflns.observed_criterion_I_max         ? 
_reflns.observed_criterion_I_min         ? 
_reflns.observed_criterion_sigma_F       ? 
_reflns.observed_criterion_sigma_I       ? 
_reflns.percent_possible_obs             99.000 
_reflns.R_free_details                   ? 
_reflns.Rmerge_F_all                     ? 
_reflns.Rmerge_F_obs                     ? 
_reflns.Friedel_coverage                 ? 
_reflns.number_gt                        ? 
_reflns.threshold_expression             ? 
_reflns.pdbx_redundancy                  10.000 
_reflns.pdbx_Rmerge_I_obs                0.159 
_reflns.pdbx_Rmerge_I_all                ? 
_reflns.pdbx_Rsym_value                  ? 
_reflns.pdbx_netI_over_av_sigmaI         ? 
_reflns.pdbx_netI_over_sigmaI            8.900 
_reflns.pdbx_res_netI_over_av_sigmaI_2   ? 
_reflns.pdbx_res_netI_over_sigmaI_2      ? 
_reflns.pdbx_chi_squared                 6.455 
_reflns.pdbx_scaling_rejects             ? 
_reflns.pdbx_d_res_high_opt              ? 
_reflns.pdbx_d_res_low_opt               ? 
_reflns.pdbx_d_res_opt_method            ? 
_reflns.phase_calculation_details        ? 
_reflns.pdbx_Rrim_I_all                  0.168 
_reflns.pdbx_Rpim_I_all                  0.054 
_reflns.pdbx_d_opt                       ? 
_reflns.pdbx_number_measured_all         53206 
_reflns.pdbx_diffrn_id                   1 
_reflns.pdbx_ordinal                     1 
_reflns.pdbx_CC_half                     ? 
_reflns.pdbx_CC_star                     ? 
_reflns.pdbx_R_split                     ? 
# 
loop_
_reflns_shell.d_res_high 
_reflns_shell.d_res_low 
_reflns_shell.meanI_over_sigI_all 
_reflns_shell.meanI_over_sigI_obs 
_reflns_shell.number_measured_all 
_reflns_shell.number_measured_obs 
_reflns_shell.number_possible 
_reflns_shell.number_unique_all 
_reflns_shell.number_unique_obs 
_reflns_shell.percent_possible_all 
_reflns_shell.percent_possible_obs 
_reflns_shell.Rmerge_F_all 
_reflns_shell.Rmerge_F_obs 
_reflns_shell.Rmerge_I_all 
_reflns_shell.Rmerge_I_obs 
_reflns_shell.meanI_over_sigI_gt 
_reflns_shell.meanI_over_uI_all 
_reflns_shell.meanI_over_uI_gt 
_reflns_shell.number_measured_gt 
_reflns_shell.number_unique_gt 
_reflns_shell.percent_possible_gt 
_reflns_shell.Rmerge_F_gt 
_reflns_shell.Rmerge_I_gt 
_reflns_shell.pdbx_redundancy 
_reflns_shell.pdbx_Rsym_value 
_reflns_shell.pdbx_chi_squared 
_reflns_shell.pdbx_netI_over_sigmaI_all 
_reflns_shell.pdbx_netI_over_sigmaI_obs 
_reflns_shell.pdbx_Rrim_I_all 
_reflns_shell.pdbx_Rpim_I_all 
_reflns_shell.pdbx_rejects 
_reflns_shell.pdbx_ordinal 
_reflns_shell.pdbx_diffrn_id 
_reflns_shell.pdbx_CC_half 
_reflns_shell.pdbx_CC_star 
_reflns_shell.pdbx_R_split 
2.900 2.950  ? ? ? ? ? ? 268 96.400  ? ? ? ? 1.443 ? ? ? ? ? ? ? ? 7.600  ? 0.459  ? ? 1.539 0.522 ? 1  1 0.671 ? ? 
2.950 3.000  ? ? ? ? ? ? 244 94.600  ? ? ? ? 0.839 ? ? ? ? ? ? ? ? 7.800  ? 0.517  ? ? 0.894 0.304 ? 2  1 0.873 ? ? 
3.000 3.060  ? ? ? ? ? ? 270 96.400  ? ? ? ? 0.516 ? ? ? ? ? ? ? ? 8.800  ? 0.747  ? ? 0.546 0.178 ? 3  1 0.953 ? ? 
3.060 3.120  ? ? ? ? ? ? 261 100.000 ? ? ? ? 0.337 ? ? ? ? ? ? ? ? 10.100 ? 1.970  ? ? 0.355 0.111 ? 4  1 0.981 ? ? 
3.120 3.190  ? ? ? ? ? ? 284 100.000 ? ? ? ? 0.290 ? ? ? ? ? ? ? ? 10.200 ? 4.324  ? ? 0.309 0.105 ? 5  1 0.956 ? ? 
3.190 3.270  ? ? ? ? ? ? 249 100.000 ? ? ? ? 0.282 ? ? ? ? ? ? ? ? 10.200 ? 2.702  ? ? 0.300 0.100 ? 6  1 0.932 ? ? 
3.270 3.350  ? ? ? ? ? ? 284 98.300  ? ? ? ? 0.263 ? ? ? ? ? ? ? ? 10.300 ? 4.145  ? ? 0.281 0.094 ? 7  1 0.939 ? ? 
3.350 3.440  ? ? ? ? ? ? 254 100.000 ? ? ? ? 0.252 ? ? ? ? ? ? ? ? 10.300 ? 4.709  ? ? 0.267 0.087 ? 8  1 0.968 ? ? 
3.440 3.540  ? ? ? ? ? ? 280 100.000 ? ? ? ? 0.223 ? ? ? ? ? ? ? ? 10.200 ? 5.305  ? ? 0.236 0.075 ? 9  1 0.986 ? ? 
3.540 3.650  ? ? ? ? ? ? 258 99.600  ? ? ? ? 0.220 ? ? ? ? ? ? ? ? 9.800  ? 3.515  ? ? 0.233 0.073 ? 10 1 0.985 ? ? 
3.650 3.780  ? ? ? ? ? ? 260 99.200  ? ? ? ? 0.211 ? ? ? ? ? ? ? ? 9.600  ? 3.598  ? ? 0.222 0.070 ? 11 1 0.985 ? ? 
3.780 3.940  ? ? ? ? ? ? 283 100.000 ? ? ? ? 0.212 ? ? ? ? ? ? ? ? 10.800 ? 4.266  ? ? 0.223 0.068 ? 12 1 0.964 ? ? 
3.940 4.110  ? ? ? ? ? ? 269 100.000 ? ? ? ? 0.197 ? ? ? ? ? ? ? ? 10.600 ? 6.991  ? ? 0.208 0.064 ? 13 1 0.967 ? ? 
4.110 4.330  ? ? ? ? ? ? 268 99.600  ? ? ? ? 0.181 ? ? ? ? ? ? ? ? 10.900 ? 5.895  ? ? 0.190 0.059 ? 14 1 0.981 ? ? 
4.330 4.600  ? ? ? ? ? ? 262 100.000 ? ? ? ? 0.177 ? ? ? ? ? ? ? ? 10.600 ? 7.936  ? ? 0.186 0.057 ? 15 1 0.976 ? ? 
4.600 4.960  ? ? ? ? ? ? 266 99.600  ? ? ? ? 0.172 ? ? ? ? ? ? ? ? 9.600  ? 10.262 ? ? 0.182 0.058 ? 16 1 0.973 ? ? 
4.960 5.460  ? ? ? ? ? ? 271 100.000 ? ? ? ? 0.140 ? ? ? ? ? ? ? ? 10.800 ? 9.129  ? ? 0.147 0.045 ? 17 1 0.983 ? ? 
5.460 6.240  ? ? ? ? ? ? 270 98.200  ? ? ? ? 0.137 ? ? ? ? ? ? ? ? 10.600 ? 13.168 ? ? 0.145 0.045 ? 18 1 0.976 ? ? 
6.240 7.860  ? ? ? ? ? ? 261 98.500  ? ? ? ? 0.127 ? ? ? ? ? ? ? ? 9.800  ? 10.576 ? ? 0.134 0.043 ? 19 1 0.972 ? ? 
7.860 50.000 ? ? ? ? ? ? 269 98.900  ? ? ? ? 0.136 ? ? ? ? ? ? ? ? 10.400 ? 23.555 ? ? 0.144 0.048 ? 20 1 0.939 ? ? 
# 
_refine.aniso_B[1][1]                            ? 
_refine.aniso_B[1][2]                            ? 
_refine.aniso_B[1][3]                            ? 
_refine.aniso_B[2][2]                            ? 
_refine.aniso_B[2][3]                            ? 
_refine.aniso_B[3][3]                            ? 
_refine.B_iso_max                                190.160 
_refine.B_iso_mean                               98.3649 
_refine.B_iso_min                                45.750 
_refine.correlation_coeff_Fo_to_Fc               ? 
_refine.correlation_coeff_Fo_to_Fc_free          ? 
_refine.details                                  ? 
_refine.diff_density_max                         ? 
_refine.diff_density_max_esd                     ? 
_refine.diff_density_min                         ? 
_refine.diff_density_min_esd                     ? 
_refine.diff_density_rms                         ? 
_refine.diff_density_rms_esd                     ? 
_refine.entry_id                                 7JLF 
_refine.pdbx_refine_id                           'X-RAY DIFFRACTION' 
_refine.ls_abs_structure_details                 ? 
_refine.ls_abs_structure_Flack                   ? 
_refine.ls_abs_structure_Flack_esd               ? 
_refine.ls_abs_structure_Rogers                  ? 
_refine.ls_abs_structure_Rogers_esd              ? 
_refine.ls_d_res_high                            2.9090 
_refine.ls_d_res_low                             35.5220 
_refine.ls_extinction_coef                       ? 
_refine.ls_extinction_coef_esd                   ? 
_refine.ls_extinction_expression                 ? 
_refine.ls_extinction_method                     ? 
_refine.ls_goodness_of_fit_all                   ? 
_refine.ls_goodness_of_fit_all_esd               ? 
_refine.ls_goodness_of_fit_obs                   ? 
_refine.ls_goodness_of_fit_obs_esd               ? 
_refine.ls_hydrogen_treatment                    ? 
_refine.ls_matrix_type                           ? 
_refine.ls_number_constraints                    ? 
_refine.ls_number_parameters                     ? 
_refine.ls_number_reflns_all                     ? 
_refine.ls_number_reflns_obs                     5198 
_refine.ls_number_reflns_R_free                  263 
_refine.ls_number_reflns_R_work                  4935 
_refine.ls_number_restraints                     ? 
_refine.ls_percent_reflns_obs                    96.3500 
_refine.ls_percent_reflns_R_free                 5.0600 
_refine.ls_R_factor_all                          ? 
_refine.ls_R_factor_obs                          0.2253 
_refine.ls_R_factor_R_free                       0.2320 
_refine.ls_R_factor_R_free_error                 ? 
_refine.ls_R_factor_R_free_error_details         ? 
_refine.ls_R_factor_R_work                       0.2249 
_refine.ls_R_Fsqd_factor_obs                     ? 
_refine.ls_R_I_factor_obs                        ? 
_refine.ls_redundancy_reflns_all                 ? 
_refine.ls_redundancy_reflns_obs                 ? 
_refine.ls_restrained_S_all                      ? 
_refine.ls_restrained_S_obs                      ? 
_refine.ls_shift_over_esd_max                    ? 
_refine.ls_shift_over_esd_mean                   ? 
_refine.ls_structure_factor_coef                 ? 
_refine.ls_weighting_details                     ? 
_refine.ls_weighting_scheme                      ? 
_refine.ls_wR_factor_all                         ? 
_refine.ls_wR_factor_obs                         ? 
_refine.ls_wR_factor_R_free                      ? 
_refine.ls_wR_factor_R_work                      ? 
_refine.occupancy_max                            ? 
_refine.occupancy_min                            ? 
_refine.solvent_model_details                    'FLAT BULK SOLVENT MODEL' 
_refine.solvent_model_param_bsol                 ? 
_refine.solvent_model_param_ksol                 ? 
_refine.pdbx_R_complete                          ? 
_refine.ls_R_factor_gt                           ? 
_refine.ls_goodness_of_fit_gt                    ? 
_refine.ls_goodness_of_fit_ref                   ? 
_refine.ls_shift_over_su_max                     ? 
_refine.ls_shift_over_su_max_lt                  ? 
_refine.ls_shift_over_su_mean                    ? 
_refine.ls_shift_over_su_mean_lt                 ? 
_refine.pdbx_ls_sigma_I                          ? 
_refine.pdbx_ls_sigma_F                          1.990 
_refine.pdbx_ls_sigma_Fsqd                       ? 
_refine.pdbx_data_cutoff_high_absF               ? 
_refine.pdbx_data_cutoff_high_rms_absF           ? 
_refine.pdbx_data_cutoff_low_absF                ? 
_refine.pdbx_isotropic_thermal_model             ? 
_refine.pdbx_ls_cross_valid_method               THROUGHOUT 
_refine.pdbx_method_to_determine_struct          'MOLECULAR REPLACEMENT' 
_refine.pdbx_starting_model                      5VY6 
_refine.pdbx_stereochemistry_target_values       ML 
_refine.pdbx_R_Free_selection_details            ? 
_refine.pdbx_stereochem_target_val_spec_case     ? 
_refine.pdbx_overall_ESU_R                       ? 
_refine.pdbx_overall_ESU_R_Free                  ? 
_refine.pdbx_solvent_vdw_probe_radii             1.1100 
_refine.pdbx_solvent_ion_probe_radii             ? 
_refine.pdbx_solvent_shrinkage_radii             0.9000 
_refine.pdbx_real_space_R                        ? 
_refine.pdbx_density_correlation                 ? 
_refine.pdbx_pd_number_of_powder_patterns        ? 
_refine.pdbx_pd_number_of_points                 ? 
_refine.pdbx_pd_meas_number_of_points            ? 
_refine.pdbx_pd_proc_ls_prof_R_factor            ? 
_refine.pdbx_pd_proc_ls_prof_wR_factor           ? 
_refine.pdbx_pd_Marquardt_correlation_coeff      ? 
_refine.pdbx_pd_Fsqrd_R_factor                   ? 
_refine.pdbx_pd_ls_matrix_band_width             ? 
_refine.pdbx_overall_phase_error                 32.3600 
_refine.pdbx_overall_SU_R_free_Cruickshank_DPI   ? 
_refine.pdbx_overall_SU_R_free_Blow_DPI          ? 
_refine.pdbx_overall_SU_R_Blow_DPI               ? 
_refine.pdbx_TLS_residual_ADP_flag               ? 
_refine.pdbx_diffrn_id                           1 
_refine.overall_SU_B                             ? 
_refine.overall_SU_ML                            0.2900 
_refine.overall_SU_R_Cruickshank_DPI             ? 
_refine.overall_SU_R_free                        ? 
_refine.overall_FOM_free_R_set                   ? 
_refine.overall_FOM_work_R_set                   ? 
_refine.pdbx_average_fsc_overall                 ? 
_refine.pdbx_average_fsc_work                    ? 
_refine.pdbx_average_fsc_free                    ? 
# 
_refine_hist.pdbx_refine_id                   'X-RAY DIFFRACTION' 
_refine_hist.cycle_id                         final 
_refine_hist.details                          ? 
_refine_hist.d_res_high                       2.9090 
_refine_hist.d_res_low                        35.5220 
_refine_hist.number_atoms_solvent             0 
_refine_hist.number_atoms_total               857 
_refine_hist.number_reflns_all                ? 
_refine_hist.number_reflns_obs                ? 
_refine_hist.number_reflns_R_free             ? 
_refine_hist.number_reflns_R_work             ? 
_refine_hist.R_factor_all                     ? 
_refine_hist.R_factor_obs                     ? 
_refine_hist.R_factor_R_free                  ? 
_refine_hist.R_factor_R_work                  ? 
_refine_hist.pdbx_number_residues_total       42 
_refine_hist.pdbx_B_iso_mean_ligand           159.14 
_refine_hist.pdbx_B_iso_mean_solvent          ? 
_refine_hist.pdbx_number_atoms_protein        0 
_refine_hist.pdbx_number_atoms_nucleic_acid   855 
_refine_hist.pdbx_number_atoms_ligand         2 
_refine_hist.pdbx_number_atoms_lipid          ? 
_refine_hist.pdbx_number_atoms_carb           ? 
_refine_hist.pdbx_pseudo_atom_details         ? 
# 
loop_
_refine_ls_restr.pdbx_refine_id 
_refine_ls_restr.criterion 
_refine_ls_restr.dev_ideal 
_refine_ls_restr.dev_ideal_target 
_refine_ls_restr.number 
_refine_ls_restr.rejects 
_refine_ls_restr.type 
_refine_ls_restr.weight 
_refine_ls_restr.pdbx_restraint_function 
'X-RAY DIFFRACTION' ? 0.006  ? 956  ? f_bond_d           ? ? 
'X-RAY DIFFRACTION' ? 0.825  ? 1467 ? f_angle_d          ? ? 
'X-RAY DIFFRACTION' ? 0.046  ? 166  ? f_chiral_restr     ? ? 
'X-RAY DIFFRACTION' ? 0.004  ? 42   ? f_plane_restr      ? ? 
'X-RAY DIFFRACTION' ? 33.719 ? 406  ? f_dihedral_angle_d ? ? 
# 
loop_
_refine_ls_shell.pdbx_refine_id 
_refine_ls_shell.d_res_high 
_refine_ls_shell.d_res_low 
_refine_ls_shell.number_reflns_all 
_refine_ls_shell.number_reflns_obs 
_refine_ls_shell.number_reflns_R_free 
_refine_ls_shell.number_reflns_R_work 
_refine_ls_shell.percent_reflns_obs 
_refine_ls_shell.percent_reflns_R_free 
_refine_ls_shell.R_factor_all 
_refine_ls_shell.R_factor_obs 
_refine_ls_shell.R_factor_R_free 
_refine_ls_shell.R_factor_R_free_error 
_refine_ls_shell.R_factor_R_work 
_refine_ls_shell.redundancy_reflns_all 
_refine_ls_shell.redundancy_reflns_obs 
_refine_ls_shell.wR_factor_all 
_refine_ls_shell.wR_factor_obs 
_refine_ls_shell.wR_factor_R_free 
_refine_ls_shell.wR_factor_R_work 
_refine_ls_shell.pdbx_R_complete 
_refine_ls_shell.pdbx_total_number_of_bins_used 
_refine_ls_shell.pdbx_phase_error 
_refine_ls_shell.pdbx_fsc_work 
_refine_ls_shell.pdbx_fsc_free 
'X-RAY DIFFRACTION' 2.909  3.6641 . . 128 2390 93.0000 . . . 0.3508 0.0000 0.3277 . . . . . . . . . . . 
'X-RAY DIFFRACTION' 3.6641 35.522 . . 135 2545 99.0000 . . . 0.2039 0.0000 0.1993 . . . . . . . . . . . 
# 
_struct.entry_id                     7JLF 
_struct.title                        
;Self-assembly of a 3D DNA crystal lattice (4x6 scramble duplex version) containing the J24 immobile Holliday junction with R3 symmetry
;
_struct.pdbx_model_details           ? 
_struct.pdbx_formula_weight          ? 
_struct.pdbx_formula_weight_method   ? 
_struct.pdbx_model_type_details      ? 
_struct.pdbx_CASP_flag               N 
# 
_struct_keywords.entry_id        7JLF 
_struct_keywords.text            
'Structural DNA nanotechnology, immobile Holliday junctions, 3D DNA self-assembly, designer DNA crystals, DNA' 
_struct_keywords.pdbx_keywords   DNA 
# 
loop_
_struct_asym.id 
_struct_asym.pdbx_blank_PDB_chainid_flag 
_struct_asym.pdbx_modified 
_struct_asym.entity_id 
_struct_asym.details 
A N N 1 ? 
B N N 2 ? 
C N N 3 ? 
D N N 4 ? 
E N N 5 ? 
F N N 5 ? 
# 
loop_
_struct_conn.id 
_struct_conn.conn_type_id 
_struct_conn.pdbx_leaving_atom_flag 
_struct_conn.pdbx_PDB_id 
_struct_conn.ptnr1_label_asym_id 
_struct_conn.ptnr1_label_comp_id 
_struct_conn.ptnr1_label_seq_id 
_struct_conn.ptnr1_label_atom_id 
_struct_conn.pdbx_ptnr1_label_alt_id 
_struct_conn.pdbx_ptnr1_PDB_ins_code 
_struct_conn.pdbx_ptnr1_standard_comp_id 
_struct_conn.ptnr1_symmetry 
_struct_conn.ptnr2_label_asym_id 
_struct_conn.ptnr2_label_comp_id 
_struct_conn.ptnr2_label_seq_id 
_struct_conn.ptnr2_label_atom_id 
_struct_conn.pdbx_ptnr2_label_alt_id 
_struct_conn.pdbx_ptnr2_PDB_ins_code 
_struct_conn.ptnr1_auth_asym_id 
_struct_conn.ptnr1_auth_comp_id 
_struct_conn.ptnr1_auth_seq_id 
_struct_conn.ptnr2_auth_asym_id 
_struct_conn.ptnr2_auth_comp_id 
_struct_conn.ptnr2_auth_seq_id 
_struct_conn.ptnr2_symmetry 
_struct_conn.pdbx_ptnr3_label_atom_id 
_struct_conn.pdbx_ptnr3_label_seq_id 
_struct_conn.pdbx_ptnr3_label_comp_id 
_struct_conn.pdbx_ptnr3_label_asym_id 
_struct_conn.pdbx_ptnr3_label_alt_id 
_struct_conn.pdbx_ptnr3_PDB_ins_code 
_struct_conn.details 
_struct_conn.pdbx_dist_value 
_struct_conn.pdbx_value_order 
_struct_conn.pdbx_role 
hydrog1  hydrog ? ? A DA 3  N1 ? ? ? 1_555 C DT 7 N3 ? ? B DA 9  D DT 42 1_555 ? ? ? ? ? ? 'DA-DT PAIR' ? ? ? 
hydrog2  hydrog ? ? A DC 4  N3 ? ? ? 1_555 C DG 6 N1 ? ? B DC 10 D DG 41 1_555 ? ? ? ? ? ? WATSON-CRICK ? ? ? 
hydrog3  hydrog ? ? A DC 4  N4 ? ? ? 1_555 C DG 6 O6 ? ? B DC 10 D DG 41 1_555 ? ? ? ? ? ? WATSON-CRICK ? ? ? 
hydrog4  hydrog ? ? A DC 4  O2 ? ? ? 1_555 C DG 6 N2 ? ? B DC 10 D DG 41 1_555 ? ? ? ? ? ? WATSON-CRICK ? ? ? 
hydrog5  hydrog ? ? A DG 5  N1 ? ? ? 1_555 C DC 5 N3 ? ? B DG 11 D DC 40 1_555 ? ? ? ? ? ? WATSON-CRICK ? ? ? 
hydrog6  hydrog ? ? A DG 5  N2 ? ? ? 1_555 C DC 5 O2 ? ? B DG 11 D DC 40 1_555 ? ? ? ? ? ? WATSON-CRICK ? ? ? 
hydrog7  hydrog ? ? A DG 5  O6 ? ? ? 1_555 C DC 5 N4 ? ? B DG 11 D DC 40 1_555 ? ? ? ? ? ? WATSON-CRICK ? ? ? 
hydrog8  hydrog ? ? A DA 6  N1 ? ? ? 1_555 C DT 4 N3 ? ? B DA 12 D DT 39 1_555 ? ? ? ? ? ? WATSON-CRICK ? ? ? 
hydrog9  hydrog ? ? A DA 6  N6 ? ? ? 1_555 C DT 4 O4 ? ? B DA 12 D DT 39 1_555 ? ? ? ? ? ? WATSON-CRICK ? ? ? 
hydrog10 hydrog ? ? A DC 7  N3 ? ? ? 1_555 C DG 3 N1 ? ? B DC 13 D DG 38 1_555 ? ? ? ? ? ? WATSON-CRICK ? ? ? 
hydrog11 hydrog ? ? A DC 7  N4 ? ? ? 1_555 C DG 3 O6 ? ? B DC 13 D DG 38 1_555 ? ? ? ? ? ? WATSON-CRICK ? ? ? 
hydrog12 hydrog ? ? A DC 7  O2 ? ? ? 1_555 C DG 3 N2 ? ? B DC 13 D DG 38 1_555 ? ? ? ? ? ? WATSON-CRICK ? ? ? 
hydrog13 hydrog ? ? A DA 8  N1 ? ? ? 1_555 C DT 2 N3 ? ? B DA 14 D DT 37 1_555 ? ? ? ? ? ? WATSON-CRICK ? ? ? 
hydrog14 hydrog ? ? A DA 8  N6 ? ? ? 1_555 C DT 2 O4 ? ? B DA 14 D DT 37 1_555 ? ? ? ? ? ? WATSON-CRICK ? ? ? 
hydrog15 hydrog ? ? A DC 9  N3 ? ? ? 1_555 C DG 1 N1 ? ? B DC 15 D DG 36 1_555 ? ? ? ? ? ? WATSON-CRICK ? ? ? 
hydrog16 hydrog ? ? A DC 9  N4 ? ? ? 1_555 C DG 1 O6 ? ? B DC 15 D DG 36 1_555 ? ? ? ? ? ? WATSON-CRICK ? ? ? 
hydrog17 hydrog ? ? A DC 9  O2 ? ? ? 1_555 C DG 1 N2 ? ? B DC 15 D DG 36 1_555 ? ? ? ? ? ? WATSON-CRICK ? ? ? 
hydrog18 hydrog ? ? A DA 10 N1 ? ? ? 1_555 D DT 6 N3 ? ? B DA 16 A DT 6  1_555 ? ? ? ? ? ? WATSON-CRICK ? ? ? 
hydrog19 hydrog ? ? A DA 10 N6 ? ? ? 1_555 D DT 6 O4 ? ? B DA 16 A DT 6  1_555 ? ? ? ? ? ? WATSON-CRICK ? ? ? 
hydrog20 hydrog ? ? A DG 11 N1 ? ? ? 1_555 D DC 5 N3 ? ? B DG 17 A DC 5  1_555 ? ? ? ? ? ? WATSON-CRICK ? ? ? 
hydrog21 hydrog ? ? A DG 11 N2 ? ? ? 1_555 D DC 5 O2 ? ? B DG 17 A DC 5  1_555 ? ? ? ? ? ? WATSON-CRICK ? ? ? 
hydrog22 hydrog ? ? A DG 11 O6 ? ? ? 1_555 D DC 5 N4 ? ? B DG 17 A DC 5  1_555 ? ? ? ? ? ? WATSON-CRICK ? ? ? 
hydrog23 hydrog ? ? A DA 12 N1 ? ? ? 1_555 D DT 4 N3 ? ? B DA 18 A DT 4  1_555 ? ? ? ? ? ? WATSON-CRICK ? ? ? 
hydrog24 hydrog ? ? A DA 12 N6 ? ? ? 1_555 D DT 4 O4 ? ? B DA 18 A DT 4  1_555 ? ? ? ? ? ? WATSON-CRICK ? ? ? 
hydrog25 hydrog ? ? A DC 13 N3 ? ? ? 1_555 D DG 3 N1 ? ? B DC 19 A DG 3  1_555 ? ? ? ? ? ? WATSON-CRICK ? ? ? 
hydrog26 hydrog ? ? A DC 13 N4 ? ? ? 1_555 D DG 3 O6 ? ? B DC 19 A DG 3  1_555 ? ? ? ? ? ? WATSON-CRICK ? ? ? 
hydrog27 hydrog ? ? A DC 13 O2 ? ? ? 1_555 D DG 3 N2 ? ? B DC 19 A DG 3  1_555 ? ? ? ? ? ? WATSON-CRICK ? ? ? 
hydrog28 hydrog ? ? A DG 14 N1 ? ? ? 1_555 D DC 2 N3 ? ? B DG 20 A DC 2  1_555 ? ? ? ? ? ? WATSON-CRICK ? ? ? 
hydrog29 hydrog ? ? A DG 14 N2 ? ? ? 1_555 D DC 2 O2 ? ? B DG 20 A DC 2  1_555 ? ? ? ? ? ? WATSON-CRICK ? ? ? 
hydrog30 hydrog ? ? A DG 14 O6 ? ? ? 1_555 D DC 2 N4 ? ? B DG 20 A DC 2  1_555 ? ? ? ? ? ? WATSON-CRICK ? ? ? 
hydrog31 hydrog ? ? A DT 15 N3 ? ? ? 1_555 D DA 1 N1 ? ? B DT 21 A DA 1  1_555 ? ? ? ? ? ? WATSON-CRICK ? ? ? 
hydrog32 hydrog ? ? A DT 15 O4 ? ? ? 1_555 D DA 1 N6 ? ? B DT 21 A DA 1  1_555 ? ? ? ? ? ? WATSON-CRICK ? ? ? 
hydrog33 hydrog ? ? A DC 16 N3 ? ? ? 1_555 B DG 8 N1 ? ? B DC 22 C DG 35 1_555 ? ? ? ? ? ? WATSON-CRICK ? ? ? 
hydrog34 hydrog ? ? A DC 16 N4 ? ? ? 1_555 B DG 8 O6 ? ? B DC 22 C DG 35 1_555 ? ? ? ? ? ? WATSON-CRICK ? ? ? 
hydrog35 hydrog ? ? A DC 16 O2 ? ? ? 1_555 B DG 8 N2 ? ? B DC 22 C DG 35 1_555 ? ? ? ? ? ? WATSON-CRICK ? ? ? 
hydrog36 hydrog ? ? A DG 17 N1 ? ? ? 1_555 B DC 7 N3 ? ? B DG 23 C DC 34 1_555 ? ? ? ? ? ? WATSON-CRICK ? ? ? 
hydrog37 hydrog ? ? A DG 17 N2 ? ? ? 1_555 B DC 7 O2 ? ? B DG 23 C DC 34 1_555 ? ? ? ? ? ? WATSON-CRICK ? ? ? 
hydrog38 hydrog ? ? A DG 17 O6 ? ? ? 1_555 B DC 7 N4 ? ? B DG 23 C DC 34 1_555 ? ? ? ? ? ? WATSON-CRICK ? ? ? 
hydrog39 hydrog ? ? A DA 18 N1 ? ? ? 1_555 B DT 6 N3 ? ? B DA 24 C DT 33 1_555 ? ? ? ? ? ? WATSON-CRICK ? ? ? 
hydrog40 hydrog ? ? A DA 18 N6 ? ? ? 1_555 B DT 6 O4 ? ? B DA 24 C DT 33 1_555 ? ? ? ? ? ? WATSON-CRICK ? ? ? 
hydrog41 hydrog ? ? A DC 19 N3 ? ? ? 1_555 B DG 5 N1 ? ? B DC 25 C DG 32 1_555 ? ? ? ? ? ? WATSON-CRICK ? ? ? 
hydrog42 hydrog ? ? A DC 19 N4 ? ? ? 1_555 B DG 5 O6 ? ? B DC 25 C DG 32 1_555 ? ? ? ? ? ? WATSON-CRICK ? ? ? 
hydrog43 hydrog ? ? A DC 19 O2 ? ? ? 1_555 B DG 5 N2 ? ? B DC 25 C DG 32 1_555 ? ? ? ? ? ? WATSON-CRICK ? ? ? 
hydrog44 hydrog ? ? A DT 20 N3 ? ? ? 1_555 B DA 4 N1 ? ? B DT 26 C DA 31 1_555 ? ? ? ? ? ? WATSON-CRICK ? ? ? 
hydrog45 hydrog ? ? A DT 20 O4 ? ? ? 1_555 B DA 4 N6 ? ? B DT 26 C DA 31 1_555 ? ? ? ? ? ? WATSON-CRICK ? ? ? 
hydrog46 hydrog ? ? A DC 21 N3 ? ? ? 1_555 B DG 3 N1 ? ? B DC 27 C DG 30 1_555 ? ? ? ? ? ? WATSON-CRICK ? ? ? 
hydrog47 hydrog ? ? A DC 21 N4 ? ? ? 1_555 B DG 3 O6 ? ? B DC 27 C DG 30 1_555 ? ? ? ? ? ? WATSON-CRICK ? ? ? 
hydrog48 hydrog ? ? A DC 21 O2 ? ? ? 1_555 B DG 3 N2 ? ? B DC 27 C DG 30 1_555 ? ? ? ? ? ? WATSON-CRICK ? ? ? 
# 
_struct_conn_type.id          hydrog 
_struct_conn_type.criteria    ? 
_struct_conn_type.reference   ? 
# 
_atom_sites.entry_id                    7JLF 
_atom_sites.Cartn_transf_matrix[1][1]   ? 
_atom_sites.Cartn_transf_matrix[1][2]   ? 
_atom_sites.Cartn_transf_matrix[1][3]   ? 
_atom_sites.Cartn_transf_matrix[2][1]   ? 
_atom_sites.Cartn_transf_matrix[2][2]   ? 
_atom_sites.Cartn_transf_matrix[2][3]   ? 
_atom_sites.Cartn_transf_matrix[3][1]   ? 
_atom_sites.Cartn_transf_matrix[3][2]   ? 
_atom_sites.Cartn_transf_matrix[3][3]   ? 
_atom_sites.Cartn_transf_vector[1]      ? 
_atom_sites.Cartn_transf_vector[2]      ? 
_atom_sites.Cartn_transf_vector[3]      ? 
_atom_sites.fract_transf_matrix[1][1]   -0.00108390 
_atom_sites.fract_transf_matrix[1][2]   0.00248916 
_atom_sites.fract_transf_matrix[1][3]   0.00988928 
_atom_sites.fract_transf_matrix[2][1]   0.00486529 
_atom_sites.fract_transf_matrix[2][2]   -0.00542411 
_atom_sites.fract_transf_matrix[2][3]   0.00721616 
_atom_sites.fract_transf_matrix[3][1]   0.01516026 
_atom_sites.fract_transf_matrix[3][2]   0.01184314 
_atom_sites.fract_transf_matrix[3][3]   -0.00131934 
_atom_sites.fract_transf_vector[1]      0.260486 
_atom_sites.fract_transf_vector[2]      1.009398 
_atom_sites.fract_transf_vector[3]      -0.211424 
_atom_sites.solution_primary            ? 
_atom_sites.solution_secondary          ? 
_atom_sites.solution_hydrogens          ? 
_atom_sites.special_details             ? 
# 
loop_
_atom_type.symbol 
AS 
C  
H  
N  
O  
P  
# 
loop_
_atom_site.group_PDB 
_atom_site.id 
_atom_site.type_symbol 
_atom_site.label_atom_id 
_atom_site.label_alt_id 
_atom_site.label_comp_id 
_atom_site.label_asym_id 
_atom_site.label_entity_id 
_atom_site.label_seq_id 
_atom_site.pdbx_PDB_ins_code 
_atom_site.Cartn_x 
_atom_site.Cartn_y 
_atom_site.Cartn_z 
_atom_site.occupancy 
_atom_site.B_iso_or_equiv 
_atom_site.pdbx_formal_charge 
_atom_site.auth_seq_id 
_atom_site.auth_comp_id 
_atom_site.auth_asym_id 
_atom_site.auth_atom_id 
_atom_site.pdbx_PDB_model_num 
ATOM   1    O  "O5'"  . DG  A 1 1  ? 1.069   -20.429 27.131  1.00 134.71 ? 7   DG  B "O5'"  1 
ATOM   2    C  "C5'"  . DG  A 1 1  ? 1.241   -20.629 28.532  1.00 127.01 ? 7   DG  B "C5'"  1 
ATOM   3    C  "C4'"  . DG  A 1 1  ? 2.714   -20.640 28.901  1.00 123.07 ? 7   DG  B "C4'"  1 
ATOM   4    O  "O4'"  . DG  A 1 1  ? 3.334   -21.841 28.376  1.00 112.79 ? 7   DG  B "O4'"  1 
ATOM   5    C  "C3'"  . DG  A 1 1  ? 3.514   -19.467 28.331  1.00 127.76 ? 7   DG  B "C3'"  1 
ATOM   6    O  "O3'"  . DG  A 1 1  ? 3.917   -18.571 29.359  1.00 134.53 ? 7   DG  B "O3'"  1 
ATOM   7    C  "C2'"  . DG  A 1 1  ? 4.712   -20.111 27.627  1.00 117.13 ? 7   DG  B "C2'"  1 
ATOM   8    C  "C1'"  . DG  A 1 1  ? 4.673   -21.562 28.060  1.00 103.49 ? 7   DG  B "C1'"  1 
ATOM   9    N  N9     . DG  A 1 1  ? 5.126   -22.489 27.024  1.00 101.16 ? 7   DG  B N9     1 
ATOM   10   C  C8     . DG  A 1 1  ? 4.346   -23.335 26.270  1.00 104.85 ? 7   DG  B C8     1 
ATOM   11   N  N7     . DG  A 1 1  ? 5.029   -24.050 25.419  1.00 93.70  ? 7   DG  B N7     1 
ATOM   12   C  C5     . DG  A 1 1  ? 6.345   -23.649 25.615  1.00 95.36  ? 7   DG  B C5     1 
ATOM   13   C  C6     . DG  A 1 1  ? 7.532   -24.077 24.973  1.00 92.98  ? 7   DG  B C6     1 
ATOM   14   O  O6     . DG  A 1 1  ? 7.658   -24.923 24.076  1.00 94.18  ? 7   DG  B O6     1 
ATOM   15   N  N1     . DG  A 1 1  ? 8.655   -23.416 25.468  1.00 91.53  ? 7   DG  B N1     1 
ATOM   16   C  C2     . DG  A 1 1  ? 8.635   -22.463 26.459  1.00 92.05  ? 7   DG  B C2     1 
ATOM   17   N  N2     . DG  A 1 1  ? 9.823   -21.939 26.802  1.00 92.02  ? 7   DG  B N2     1 
ATOM   18   N  N3     . DG  A 1 1  ? 7.528   -22.052 27.070  1.00 93.75  ? 7   DG  B N3     1 
ATOM   19   C  C4     . DG  A 1 1  ? 6.423   -22.687 26.598  1.00 94.49  ? 7   DG  B C4     1 
ATOM   20   H  "H5'"  . DG  A 1 1  ? 0.842   -21.477 28.785  1.00 152.42 ? 7   DG  B "H5'"  1 
ATOM   21   H  "H5''" . DG  A 1 1  ? 0.797   -19.913 29.013  1.00 152.42 ? 7   DG  B "H5''" 1 
ATOM   22   H  "H4'"  . DG  A 1 1  ? 2.797   -20.639 29.867  1.00 147.70 ? 7   DG  B "H4'"  1 
ATOM   23   H  "H3'"  . DG  A 1 1  ? 2.974   -18.993 27.679  1.00 153.32 ? 7   DG  B "H3'"  1 
ATOM   24   H  "H2'"  . DG  A 1 1  ? 4.616   -20.043 26.664  1.00 140.56 ? 7   DG  B "H2'"  1 
ATOM   25   H  "H2''" . DG  A 1 1  ? 5.539   -19.694 27.917  1.00 140.56 ? 7   DG  B "H2''" 1 
ATOM   26   H  "H1'"  . DG  A 1 1  ? 5.220   -21.675 28.853  1.00 124.19 ? 7   DG  B "H1'"  1 
ATOM   27   H  H8     . DG  A 1 1  ? 3.423   -23.397 26.365  1.00 125.83 ? 7   DG  B H8     1 
ATOM   28   H  H1     . DG  A 1 1  ? 9.418   -23.622 25.130  1.00 109.85 ? 7   DG  B H1     1 
ATOM   29   H  H21    . DG  A 1 1  ? 9.866   -21.339 27.417  1.00 110.43 ? 7   DG  B H21    1 
ATOM   30   H  H22    . DG  A 1 1  ? 10.539  -22.204 26.409  1.00 110.43 ? 7   DG  B H22    1 
ATOM   31   H  "HO5'" . DG  A 1 1  ? 0.315   -20.546 26.778  1.00 161.66 ? 7   DG  B "HO5'" 1 
ATOM   32   P  P      . DA  A 1 2  ? 4.234   -17.034 29.004  1.00 139.29 ? 8   DA  B P      1 
ATOM   33   O  OP1    . DA  A 1 2  ? 4.182   -16.258 30.264  1.00 131.23 ? 8   DA  B OP1    1 
ATOM   34   O  OP2    . DA  A 1 2  ? 3.365   -16.649 27.869  1.00 130.71 ? 8   DA  B OP2    1 
ATOM   35   O  "O5'"  . DA  A 1 2  ? 5.742   -17.063 28.471  1.00 116.85 ? 8   DA  B "O5'"  1 
ATOM   36   C  "C5'"  . DA  A 1 2  ? 6.329   -15.881 27.932  1.00 122.34 ? 8   DA  B "C5'"  1 
ATOM   37   C  "C4'"  . DA  A 1 2  ? 7.844   -15.936 28.020  1.00 119.83 ? 8   DA  B "C4'"  1 
ATOM   38   O  "O4'"  . DA  A 1 2  ? 8.300   -17.282 27.740  1.00 105.97 ? 8   DA  B "O4'"  1 
ATOM   39   C  "C3'"  . DA  A 1 2  ? 8.574   -15.041 27.032  1.00 117.04 ? 8   DA  B "C3'"  1 
ATOM   40   O  "O3'"  . DA  A 1 2  ? 9.774   -14.518 27.608  1.00 119.97 ? 8   DA  B "O3'"  1 
ATOM   41   C  "C2'"  . DA  A 1 2  ? 8.838   -15.961 25.834  1.00 114.08 ? 8   DA  B "C2'"  1 
ATOM   42   C  "C1'"  . DA  A 1 2  ? 8.778   -17.378 26.409  1.00 113.69 ? 8   DA  B "C1'"  1 
ATOM   43   N  N9     . DA  A 1 2  ? 7.891   -18.277 25.664  1.00 107.93 ? 8   DA  B N9     1 
ATOM   44   C  C8     . DA  A 1 2  ? 6.530   -18.318 25.734  1.00 109.76 ? 8   DA  B C8     1 
ATOM   45   N  N7     . DA  A 1 2  ? 5.984   -19.225 24.959  1.00 104.79 ? 8   DA  B N7     1 
ATOM   46   C  C5     . DA  A 1 2  ? 7.059   -19.828 24.338  1.00 101.18 ? 8   DA  B C5     1 
ATOM   47   C  C6     . DA  A 1 2  ? 7.141   -20.871 23.394  1.00 103.98 ? 8   DA  B C6     1 
ATOM   48   N  N6     . DA  A 1 2  ? 6.070   -21.508 22.904  1.00 106.33 ? 8   DA  B N6     1 
ATOM   49   N  N1     . DA  A 1 2  ? 8.369   -21.233 22.970  1.00 96.74  ? 8   DA  B N1     1 
ATOM   50   C  C2     . DA  A 1 2  ? 9.437   -20.590 23.463  1.00 100.04 ? 8   DA  B C2     1 
ATOM   51   N  N3     . DA  A 1 2  ? 9.485   -19.594 24.354  1.00 100.17 ? 8   DA  B N3     1 
ATOM   52   C  C4     . DA  A 1 2  ? 8.249   -19.257 24.756  1.00 100.64 ? 8   DA  B C4     1 
ATOM   53   H  "H5'"  . DA  A 1 2  ? 6.009   -15.112 28.430  1.00 146.82 ? 8   DA  B "H5'"  1 
ATOM   54   H  "H5''" . DA  A 1 2  ? 6.067   -15.790 27.003  1.00 146.82 ? 8   DA  B "H5''" 1 
ATOM   55   H  "H4'"  . DA  A 1 2  ? 8.114   -15.695 28.920  1.00 143.80 ? 8   DA  B "H4'"  1 
ATOM   56   H  "H3'"  . DA  A 1 2  ? 7.994   -14.312 26.762  1.00 140.45 ? 8   DA  B "H3'"  1 
ATOM   57   H  "H2'"  . DA  A 1 2  ? 8.153   -15.841 25.159  1.00 136.90 ? 8   DA  B "H2'"  1 
ATOM   58   H  "H2''" . DA  A 1 2  ? 9.716   -15.784 25.462  1.00 136.90 ? 8   DA  B "H2''" 1 
ATOM   59   H  "H1'"  . DA  A 1 2  ? 9.672   -17.753 26.420  1.00 136.44 ? 8   DA  B "H1'"  1 
ATOM   60   H  H8     . DA  A 1 2  ? 6.033   -17.755 26.283  1.00 131.72 ? 8   DA  B H8     1 
ATOM   61   H  H61    . DA  A 1 2  ? 6.169   -22.139 22.329  1.00 127.61 ? 8   DA  B H61    1 
ATOM   62   H  H62    . DA  A 1 2  ? 5.281   -21.286 23.165  1.00 127.61 ? 8   DA  B H62    1 
ATOM   63   H  H2     . DA  A 1 2  ? 10.261  -20.876 23.139  1.00 120.05 ? 8   DA  B H2     1 
ATOM   64   P  P      . DA  A 1 3  ? 10.835  -13.724 26.699  1.00 139.73 ? 9   DA  B P      1 
ATOM   65   O  OP1    . DA  A 1 3  ? 11.665  -12.876 27.585  1.00 146.12 ? 9   DA  B OP1    1 
ATOM   66   O  OP2    . DA  A 1 3  ? 10.081  -13.098 25.589  1.00 126.47 ? 9   DA  B OP2    1 
ATOM   67   O  "O5'"  . DA  A 1 3  ? 11.736  -14.894 26.085  1.00 132.32 ? 9   DA  B "O5'"  1 
ATOM   68   C  "C5'"  . DA  A 1 3  ? 13.056  -14.631 25.644  1.00 128.62 ? 9   DA  B "C5'"  1 
ATOM   69   C  "C4'"  . DA  A 1 3  ? 13.221  -14.980 24.175  1.00 124.09 ? 9   DA  B "C4'"  1 
ATOM   70   O  "O4'"  . DA  A 1 3  ? 12.416  -16.136 23.846  1.00 115.77 ? 9   DA  B "O4'"  1 
ATOM   71   C  "C3'"  . DA  A 1 3  ? 12.748  -13.910 23.209  1.00 118.61 ? 9   DA  B "C3'"  1 
ATOM   72   O  "O3'"  . DA  A 1 3  ? 13.764  -12.876 22.993  1.00 122.26 ? 9   DA  B "O3'"  1 
ATOM   73   C  "C2'"  . DA  A 1 3  ? 12.389  -14.709 21.946  1.00 108.14 ? 9   DA  B "C2'"  1 
ATOM   74   C  "C1'"  . DA  A 1 3  ? 12.166  -16.145 22.450  1.00 106.71 ? 9   DA  B "C1'"  1 
ATOM   75   N  N9     . DA  A 1 3  ? 10.808  -16.657 22.221  1.00 101.88 ? 9   DA  B N9     1 
ATOM   76   C  C8     . DA  A 1 3  ? 9.656   -16.212 22.807  1.00 106.35 ? 9   DA  B C8     1 
ATOM   77   N  N7     . DA  A 1 3  ? 8.579   -16.856 22.422  1.00 99.67  ? 9   DA  B N7     1 
ATOM   78   C  C5     . DA  A 1 3  ? 9.050   -17.789 21.517  1.00 90.46  ? 9   DA  B C5     1 
ATOM   79   C  C6     . DA  A 1 3  ? 8.401   -18.781 20.751  1.00 90.65  ? 9   DA  B C6     1 
ATOM   80   N  N6     . DA  A 1 3  ? 7.079   -18.993 20.782  1.00 92.47  ? 9   DA  B N6     1 
ATOM   81   N  N1     . DA  A 1 3  ? 9.164   -19.546 19.945  1.00 91.87  ? 9   DA  B N1     1 
ATOM   82   C  C2     . DA  A 1 3  ? 10.485  -19.332 19.913  1.00 95.60  ? 9   DA  B C2     1 
ATOM   83   N  N3     . DA  A 1 3  ? 11.209  -18.432 20.586  1.00 100.09 ? 9   DA  B N3     1 
ATOM   84   C  C4     . DA  A 1 3  ? 10.425  -17.685 21.379  1.00 94.37  ? 9   DA  B C4     1 
ATOM   85   H  "H5'"  . DA  A 1 3  ? 13.678  -15.159 26.168  1.00 154.35 ? 9   DA  B "H5'"  1 
ATOM   86   H  "H5''" . DA  A 1 3  ? 13.252  -13.689 25.771  1.00 154.35 ? 9   DA  B "H5''" 1 
ATOM   87   H  "H4'"  . DA  A 1 3  ? 14.153  -15.180 23.997  1.00 148.92 ? 9   DA  B "H4'"  1 
ATOM   88   H  "H3'"  . DA  A 1 3  ? 11.945  -13.497 23.561  1.00 142.34 ? 9   DA  B "H3'"  1 
ATOM   89   H  "H2'"  . DA  A 1 3  ? 11.577  -14.361 21.544  1.00 129.78 ? 9   DA  B "H2'"  1 
ATOM   90   H  "H2''" . DA  A 1 3  ? 13.121  -14.683 21.309  1.00 129.78 ? 9   DA  B "H2''" 1 
ATOM   91   H  "H1'"  . DA  A 1 3  ? 12.803  -16.735 22.019  1.00 128.06 ? 9   DA  B "H1'"  1 
ATOM   92   H  H8     . DA  A 1 3  ? 9.638   -15.518 23.425  1.00 127.63 ? 9   DA  B H8     1 
ATOM   93   H  H61    . DA  A 1 3  ? 6.730   -19.610 20.294  1.00 110.98 ? 9   DA  B H61    1 
ATOM   94   H  H62    . DA  A 1 3  ? 6.578   -18.513 21.291  1.00 110.98 ? 9   DA  B H62    1 
ATOM   95   H  H2     . DA  A 1 3  ? 10.967  -19.886 19.343  1.00 114.73 ? 9   DA  B H2     1 
ATOM   96   P  P      . DC  A 1 4  ? 15.245  -13.189 22.435  1.00 130.80 ? 10  DC  B P      1 
ATOM   97   O  OP1    . DC  A 1 4  ? 15.882  -14.311 23.152  1.00 133.75 ? 10  DC  B OP1    1 
ATOM   98   O  OP2    . DC  A 1 4  ? 15.942  -11.885 22.433  1.00 134.13 ? 10  DC  B OP2    1 
ATOM   99   O  "O5'"  . DC  A 1 4  ? 15.010  -13.644 20.924  1.00 115.08 ? 10  DC  B "O5'"  1 
ATOM   100  C  "C5'"  . DC  A 1 4  ? 15.952  -14.499 20.288  1.00 121.68 ? 10  DC  B "C5'"  1 
ATOM   101  C  "C4'"  . DC  A 1 4  ? 15.434  -14.973 18.943  1.00 123.13 ? 10  DC  B "C4'"  1 
ATOM   102  O  "O4'"  . DC  A 1 4  ? 14.287  -15.834 19.119  1.00 116.94 ? 10  DC  B "O4'"  1 
ATOM   103  C  "C3'"  . DC  A 1 4  ? 14.913  -13.879 18.031  1.00 124.84 ? 10  DC  B "C3'"  1 
ATOM   104  O  "O3'"  . DC  A 1 4  ? 15.985  -13.167 17.339  1.00 126.66 ? 10  DC  B "O3'"  1 
ATOM   105  C  "C2'"  . DC  A 1 4  ? 13.972  -14.645 17.098  1.00 110.49 ? 10  DC  B "C2'"  1 
ATOM   106  C  "C1'"  . DC  A 1 4  ? 13.619  -15.918 17.874  1.00 107.60 ? 10  DC  B "C1'"  1 
ATOM   107  N  N1     . DC  A 1 4  ? 12.145  -16.073 18.093  1.00 97.86  ? 10  DC  B N1     1 
ATOM   108  C  C2     . DC  A 1 4  ? 11.437  -17.048 17.380  1.00 90.14  ? 10  DC  B C2     1 
ATOM   109  O  O2     . DC  A 1 4  ? 12.050  -17.789 16.599  1.00 94.29  ? 10  DC  B O2     1 
ATOM   110  N  N3     . DC  A 1 4  ? 10.099  -17.161 17.573  1.00 80.43  ? 10  DC  B N3     1 
ATOM   111  C  C4     . DC  A 1 4  ? 9.475   -16.347 18.423  1.00 86.78  ? 10  DC  B C4     1 
ATOM   112  N  N4     . DC  A 1 4  ? 8.156   -16.495 18.579  1.00 83.52  ? 10  DC  B N4     1 
ATOM   113  C  C5     . DC  A 1 4  ? 10.176  -15.338 19.146  1.00 92.54  ? 10  DC  B C5     1 
ATOM   114  C  C6     . DC  A 1 4  ? 11.494  -15.234 18.947  1.00 98.56  ? 10  DC  B C6     1 
ATOM   115  H  "H5'"  . DC  A 1 4  ? 16.116  -15.268 20.855  1.00 146.02 ? 10  DC  B "H5'"  1 
ATOM   116  H  "H5''" . DC  A 1 4  ? 16.782  -14.015 20.158  1.00 146.02 ? 10  DC  B "H5''" 1 
ATOM   117  H  "H4'"  . DC  A 1 4  ? 16.135  -15.464 18.486  1.00 147.77 ? 10  DC  B "H4'"  1 
ATOM   118  H  "H3'"  . DC  A 1 4  ? 14.396  -13.248 18.555  1.00 149.82 ? 10  DC  B "H3'"  1 
ATOM   119  H  "H2'"  . DC  A 1 4  ? 13.173  -14.124 16.919  1.00 132.60 ? 10  DC  B "H2'"  1 
ATOM   120  H  "H2''" . DC  A 1 4  ? 14.424  -14.868 16.269  1.00 132.60 ? 10  DC  B "H2''" 1 
ATOM   121  H  "H1'"  . DC  A 1 4  ? 13.950  -16.689 17.387  1.00 129.13 ? 10  DC  B "H1'"  1 
ATOM   122  H  H41    . DC  A 1 4  ? 7.727   -15.983 19.120  1.00 100.23 ? 10  DC  B H41    1 
ATOM   123  H  H42    . DC  A 1 4  ? 7.737   -17.103 18.138  1.00 100.23 ? 10  DC  B H42    1 
ATOM   124  H  H5     . DC  A 1 4  ? 9.733   -14.773 19.737  1.00 111.06 ? 10  DC  B H5     1 
ATOM   125  H  H6     . DC  A 1 4  ? 11.978  -14.585 19.407  1.00 118.28 ? 10  DC  B H6     1 
ATOM   126  P  P      . DG  A 1 5  ? 16.973  -13.874 16.278  1.00 137.03 ? 11  DG  B P      1 
ATOM   127  O  OP1    . DG  A 1 5  ? 17.536  -15.111 16.858  1.00 143.69 ? 11  DG  B OP1    1 
ATOM   128  O  OP2    . DG  A 1 5  ? 17.901  -12.814 15.826  1.00 126.47 ? 11  DG  B OP2    1 
ATOM   129  O  "O5'"  . DG  A 1 5  ? 16.040  -14.235 15.030  1.00 108.98 ? 11  DG  B "O5'"  1 
ATOM   130  C  "C5'"  . DG  A 1 5  ? 16.529  -15.090 14.002  1.00 113.88 ? 11  DG  B "C5'"  1 
ATOM   131  C  "C4'"  . DG  A 1 5  ? 15.386  -15.715 13.216  1.00 116.54 ? 11  DG  B "C4'"  1 
ATOM   132  O  "O4'"  . DG  A 1 5  ? 14.168  -15.675 14.000  1.00 106.41 ? 11  DG  B "O4'"  1 
ATOM   133  C  "C3'"  . DG  A 1 5  ? 15.053  -15.020 11.889  1.00 116.51 ? 11  DG  B "C3'"  1 
ATOM   134  O  "O3'"  . DG  A 1 5  ? 15.377  -15.873 10.799  1.00 121.19 ? 11  DG  B "O3'"  1 
ATOM   135  C  "C2'"  . DG  A 1 5  ? 13.546  -14.711 11.972  1.00 110.82 ? 11  DG  B "C2'"  1 
ATOM   136  C  "C1'"  . DG  A 1 5  ? 13.068  -15.576 13.125  1.00 105.02 ? 11  DG  B "C1'"  1 
ATOM   137  N  N9     . DG  A 1 5  ? 11.932  -15.030 13.872  1.00 95.92  ? 11  DG  B N9     1 
ATOM   138  C  C8     . DG  A 1 5  ? 11.963  -13.993 14.767  1.00 100.73 ? 11  DG  B C8     1 
ATOM   139  N  N7     . DG  A 1 5  ? 10.806  -13.737 15.314  1.00 94.24  ? 11  DG  B N7     1 
ATOM   140  C  C5     . DG  A 1 5  ? 9.948   -14.662 14.740  1.00 82.43  ? 11  DG  B C5     1 
ATOM   141  C  C6     . DG  A 1 5  ? 8.563   -14.860 14.942  1.00 79.26  ? 11  DG  B C6     1 
ATOM   142  O  O6     . DG  A 1 5  ? 7.800   -14.235 15.692  1.00 79.60  ? 11  DG  B O6     1 
ATOM   143  N  N1     . DG  A 1 5  ? 8.075   -15.906 14.163  1.00 73.55  ? 11  DG  B N1     1 
ATOM   144  C  C2     . DG  A 1 5  ? 8.835   -16.662 13.297  1.00 86.86  ? 11  DG  B C2     1 
ATOM   145  N  N2     . DG  A 1 5  ? 8.185   -17.628 12.631  1.00 89.28  ? 11  DG  B N2     1 
ATOM   146  N  N3     . DG  A 1 5  ? 10.136  -16.485 13.100  1.00 82.20  ? 11  DG  B N3     1 
ATOM   147  C  C4     . DG  A 1 5  ? 10.625  -15.471 13.852  1.00 84.32  ? 11  DG  B C4     1 
ATOM   148  H  "H5'"  . DG  A 1 5  ? 17.062  -15.794 14.402  1.00 136.67 ? 11  DG  B "H5'"  1 
ATOM   149  H  "H5''" . DG  A 1 5  ? 17.085  -14.573 13.398  1.00 136.67 ? 11  DG  B "H5''" 1 
ATOM   150  H  "H4'"  . DG  A 1 5  ? 15.607  -16.642 13.032  1.00 139.86 ? 11  DG  B "H4'"  1 
ATOM   151  H  "H3'"  . DG  A 1 5  ? 15.553  -14.192 11.819  1.00 139.82 ? 11  DG  B "H3'"  1 
ATOM   152  H  "H2'"  . DG  A 1 5  ? 13.400  -13.772 12.167  1.00 133.00 ? 11  DG  B "H2'"  1 
ATOM   153  H  "H2''" . DG  A 1 5  ? 13.100  -14.965 11.149  1.00 133.00 ? 11  DG  B "H2''" 1 
ATOM   154  H  "H1'"  . DG  A 1 5  ? 12.841  -16.458 12.793  1.00 126.03 ? 11  DG  B "H1'"  1 
ATOM   155  H  H8     . DG  A 1 5  ? 12.738  -13.525 14.977  1.00 120.88 ? 11  DG  B H8     1 
ATOM   156  H  H1     . DG  A 1 5  ? 7.238   -16.093 14.226  1.00 88.27  ? 11  DG  B H1     1 
ATOM   157  H  H21    . DG  A 1 5  ? 8.611   -18.131 12.079  1.00 107.15 ? 11  DG  B H21    1 
ATOM   158  H  H22    . DG  A 1 5  ? 7.343   -17.744 12.755  1.00 107.15 ? 11  DG  B H22    1 
ATOM   159  P  P      . DA  A 1 6  ? 15.238  -15.358 9.285   1.00 132.03 ? 12  DA  B P      1 
ATOM   160  O  OP1    . DA  A 1 6  ? 16.148  -16.174 8.450   1.00 135.11 ? 12  DA  B OP1    1 
ATOM   161  O  OP2    . DA  A 1 6  ? 15.358  -13.883 9.279   1.00 122.47 ? 12  DA  B OP2    1 
ATOM   162  O  "O5'"  . DA  A 1 6  ? 13.732  -15.719 8.909   1.00 113.95 ? 12  DA  B "O5'"  1 
ATOM   163  C  "C5'"  . DA  A 1 6  ? 13.276  -17.056 9.026   1.00 118.32 ? 12  DA  B "C5'"  1 
ATOM   164  C  "C4'"  . DA  A 1 6  ? 12.101  -17.299 8.105   1.00 123.90 ? 12  DA  B "C4'"  1 
ATOM   165  O  "O4'"  . DA  A 1 6  ? 10.868  -16.924 8.778   1.00 111.85 ? 12  DA  B "O4'"  1 
ATOM   166  C  "C3'"  . DA  A 1 6  ? 12.115  -16.481 6.828   1.00 121.38 ? 12  DA  B "C3'"  1 
ATOM   167  O  "O3'"  . DA  A 1 6  ? 11.394  -17.159 5.803   1.00 125.60 ? 12  DA  B "O3'"  1 
ATOM   168  C  "C2'"  . DA  A 1 6  ? 11.445  -15.190 7.284   1.00 109.90 ? 12  DA  B "C2'"  1 
ATOM   169  C  "C1'"  . DA  A 1 6  ? 10.358  -15.720 8.220   1.00 98.29  ? 12  DA  B "C1'"  1 
ATOM   170  N  N9     . DA  A 1 6  ? 10.009  -14.829 9.317   1.00 94.29  ? 12  DA  B N9     1 
ATOM   171  C  C8     . DA  A 1 6  ? 10.820  -13.920 9.932   1.00 95.12  ? 12  DA  B C8     1 
ATOM   172  N  N7     . DA  A 1 6  ? 10.240  -13.268 10.909  1.00 88.91  ? 12  DA  B N7     1 
ATOM   173  C  C5     . DA  A 1 6  ? 8.960   -13.794 10.941  1.00 84.70  ? 12  DA  B C5     1 
ATOM   174  C  C6     . DA  A 1 6  ? 7.846   -13.525 11.754  1.00 85.64  ? 12  DA  B C6     1 
ATOM   175  N  N6     . DA  A 1 6  ? 7.861   -12.617 12.732  1.00 82.19  ? 12  DA  B N6     1 
ATOM   176  N  N1     . DA  A 1 6  ? 6.717   -14.227 11.527  1.00 83.52  ? 12  DA  B N1     1 
ATOM   177  C  C2     . DA  A 1 6  ? 6.713   -15.137 10.546  1.00 87.53  ? 12  DA  B C2     1 
ATOM   178  N  N3     . DA  A 1 6  ? 7.696   -15.478 9.715   1.00 92.77  ? 12  DA  B N3     1 
ATOM   179  C  C4     . DA  A 1 6  ? 8.802   -14.761 9.970   1.00 89.66  ? 12  DA  B C4     1 
ATOM   180  H  "H5'"  . DA  A 1 6  ? 13.003  -17.222 9.942   1.00 142.00 ? 12  DA  B "H5'"  1 
ATOM   181  H  "H5''" . DA  A 1 6  ? 13.997  -17.661 8.793   1.00 142.00 ? 12  DA  B "H5''" 1 
ATOM   182  H  "H4'"  . DA  A 1 6  ? 12.065  -18.242 7.878   1.00 148.69 ? 12  DA  B "H4'"  1 
ATOM   183  H  "H3'"  . DA  A 1 6  ? 13.027  -16.309 6.547   1.00 145.67 ? 12  DA  B "H3'"  1 
ATOM   184  H  "H2'"  . DA  A 1 6  ? 12.071  -14.626 7.764   1.00 131.88 ? 12  DA  B "H2'"  1 
ATOM   185  H  "H2''" . DA  A 1 6  ? 11.054  -14.719 6.532   1.00 131.88 ? 12  DA  B "H2''" 1 
ATOM   186  H  "H1'"  . DA  A 1 6  ? 9.562   -15.919 7.705   1.00 117.96 ? 12  DA  B "H1'"  1 
ATOM   187  H  H8     . DA  A 1 6  ? 11.702  -13.770 9.677   1.00 114.16 ? 12  DA  B H8     1 
ATOM   188  H  H61    . DA  A 1 6  ? 7.157   -12.487 13.209  1.00 98.64  ? 12  DA  B H61    1 
ATOM   189  H  H62    . DA  A 1 6  ? 8.574   -12.161 12.884  1.00 98.64  ? 12  DA  B H62    1 
ATOM   190  H  H2     . DA  A 1 6  ? 5.913   -15.597 10.428  1.00 105.04 ? 12  DA  B H2     1 
ATOM   191  P  P      . DC  A 1 7  ? 11.525  -16.714 4.264   1.00 140.95 ? 13  DC  B P      1 
ATOM   192  O  OP1    . DC  A 1 7  ? 11.942  -17.907 3.493   1.00 140.23 ? 13  DC  B OP1    1 
ATOM   193  O  OP2    . DC  A 1 7  ? 12.337  -15.478 4.216   1.00 124.03 ? 13  DC  B OP2    1 
ATOM   194  O  "O5'"  . DC  A 1 7  ? 10.025  -16.321 3.877   1.00 113.27 ? 13  DC  B "O5'"  1 
ATOM   195  C  "C5'"  . DC  A 1 7  ? 9.276   -15.555 4.794   1.00 102.12 ? 13  DC  B "C5'"  1 
ATOM   196  C  "C4'"  . DC  A 1 7  ? 7.818   -15.914 4.771   1.00 112.55 ? 13  DC  B "C4'"  1 
ATOM   197  O  "O4'"  . DC  A 1 7  ? 7.221   -15.536 6.044   1.00 118.14 ? 13  DC  B "O4'"  1 
ATOM   198  C  "C3'"  . DC  A 1 7  ? 7.011   -15.195 3.717   1.00 120.09 ? 13  DC  B "C3'"  1 
ATOM   199  O  "O3'"  . DC  A 1 7  ? 5.920   -16.008 3.292   1.00 136.68 ? 13  DC  B "O3'"  1 
ATOM   200  C  "C2'"  . DC  A 1 7  ? 6.582   -13.919 4.443   1.00 111.62 ? 13  DC  B "C2'"  1 
ATOM   201  C  "C1'"  . DC  A 1 7  ? 6.396   -14.391 5.883   1.00 109.54 ? 13  DC  B "C1'"  1 
ATOM   202  N  N1     . DC  A 1 7  ? 6.773   -13.358 6.930   1.00 100.18 ? 13  DC  B N1     1 
ATOM   203  C  C2     . DC  A 1 7  ? 5.862   -13.039 7.952   1.00 92.56  ? 13  DC  B C2     1 
ATOM   204  O  O2     . DC  A 1 7  ? 4.765   -13.611 7.988   1.00 99.32  ? 13  DC  B O2     1 
ATOM   205  N  N3     . DC  A 1 7  ? 6.211   -12.111 8.879   1.00 87.31  ? 13  DC  B N3     1 
ATOM   206  C  C4     . DC  A 1 7  ? 7.400   -11.512 8.813   1.00 91.85  ? 13  DC  B C4     1 
ATOM   207  N  N4     . DC  A 1 7  ? 7.696   -10.605 9.751   1.00 86.64  ? 13  DC  B N4     1 
ATOM   208  C  C5     . DC  A 1 7  ? 8.338   -11.817 7.784   1.00 83.76  ? 13  DC  B C5     1 
ATOM   209  C  C6     . DC  A 1 7  ? 7.989   -12.735 6.873   1.00 92.00  ? 13  DC  B C6     1 
ATOM   210  H  "H5'"  . DC  A 1 7  ? 9.372   -14.615 4.572   1.00 122.56 ? 13  DC  B "H5'"  1 
ATOM   211  H  "H5''" . DC  A 1 7  ? 9.623   -15.705 5.687   1.00 122.56 ? 13  DC  B "H5''" 1 
ATOM   212  H  "H4'"  . DC  A 1 7  ? 7.726   -16.871 4.647   1.00 135.06 ? 13  DC  B "H4'"  1 
ATOM   213  H  "H3'"  . DC  A 1 7  ? 7.576   -14.972 2.960   1.00 144.11 ? 13  DC  B "H3'"  1 
ATOM   214  H  "H2'"  . DC  A 1 7  ? 7.278   -13.244 4.390   1.00 133.95 ? 13  DC  B "H2'"  1 
ATOM   215  H  "H2''" . DC  A 1 7  ? 5.747   -13.582 4.082   1.00 133.95 ? 13  DC  B "H2''" 1 
ATOM   216  H  "H1'"  . DC  A 1 7  ? 5.471   -14.650 6.013   1.00 131.46 ? 13  DC  B "H1'"  1 
ATOM   217  H  H41    . DC  A 1 7  ? 8.456   -10.202 9.735   1.00 103.98 ? 13  DC  B H41    1 
ATOM   218  H  H42    . DC  A 1 7  ? 7.127   -10.425 10.370  1.00 103.98 ? 13  DC  B H42    1 
ATOM   219  H  H5     . DC  A 1 7  ? 9.167   -11.395 7.747   1.00 100.52 ? 13  DC  B H5     1 
ATOM   220  H  H6     . DC  A 1 7  ? 8.581   -12.952 6.190   1.00 110.40 ? 13  DC  B H6     1 
ATOM   221  P  P      . DA  A 1 8  ? 4.663   -15.356 2.537   1.00 147.05 ? 14  DA  B P      1 
ATOM   222  O  OP1    . DA  A 1 8  ? 3.901   -16.447 1.887   1.00 141.52 ? 14  DA  B OP1    1 
ATOM   223  O  OP2    . DA  A 1 8  ? 5.167   -14.210 1.748   1.00 124.63 ? 14  DA  B OP2    1 
ATOM   224  O  "O5'"  . DA  A 1 8  ? 3.786   -14.770 3.733   1.00 116.71 ? 14  DA  B "O5'"  1 
ATOM   225  C  "C5'"  . DA  A 1 8  ? 2.931   -13.681 3.506   1.00 109.08 ? 14  DA  B "C5'"  1 
ATOM   226  C  "C4'"  . DA  A 1 8  ? 1.912   -13.569 4.614   1.00 104.67 ? 14  DA  B "C4'"  1 
ATOM   227  O  "O4'"  . DA  A 1 8  ? 2.569   -13.098 5.817   1.00 101.31 ? 14  DA  B "O4'"  1 
ATOM   228  C  "C3'"  . DA  A 1 8  ? 0.769   -12.611 4.320   1.00 109.24 ? 14  DA  B "C3'"  1 
ATOM   229  O  "O3'"  . DA  A 1 8  ? -0.473  -13.241 4.558   1.00 116.19 ? 14  DA  B "O3'"  1 
ATOM   230  C  "C2'"  . DA  A 1 8  ? 1.000   -11.415 5.241   1.00 111.04 ? 14  DA  B "C2'"  1 
ATOM   231  C  "C1'"  . DA  A 1 8  ? 1.971   -11.915 6.301   1.00 107.21 ? 14  DA  B "C1'"  1 
ATOM   232  N  N9     . DA  A 1 8  ? 3.030   -10.959 6.595   1.00 95.70  ? 14  DA  B N9     1 
ATOM   233  C  C8     . DA  A 1 8  ? 4.220   -10.829 5.936   1.00 91.91  ? 14  DA  B C8     1 
ATOM   234  N  N7     . DA  A 1 8  ? 4.986   -9.878  6.408   1.00 85.71  ? 14  DA  B N7     1 
ATOM   235  C  C5     . DA  A 1 8  ? 4.246   -9.341  7.448   1.00 86.31  ? 14  DA  B C5     1 
ATOM   236  C  C6     . DA  A 1 8  ? 4.506   -8.295  8.350   1.00 84.51  ? 14  DA  B C6     1 
ATOM   237  N  N6     . DA  A 1 8  ? 5.636   -7.587  8.336   1.00 85.04  ? 14  DA  B N6     1 
ATOM   238  N  N1     . DA  A 1 8  ? 3.559   -8.010  9.268   1.00 78.41  ? 14  DA  B N1     1 
ATOM   239  C  C2     . DA  A 1 8  ? 2.427   -8.727  9.271   1.00 80.63  ? 14  DA  B C2     1 
ATOM   240  N  N3     . DA  A 1 8  ? 2.073   -9.735  8.476   1.00 79.57  ? 14  DA  B N3     1 
ATOM   241  C  C4     . DA  A 1 8  ? 3.035   -9.994  7.576   1.00 81.41  ? 14  DA  B C4     1 
ATOM   242  H  "H5'"  . DA  A 1 8  ? 2.472   -13.806 2.661   1.00 130.90 ? 14  DA  B "H5'"  1 
ATOM   243  H  "H5''" . DA  A 1 8  ? 3.455   -12.866 3.469   1.00 130.90 ? 14  DA  B "H5''" 1 
ATOM   244  H  "H4'"  . DA  A 1 8  ? 1.543   -14.449 4.787   1.00 125.62 ? 14  DA  B "H4'"  1 
ATOM   245  H  "H3'"  . DA  A 1 8  ? 0.817   -12.323 3.396   1.00 131.10 ? 14  DA  B "H3'"  1 
ATOM   246  H  "H2'"  . DA  A 1 8  ? 1.390   -10.680 4.746   1.00 133.26 ? 14  DA  B "H2'"  1 
ATOM   247  H  "H2''" . DA  A 1 8  ? 0.165   -11.141 5.652   1.00 133.26 ? 14  DA  B "H2''" 1 
ATOM   248  H  "H1'"  . DA  A 1 8  ? 1.482   -12.114 7.115   1.00 128.66 ? 14  DA  B "H1'"  1 
ATOM   249  H  H8     . DA  A 1 8  ? 4.464   -11.369 5.220   1.00 110.30 ? 14  DA  B H8     1 
ATOM   250  H  H61    . DA  A 1 8  ? 5.756   -6.955  8.907   1.00 102.06 ? 14  DA  B H61    1 
ATOM   251  H  H62    . DA  A 1 8  ? 6.246   -7.761  7.755   1.00 102.06 ? 14  DA  B H62    1 
ATOM   252  H  H2     . DA  A 1 8  ? 1.809   -8.496  9.925   1.00 96.76  ? 14  DA  B H2     1 
ATOM   253  P  P      . DC  A 1 9  ? -1.835  -12.508 4.133   1.00 133.23 ? 15  DC  B P      1 
ATOM   254  O  OP1    . DC  A 1 9  ? -2.854  -13.561 3.933   1.00 136.95 ? 15  DC  B OP1    1 
ATOM   255  O  OP2    . DC  A 1 9  ? -1.519  -11.564 3.036   1.00 125.58 ? 15  DC  B OP2    1 
ATOM   256  O  "O5'"  . DC  A 1 9  ? -2.213  -11.646 5.423   1.00 102.94 ? 15  DC  B "O5'"  1 
ATOM   257  C  "C5'"  . DC  A 1 9  ? -2.802  -10.369 5.272   1.00 116.63 ? 15  DC  B "C5'"  1 
ATOM   258  C  "C4'"  . DC  A 1 9  ? -2.476  -9.479  6.459   1.00 112.69 ? 15  DC  B "C4'"  1 
ATOM   259  O  "O4'"  . DC  A 1 9  ? -1.045  -9.345  6.586   1.00 101.34 ? 15  DC  B "O4'"  1 
ATOM   260  C  "C3'"  . DC  A 1 9  ? -2.999  -8.056  6.346   1.00 107.87 ? 15  DC  B "C3'"  1 
ATOM   261  O  "O3'"  . DC  A 1 9  ? -4.273  -7.944  6.967   1.00 107.94 ? 15  DC  B "O3'"  1 
ATOM   262  C  "C2'"  . DC  A 1 9  ? -1.936  -7.199  7.046   1.00 99.97  ? 15  DC  B "C2'"  1 
ATOM   263  C  "C1'"  . DC  A 1 9  ? -0.745  -8.134  7.251   1.00 102.33 ? 15  DC  B "C1'"  1 
ATOM   264  N  N1     . DC  A 1 9  ? 0.550   -7.596  6.711   1.00 92.04  ? 15  DC  B N1     1 
ATOM   265  C  C2     . DC  A 1 9  ? 1.172   -6.506  7.337   1.00 86.17  ? 15  DC  B C2     1 
ATOM   266  O  O2     . DC  A 1 9  ? 0.636   -5.994  8.328   1.00 92.96  ? 15  DC  B O2     1 
ATOM   267  N  N3     . DC  A 1 9  ? 2.346   -6.044  6.841   1.00 74.25  ? 15  DC  B N3     1 
ATOM   268  C  C4     . DC  A 1 9  ? 2.894   -6.625  5.770   1.00 91.74  ? 15  DC  B C4     1 
ATOM   269  N  N4     . DC  A 1 9  ? 4.052   -6.136  5.315   1.00 96.16  ? 15  DC  B N4     1 
ATOM   270  C  C5     . DC  A 1 9  ? 2.277   -7.734  5.122   1.00 86.46  ? 15  DC  B C5     1 
ATOM   271  C  C6     . DC  A 1 9  ? 1.119   -8.180  5.620   1.00 89.16  ? 15  DC  B C6     1 
ATOM   272  H  "H5'"  . DC  A 1 9  ? -3.765  -10.468 5.203   1.00 139.96 ? 15  DC  B "H5'"  1 
ATOM   273  H  "H5''" . DC  A 1 9  ? -2.464  -9.957  4.462   1.00 139.96 ? 15  DC  B "H5''" 1 
ATOM   274  H  "H4'"  . DC  A 1 9  ? -2.829  -9.884  7.266   1.00 135.24 ? 15  DC  B "H4'"  1 
ATOM   275  H  "H3'"  . DC  A 1 9  ? -3.063  -7.803  5.412   1.00 129.46 ? 15  DC  B "H3'"  1 
ATOM   276  H  "H2'"  . DC  A 1 9  ? -1.684  -6.450  6.484   1.00 119.98 ? 15  DC  B "H2'"  1 
ATOM   277  H  "H2''" . DC  A 1 9  ? -2.268  -6.883  7.901   1.00 119.98 ? 15  DC  B "H2''" 1 
ATOM   278  H  "H1'"  . DC  A 1 9  ? -0.642  -8.312  8.198   1.00 122.81 ? 15  DC  B "H1'"  1 
ATOM   279  H  H41    . DC  A 1 9  ? 4.427   -6.489  4.627   1.00 115.40 ? 15  DC  B H41    1 
ATOM   280  H  H42    . DC  A 1 9  ? 4.422   -5.468  5.712   1.00 115.40 ? 15  DC  B H42    1 
ATOM   281  H  H5     . DC  A 1 9  ? 2.665   -8.133  4.377   1.00 103.76 ? 15  DC  B H5     1 
ATOM   282  H  H6     . DC  A 1 9  ? 0.698   -8.905  5.217   1.00 107.00 ? 15  DC  B H6     1 
ATOM   283  P  P      . DA  A 1 10 ? -5.147  -6.611  6.777   1.00 129.25 ? 16  DA  B P      1 
ATOM   284  O  OP1    . DA  A 1 10 ? -6.423  -6.803  7.502   1.00 122.63 ? 16  DA  B OP1    1 
ATOM   285  O  OP2    . DA  A 1 10 ? -5.147  -6.268  5.337   1.00 126.47 ? 16  DA  B OP2    1 
ATOM   286  O  "O5'"  . DA  A 1 10 ? -4.300  -5.486  7.523   1.00 97.56  ? 16  DA  B "O5'"  1 
ATOM   287  C  "C5'"  . DA  A 1 10 ? -4.453  -5.289  8.912   1.00 99.61  ? 16  DA  B "C5'"  1 
ATOM   288  C  "C4'"  . DA  A 1 10 ? -3.959  -3.917  9.307   1.00 110.43 ? 16  DA  B "C4'"  1 
ATOM   289  O  "O4'"  . DA  A 1 10 ? -2.535  -3.809  9.024   1.00 110.48 ? 16  DA  B "O4'"  1 
ATOM   290  C  "C3'"  . DA  A 1 10 ? -4.624  -2.764  8.567   1.00 106.96 ? 16  DA  B "C3'"  1 
ATOM   291  O  "O3'"  . DA  A 1 10 ? -4.947  -1.746  9.490   1.00 113.07 ? 16  DA  B "O3'"  1 
ATOM   292  C  "C2'"  . DA  A 1 10 ? -3.569  -2.332  7.542   1.00 92.35  ? 16  DA  B "C2'"  1 
ATOM   293  C  "C1'"  . DA  A 1 10 ? -2.276  -2.636  8.276   1.00 92.50  ? 16  DA  B "C1'"  1 
ATOM   294  N  N9     . DA  A 1 10 ? -1.107  -2.890  7.426   1.00 92.62  ? 16  DA  B N9     1 
ATOM   295  C  C8     . DA  A 1 10 ? -0.938  -3.911  6.532   1.00 97.72  ? 16  DA  B C8     1 
ATOM   296  N  N7     . DA  A 1 10 ? 0.233   -3.911  5.937   1.00 83.28  ? 16  DA  B N7     1 
ATOM   297  C  C5     . DA  A 1 10 ? 0.887   -2.824  6.489   1.00 72.29  ? 16  DA  B C5     1 
ATOM   298  C  C6     . DA  A 1 10 ? 2.170   -2.284  6.276   1.00 67.47  ? 16  DA  B C6     1 
ATOM   299  N  N6     . DA  A 1 10 ? 3.050   -2.801  5.413   1.00 70.74  ? 16  DA  B N6     1 
ATOM   300  N  N1     . DA  A 1 10 ? 2.515   -1.192  6.989   1.00 69.08  ? 16  DA  B N1     1 
ATOM   301  C  C2     . DA  A 1 10 ? 1.629   -0.679  7.856   1.00 76.20  ? 16  DA  B C2     1 
ATOM   302  N  N3     . DA  A 1 10 ? 0.394   -1.099  8.141   1.00 80.75  ? 16  DA  B N3     1 
ATOM   303  C  C4     . DA  A 1 10 ? 0.082   -2.186  7.416   1.00 78.89  ? 16  DA  B C4     1 
ATOM   304  H  "H5'"  . DA  A 1 10 ? -3.945  -5.963  9.389   1.00 119.54 ? 16  DA  B "H5'"  1 
ATOM   305  H  "H5''" . DA  A 1 10 ? -5.391  -5.371  9.145   1.00 119.54 ? 16  DA  B "H5''" 1 
ATOM   306  H  "H4'"  . DA  A 1 10 ? -4.097  -3.798  10.259  1.00 132.53 ? 16  DA  B "H4'"  1 
ATOM   307  H  "H3'"  . DA  A 1 10 ? -5.425  -3.074  8.115   1.00 128.36 ? 16  DA  B "H3'"  1 
ATOM   308  H  "H2'"  . DA  A 1 10 ? -3.639  -2.861  6.731   1.00 110.83 ? 16  DA  B "H2'"  1 
ATOM   309  H  "H2''" . DA  A 1 10 ? -3.643  -1.384  7.349   1.00 110.83 ? 16  DA  B "H2''" 1 
ATOM   310  H  "H1'"  . DA  A 1 10 ? -2.075  -1.909  8.884   1.00 111.01 ? 16  DA  B "H1'"  1 
ATOM   311  H  H8     . DA  A 1 10 ? -1.597  -4.544  6.357   1.00 117.27 ? 16  DA  B H8     1 
ATOM   312  H  H61    . DA  A 1 10 ? 3.822   -2.436  5.315   1.00 84.89  ? 16  DA  B H61    1 
ATOM   313  H  H62    . DA  A 1 10 ? 2.844   -3.500  4.955   1.00 84.89  ? 16  DA  B H62    1 
ATOM   314  H  H2     . DA  A 1 10 ? 1.913   0.075   8.321   1.00 91.45  ? 16  DA  B H2     1 
ATOM   315  P  P      . DG  A 1 11 ? -6.064  -0.647  9.156   1.00 127.85 ? 17  DG  B P      1 
ATOM   316  O  OP1    . DG  A 1 11 ? -7.179  -0.820  10.115  1.00 134.16 ? 17  DG  B OP1    1 
ATOM   317  O  OP2    . DG  A 1 11 ? -6.313  -0.659  7.698   1.00 106.47 ? 17  DG  B OP2    1 
ATOM   318  O  "O5'"  . DG  A 1 11 ? -5.315  0.708   9.502   1.00 112.32 ? 17  DG  B "O5'"  1 
ATOM   319  C  "C5'"  . DG  A 1 11 ? -3.944  0.827   9.192   1.00 103.76 ? 17  DG  B "C5'"  1 
ATOM   320  C  "C4'"  . DG  A 1 11 ? -3.503  2.261   9.300   1.00 101.68 ? 17  DG  B "C4'"  1 
ATOM   321  O  "O4'"  . DG  A 1 11 ? -2.179  2.413   8.739   1.00 98.01  ? 17  DG  B "O4'"  1 
ATOM   322  C  "C3'"  . DG  A 1 11 ? -4.372  3.240   8.545   1.00 103.38 ? 17  DG  B "C3'"  1 
ATOM   323  O  "O3'"  . DG  A 1 11 ? -4.383  4.488   9.228   1.00 105.47 ? 17  DG  B "O3'"  1 
ATOM   324  C  "C2'"  . DG  A 1 11 ? -3.719  3.285   7.153   1.00 86.85  ? 17  DG  B "C2'"  1 
ATOM   325  C  "C1'"  . DG  A 1 11 ? -2.258  2.909   7.415   1.00 83.69  ? 17  DG  B "C1'"  1 
ATOM   326  N  N9     . DG  A 1 11 ? -1.715  1.884   6.515   1.00 67.53  ? 17  DG  B N9     1 
ATOM   327  C  C8     . DG  A 1 11 ? -2.344  0.751   6.054   1.00 81.08  ? 17  DG  B C8     1 
ATOM   328  N  N7     . DG  A 1 11 ? -1.588  0.014   5.281   1.00 74.05  ? 17  DG  B N7     1 
ATOM   329  C  C5     . DG  A 1 11 ? -0.380  0.696   5.236   1.00 62.58  ? 17  DG  B C5     1 
ATOM   330  C  C6     . DG  A 1 11 ? 0.825   0.381   4.557   1.00 63.26  ? 17  DG  B C6     1 
ATOM   331  O  O6     . DG  A 1 11 ? 1.070   -0.597  3.835   1.00 59.14  ? 17  DG  B O6     1 
ATOM   332  N  N1     . DG  A 1 11 ? 1.804   1.342   4.781   1.00 60.46  ? 17  DG  B N1     1 
ATOM   333  C  C2     . DG  A 1 11 ? 1.640   2.463   5.562   1.00 65.39  ? 17  DG  B C2     1 
ATOM   334  N  N2     . DG  A 1 11 ? 2.694   3.278   5.663   1.00 63.85  ? 17  DG  B N2     1 
ATOM   335  N  N3     . DG  A 1 11 ? 0.521   2.764   6.200   1.00 64.13  ? 17  DG  B N3     1 
ATOM   336  C  C4     . DG  A 1 11 ? -0.442  1.844   5.994   1.00 63.89  ? 17  DG  B C4     1 
ATOM   337  H  "H5'"  . DG  A 1 11 ? -3.792  0.513   8.287   1.00 124.52 ? 17  DG  B "H5'"  1 
ATOM   338  H  "H5''" . DG  A 1 11 ? -3.427  0.287   9.810   1.00 124.52 ? 17  DG  B "H5''" 1 
ATOM   339  H  "H4'"  . DG  A 1 11 ? -3.481  2.515   10.236  1.00 122.02 ? 17  DG  B "H4'"  1 
ATOM   340  H  "H3'"  . DG  A 1 11 ? -5.275  2.893   8.475   1.00 124.07 ? 17  DG  B "H3'"  1 
ATOM   341  H  "H2'"  . DG  A 1 11 ? -4.136  2.639   6.562   1.00 104.23 ? 17  DG  B "H2'"  1 
ATOM   342  H  "H2''" . DG  A 1 11 ? -3.779  4.178   6.779   1.00 104.23 ? 17  DG  B "H2''" 1 
ATOM   343  H  "H1'"  . DG  A 1 11 ? -1.711  3.708   7.346   1.00 100.43 ? 17  DG  B "H1'"  1 
ATOM   344  H  H8     . DG  A 1 11 ? -3.223  0.533   6.266   1.00 97.30  ? 17  DG  B H8     1 
ATOM   345  H  H1     . DG  A 1 11 ? 2.568   1.229   4.403   1.00 72.57  ? 17  DG  B H1     1 
ATOM   346  H  H21    . DG  A 1 11 ? 2.641   3.992   6.140   1.00 76.63  ? 17  DG  B H21    1 
ATOM   347  H  H22    . DG  A 1 11 ? 3.425   3.088   5.251   1.00 76.63  ? 17  DG  B H22    1 
ATOM   348  P  P      . DA  A 1 12 ? -4.847  5.830   8.489   1.00 110.45 ? 18  DA  B P      1 
ATOM   349  O  OP1    . DA  A 1 12 ? -5.426  6.736   9.508   1.00 107.34 ? 18  DA  B OP1    1 
ATOM   350  O  OP2    . DA  A 1 12 ? -5.653  5.439   7.310   1.00 88.90  ? 18  DA  B OP2    1 
ATOM   351  O  "O5'"  . DA  A 1 12 ? -3.469  6.445   7.980   1.00 83.41  ? 18  DA  B "O5'"  1 
ATOM   352  C  "C5'"  . DA  A 1 12 ? -3.477  7.595   7.190   1.00 98.31  ? 18  DA  B "C5'"  1 
ATOM   353  C  "C4'"  . DA  A 1 12 ? -2.078  8.138   7.003   1.00 89.77  ? 18  DA  B "C4'"  1 
ATOM   354  O  "O4'"  . DA  A 1 12 ? -1.173  7.060   6.629   1.00 82.46  ? 18  DA  B "O4'"  1 
ATOM   355  C  "C3'"  . DA  A 1 12 ? -1.967  9.169   5.903   1.00 77.16  ? 18  DA  B "C3'"  1 
ATOM   356  O  "O3'"  . DA  A 1 12 ? -0.985  10.139  6.220   1.00 69.26  ? 18  DA  B "O3'"  1 
ATOM   357  C  "C2'"  . DA  A 1 12 ? -1.611  8.329   4.678   1.00 83.65  ? 18  DA  B "C2'"  1 
ATOM   358  C  "C1'"  . DA  A 1 12 ? -0.800  7.176   5.262   1.00 78.17  ? 18  DA  B "C1'"  1 
ATOM   359  N  N9     . DA  A 1 12 ? -1.045  5.890   4.602   1.00 64.33  ? 18  DA  B N9     1 
ATOM   360  C  C8     . DA  A 1 12 ? -2.196  5.155   4.642   1.00 72.83  ? 18  DA  B C8     1 
ATOM   361  N  N7     . DA  A 1 12 ? -2.135  4.033   3.963   1.00 63.36  ? 18  DA  B N7     1 
ATOM   362  C  C5     . DA  A 1 12 ? -0.853  4.023   3.443   1.00 60.81  ? 18  DA  B C5     1 
ATOM   363  C  C6     . DA  A 1 12 ? -0.165  3.098   2.627   1.00 62.00  ? 18  DA  B C6     1 
ATOM   364  N  N6     . DA  A 1 12 ? -0.709  1.957   2.184   1.00 58.12  ? 18  DA  B N6     1 
ATOM   365  N  N1     . DA  A 1 12 ? 1.104   3.392   2.284   1.00 56.77  ? 18  DA  B N1     1 
ATOM   366  C  C2     . DA  A 1 12 ? 1.646   4.534   2.732   1.00 68.17  ? 18  DA  B C2     1 
ATOM   367  N  N3     . DA  A 1 12 ? 1.099   5.480   3.502   1.00 65.91  ? 18  DA  B N3     1 
ATOM   368  C  C4     . DA  A 1 12 ? -0.163  5.161   3.826   1.00 60.24  ? 18  DA  B C4     1 
ATOM   369  H  "H5'"  . DA  A 1 12 ? -4.026  8.271   7.618   1.00 117.98 ? 18  DA  B "H5'"  1 
ATOM   370  H  "H5''" . DA  A 1 12 ? -3.854  7.382   6.322   1.00 117.98 ? 18  DA  B "H5''" 1 
ATOM   371  H  "H4'"  . DA  A 1 12 ? -1.776  8.530   7.837   1.00 107.73 ? 18  DA  B "H4'"  1 
ATOM   372  H  "H3'"  . DA  A 1 12 ? -2.825  9.600   5.768   1.00 92.61  ? 18  DA  B "H3'"  1 
ATOM   373  H  "H2'"  . DA  A 1 12 ? -2.413  7.998   4.246   1.00 100.39 ? 18  DA  B "H2'"  1 
ATOM   374  H  "H2''" . DA  A 1 12 ? -1.073  8.844   4.056   1.00 100.39 ? 18  DA  B "H2''" 1 
ATOM   375  H  "H1'"  . DA  A 1 12 ? 0.145   7.390   5.205   1.00 93.81  ? 18  DA  B "H1'"  1 
ATOM   376  H  H8     . DA  A 1 12 ? -2.954  5.427   5.106   1.00 87.40  ? 18  DA  B H8     1 
ATOM   377  H  H61    . DA  A 1 12 ? -0.249  1.425   1.689   1.00 69.75  ? 18  DA  B H61    1 
ATOM   378  H  H62    . DA  A 1 12 ? -1.518  1.756   2.394   1.00 69.75  ? 18  DA  B H62    1 
ATOM   379  H  H2     . DA  A 1 12 ? 2.524   4.690   2.469   1.00 81.81  ? 18  DA  B H2     1 
ATOM   380  P  P      . DC  A 1 13 ? -0.969  11.535  5.430   1.00 97.62  ? 19  DC  B P      1 
ATOM   381  O  OP1    . DC  A 1 13 ? -0.171  12.506  6.215   1.00 100.62 ? 19  DC  B OP1    1 
ATOM   382  O  OP2    . DC  A 1 13 ? -2.365  11.855  5.054   1.00 86.84  ? 19  DC  B OP2    1 
ATOM   383  O  "O5'"  . DC  A 1 13 ? -0.177  11.177  4.096   1.00 91.03  ? 19  DC  B "O5'"  1 
ATOM   384  C  "C5'"  . DC  A 1 13 ? 1.058   10.501  4.193   1.00 82.53  ? 19  DC  B "C5'"  1 
ATOM   385  C  "C4'"  . DC  A 1 13 ? 1.556   10.050  2.832   1.00 81.33  ? 19  DC  B "C4'"  1 
ATOM   386  O  "O4'"  . DC  A 1 13 ? 1.142   8.688   2.593   1.00 78.84  ? 19  DC  B "O4'"  1 
ATOM   387  C  "C3'"  . DC  A 1 13 ? 1.029   10.851  1.639   1.00 80.45  ? 19  DC  B "C3'"  1 
ATOM   388  O  "O3'"  . DC  A 1 13 ? 2.018   11.782  1.199   1.00 84.62  ? 19  DC  B "O3'"  1 
ATOM   389  C  "C2'"  . DC  A 1 13 ? 0.703   9.785   0.576   1.00 73.82  ? 19  DC  B "C2'"  1 
ATOM   390  C  "C1'"  . DC  A 1 13 ? 1.154   8.468   1.207   1.00 75.95  ? 19  DC  B "C1'"  1 
ATOM   391  N  N1     . DC  A 1 13 ? 0.270   7.271   0.878   1.00 66.20  ? 19  DC  B N1     1 
ATOM   392  C  C2     . DC  A 1 13 ? 0.789   6.219   0.106   1.00 66.01  ? 19  DC  B C2     1 
ATOM   393  O  O2     . DC  A 1 13 ? 1.956   6.284   -0.296  1.00 71.31  ? 19  DC  B O2     1 
ATOM   394  N  N3     . DC  A 1 13 ? -0.004  5.153   -0.178  1.00 59.32  ? 19  DC  B N3     1 
ATOM   395  C  C4     . DC  A 1 13 ? -1.257  5.113   0.271   1.00 62.18  ? 19  DC  B C4     1 
ATOM   396  N  N4     . DC  A 1 13 ? -1.999  4.039   -0.040  1.00 68.83  ? 19  DC  B N4     1 
ATOM   397  C  C5     . DC  A 1 13 ? -1.806  6.169   1.059   1.00 58.75  ? 19  DC  B C5     1 
ATOM   398  C  C6     . DC  A 1 13 ? -1.015  7.218   1.337   1.00 62.47  ? 19  DC  B C6     1 
ATOM   399  H  "H5'"  . DC  A 1 13 ? 0.950   9.724   4.763   1.00 99.05  ? 19  DC  B "H5'"  1 
ATOM   400  H  "H5''" . DC  A 1 13 ? 1.714   11.095  4.589   1.00 99.05  ? 19  DC  B "H5''" 1 
ATOM   401  H  "H4'"  . DC  A 1 13 ? 2.525   10.087  2.828   1.00 97.61  ? 19  DC  B "H4'"  1 
ATOM   402  H  "H3'"  . DC  A 1 13 ? 0.220   11.323  1.891   1.00 96.54  ? 19  DC  B "H3'"  1 
ATOM   403  H  "H2'"  . DC  A 1 13 ? -0.250  9.766   0.397   1.00 88.60  ? 19  DC  B "H2'"  1 
ATOM   404  H  "H2''" . DC  A 1 13 ? 1.199   9.958   -0.240  1.00 88.60  ? 19  DC  B "H2''" 1 
ATOM   405  H  "H1'"  . DC  A 1 13 ? 2.062   8.278   0.925   1.00 91.15  ? 19  DC  B "H1'"  1 
ATOM   406  H  H41    . DC  A 1 13 ? -2.812  3.985   0.234   1.00 82.60  ? 19  DC  B H41    1 
ATOM   407  H  H42    . DC  A 1 13 ? -1.661  3.406   -0.513  1.00 82.60  ? 19  DC  B H42    1 
ATOM   408  H  H5     . DC  A 1 13 ? -2.683  6.133   1.368   1.00 70.51  ? 19  DC  B H5     1 
ATOM   409  H  H6     . DC  A 1 13 ? -1.349  7.920   1.847   1.00 74.97  ? 19  DC  B H6     1 
ATOM   410  P  P      . DG  A 1 14 ? 1.672   12.888  0.085   1.00 99.88  ? 20  DG  B P      1 
ATOM   411  O  OP1    . DG  A 1 14 ? 2.477   14.087  0.415   1.00 93.77  ? 20  DG  B OP1    1 
ATOM   412  O  OP2    . DG  A 1 14 ? 0.200   13.001  -0.037  1.00 83.42  ? 20  DG  B OP2    1 
ATOM   413  O  "O5'"  . DG  A 1 14 ? 2.238   12.248  -1.267  1.00 72.44  ? 20  DG  B "O5'"  1 
ATOM   414  C  "C5'"  . DG  A 1 14 ? 3.614   11.897  -1.359  1.00 75.55  ? 20  DG  B "C5'"  1 
ATOM   415  C  "C4'"  . DG  A 1 14 ? 3.825   10.764  -2.350  1.00 81.18  ? 20  DG  B "C4'"  1 
ATOM   416  O  "O4'"  . DG  A 1 14 ? 2.897   9.695   -2.054  1.00 91.74  ? 20  DG  B "O4'"  1 
ATOM   417  C  "C3'"  . DG  A 1 14 ? 3.584   11.134  -3.816  1.00 89.11  ? 20  DG  B "C3'"  1 
ATOM   418  O  "O3'"  . DG  A 1 14 ? 4.831   11.292  -4.511  1.00 103.73 ? 20  DG  B "O3'"  1 
ATOM   419  C  "C2'"  . DG  A 1 14 ? 2.745   9.976   -4.384  1.00 79.29  ? 20  DG  B "C2'"  1 
ATOM   420  C  "C1'"  . DG  A 1 14 ? 2.615   8.981   -3.233  1.00 81.14  ? 20  DG  B "C1'"  1 
ATOM   421  N  N9     . DG  A 1 14 ? 1.280   8.386   -3.112  1.00 75.39  ? 20  DG  B N9     1 
ATOM   422  C  C8     . DG  A 1 14 ? 0.203   8.908   -2.439  1.00 73.58  ? 20  DG  B C8     1 
ATOM   423  N  N7     . DG  A 1 14 ? -0.860  8.156   -2.495  1.00 66.10  ? 20  DG  B N7     1 
ATOM   424  C  C5     . DG  A 1 14 ? -0.469  7.067   -3.258  1.00 61.82  ? 20  DG  B C5     1 
ATOM   425  C  C6     . DG  A 1 14 ? -1.206  5.927   -3.656  1.00 63.20  ? 20  DG  B C6     1 
ATOM   426  O  O6     . DG  A 1 14 ? -2.387  5.648   -3.404  1.00 60.25  ? 20  DG  B O6     1 
ATOM   427  N  N1     . DG  A 1 14 ? -0.435  5.060   -4.422  1.00 62.16  ? 20  DG  B N1     1 
ATOM   428  C  C2     . DG  A 1 14 ? 0.879   5.268   -4.760  1.00 67.69  ? 20  DG  B C2     1 
ATOM   429  N  N2     . DG  A 1 14 ? 1.452   4.316   -5.508  1.00 69.47  ? 20  DG  B N2     1 
ATOM   430  N  N3     . DG  A 1 14 ? 1.582   6.334   -4.393  1.00 62.16  ? 20  DG  B N3     1 
ATOM   431  C  C4     . DG  A 1 14 ? 0.846   7.189   -3.646  1.00 63.36  ? 20  DG  B C4     1 
ATOM   432  H  "H5'"  . DG  A 1 14 ? 3.931   11.618  -0.484  1.00 90.67  ? 20  DG  B "H5'"  1 
ATOM   433  H  "H5''" . DG  A 1 14 ? 4.121   12.673  -1.648  1.00 90.67  ? 20  DG  B "H5''" 1 
ATOM   434  H  "H4'"  . DG  A 1 14 ? 4.731   10.429  -2.255  1.00 97.42  ? 20  DG  B "H4'"  1 
ATOM   435  H  "H3'"  . DG  A 1 14 ? 3.076   11.959  -3.865  1.00 106.94 ? 20  DG  B "H3'"  1 
ATOM   436  H  "H2'"  . DG  A 1 14 ? 1.870   10.295  -4.654  1.00 95.16  ? 20  DG  B "H2'"  1 
ATOM   437  H  "H2''" . DG  A 1 14 ? 3.202   9.565   -5.134  1.00 95.16  ? 20  DG  B "H2''" 1 
ATOM   438  H  "H1'"  . DG  A 1 14 ? 3.272   8.277   -3.344  1.00 97.38  ? 20  DG  B "H1'"  1 
ATOM   439  H  H8     . DG  A 1 14 ? 0.231   9.717   -1.981  1.00 88.31  ? 20  DG  B H8     1 
ATOM   440  H  H1     . DG  A 1 14 ? -0.810  4.340   -4.705  1.00 74.60  ? 20  DG  B H1     1 
ATOM   441  H  H21    . DG  A 1 14 ? 2.273   4.395   -5.749  1.00 83.38  ? 20  DG  B H21    1 
ATOM   442  H  H22    . DG  A 1 14 ? 0.999   3.625   -5.747  1.00 83.38  ? 20  DG  B H22    1 
ATOM   443  P  P      . DT  A 1 15 ? 4.872   11.904  -6.000  1.00 101.91 ? 21  DT  B P      1 
ATOM   444  O  OP1    . DT  A 1 15 ? 6.177   11.534  -6.592  1.00 89.30  ? 21  DT  B OP1    1 
ATOM   445  O  OP2    . DT  A 1 15 ? 4.481   13.329  -5.932  1.00 103.14 ? 21  DT  B OP2    1 
ATOM   446  O  "O5'"  . DT  A 1 15 ? 3.709   11.122  -6.768  1.00 90.12  ? 21  DT  B "O5'"  1 
ATOM   447  C  "C5'"  . DT  A 1 15 ? 3.876   10.746  -8.126  1.00 88.42  ? 21  DT  B "C5'"  1 
ATOM   448  C  "C4'"  . DT  A 1 15 ? 3.615   9.262   -8.313  1.00 88.47  ? 21  DT  B "C4'"  1 
ATOM   449  O  "O4'"  . DT  A 1 15 ? 2.653   8.813   -7.339  1.00 90.58  ? 21  DT  B "O4'"  1 
ATOM   450  C  "C3'"  . DT  A 1 15 ? 3.016   8.888   -9.655  1.00 79.93  ? 21  DT  B "C3'"  1 
ATOM   451  O  "O3'"  . DT  A 1 15 ? 4.041   8.623   -10.603 1.00 85.92  ? 21  DT  B "O3'"  1 
ATOM   452  C  "C2'"  . DT  A 1 15 ? 2.159   7.651   -9.348  1.00 84.65  ? 21  DT  B "C2'"  1 
ATOM   453  C  "C1'"  . DT  A 1 15 ? 2.009   7.652   -7.823  1.00 82.99  ? 21  DT  B "C1'"  1 
ATOM   454  N  N1     . DT  A 1 15 ? 0.588   7.666   -7.354  1.00 72.89  ? 21  DT  B N1     1 
ATOM   455  C  C2     . DT  A 1 15 ? -0.244  6.621   -7.690  1.00 73.01  ? 21  DT  B C2     1 
ATOM   456  O  O2     . DT  A 1 15 ? 0.110   5.672   -8.369  1.00 79.39  ? 21  DT  B O2     1 
ATOM   457  N  N3     . DT  A 1 15 ? -1.520  6.727   -7.203  1.00 68.57  ? 21  DT  B N3     1 
ATOM   458  C  C4     . DT  A 1 15 ? -2.033  7.747   -6.427  1.00 70.33  ? 21  DT  B C4     1 
ATOM   459  O  O4     . DT  A 1 15 ? -3.195  7.755   -6.036  1.00 61.54  ? 21  DT  B O4     1 
ATOM   460  C  C5     . DT  A 1 15 ? -1.111  8.804   -6.111  1.00 69.20  ? 21  DT  B C5     1 
ATOM   461  C  C7     . DT  A 1 15 ? -1.567  9.961   -5.278  1.00 71.75  ? 21  DT  B C7     1 
ATOM   462  C  C6     . DT  A 1 15 ? 0.142   8.716   -6.579  1.00 72.13  ? 21  DT  B C6     1 
ATOM   463  H  "H5'"  . DT  A 1 15 ? 4.784   10.947  -8.404  1.00 106.11 ? 21  DT  B "H5'"  1 
ATOM   464  H  "H5''" . DT  A 1 15 ? 3.256   11.250  -8.676  1.00 106.11 ? 21  DT  B "H5''" 1 
ATOM   465  H  "H4'"  . DT  A 1 15 ? 4.444   8.774   -8.187  1.00 106.17 ? 21  DT  B "H4'"  1 
ATOM   466  H  "H3'"  . DT  A 1 15 ? 2.450   9.608   -9.973  1.00 95.92  ? 21  DT  B "H3'"  1 
ATOM   467  H  "H2'"  . DT  A 1 15 ? 1.291   7.727   -9.774  1.00 101.59 ? 21  DT  B "H2'"  1 
ATOM   468  H  "H2''" . DT  A 1 15 ? 2.613   6.845   -9.641  1.00 101.59 ? 21  DT  B "H2''" 1 
ATOM   469  H  "H1'"  . DT  A 1 15 ? 2.453   6.870   -7.461  1.00 99.60  ? 21  DT  B "H1'"  1 
ATOM   470  H  H3     . DT  A 1 15 ? -2.060  6.088   -7.402  1.00 82.29  ? 21  DT  B H3     1 
ATOM   471  H  H71    . DT  A 1 15 ? -1.031  10.009  -4.470  1.00 86.11  ? 21  DT  B H71    1 
ATOM   472  H  H72    . DT  A 1 15 ? -1.465  10.782  -5.782  1.00 86.11  ? 21  DT  B H72    1 
ATOM   473  H  H73    . DT  A 1 15 ? -2.500  9.841   -5.040  1.00 86.11  ? 21  DT  B H73    1 
ATOM   474  H  H6     . DT  A 1 15 ? 0.740   9.399   -6.374  1.00 86.56  ? 21  DT  B H6     1 
ATOM   475  P  P      . DC  A 1 16 ? 3.803   8.966   -12.153 1.00 118.67 ? 22  DC  B P      1 
ATOM   476  O  OP1    . DC  A 1 16 ? 5.056   8.650   -12.876 1.00 110.71 ? 22  DC  B OP1    1 
ATOM   477  O  OP2    . DC  A 1 16 ? 3.218   10.324  -12.244 1.00 84.40  ? 22  DC  B OP2    1 
ATOM   478  O  "O5'"  . DC  A 1 16 ? 2.676   7.924   -12.589 1.00 97.72  ? 22  DC  B "O5'"  1 
ATOM   479  C  "C5'"  . DC  A 1 16 ? 2.926   6.534   -12.462 1.00 95.15  ? 22  DC  B "C5'"  1 
ATOM   480  C  "C4'"  . DC  A 1 16 ? 1.675   5.729   -12.746 1.00 95.22  ? 22  DC  B "C4'"  1 
ATOM   481  O  "O4'"  . DC  A 1 16 ? 0.718   5.906   -11.684 1.00 70.27  ? 22  DC  B "O4'"  1 
ATOM   482  C  "C3'"  . DC  A 1 16 ? 0.932   6.141   -14.008 1.00 96.50  ? 22  DC  B "C3'"  1 
ATOM   483  O  "O3'"  . DC  A 1 16 ? 1.332   5.339   -15.109 1.00 105.65 ? 22  DC  B "O3'"  1 
ATOM   484  C  "C2'"  . DC  A 1 16 ? -0.553  5.961   -13.655 1.00 88.21  ? 22  DC  B "C2'"  1 
ATOM   485  C  "C1'"  . DC  A 1 16 ? -0.551  5.558   -12.185 1.00 72.34  ? 22  DC  B "C1'"  1 
ATOM   486  N  N1     . DC  A 1 16 ? -1.604  6.234   -11.355 1.00 64.11  ? 22  DC  B N1     1 
ATOM   487  C  C2     . DC  A 1 16 ? -2.844  5.610   -11.161 1.00 69.28  ? 22  DC  B C2     1 
ATOM   488  O  O2     . DC  A 1 16 ? -3.059  4.515   -11.694 1.00 79.97  ? 22  DC  B O2     1 
ATOM   489  N  N3     . DC  A 1 16 ? -3.778  6.227   -10.392 1.00 67.50  ? 22  DC  B N3     1 
ATOM   490  C  C4     . DC  A 1 16 ? -3.508  7.408   -9.833  1.00 70.40  ? 22  DC  B C4     1 
ATOM   491  N  N4     . DC  A 1 16 ? -4.458  7.981   -9.089  1.00 53.68  ? 22  DC  B N4     1 
ATOM   492  C  C5     . DC  A 1 16 ? -2.253  8.055   -10.015 1.00 68.89  ? 22  DC  B C5     1 
ATOM   493  C  C6     . DC  A 1 16 ? -1.339  7.439   -10.773 1.00 68.38  ? 22  DC  B C6     1 
ATOM   494  H  "H5'"  . DC  A 1 16 ? 3.228   6.346   -11.559 1.00 114.19 ? 22  DC  B "H5'"  1 
ATOM   495  H  "H5''" . DC  A 1 16 ? 3.620   6.277   -13.089 1.00 114.19 ? 22  DC  B "H5''" 1 
ATOM   496  H  "H4'"  . DC  A 1 16 ? 1.909   4.790   -12.809 1.00 114.27 ? 22  DC  B "H4'"  1 
ATOM   497  H  "H3'"  . DC  A 1 16 ? 1.111   7.075   -14.201 1.00 115.81 ? 22  DC  B "H3'"  1 
ATOM   498  H  "H2'"  . DC  A 1 16 ? -1.033  6.795   -13.776 1.00 105.87 ? 22  DC  B "H2'"  1 
ATOM   499  H  "H2''" . DC  A 1 16 ? -0.946  5.259   -14.198 1.00 105.87 ? 22  DC  B "H2''" 1 
ATOM   500  H  "H1'"  . DC  A 1 16 ? -0.665  4.596   -12.119 1.00 86.82  ? 22  DC  B "H1'"  1 
ATOM   501  H  H41    . DC  A 1 16 ? -4.311  8.741   -8.714  1.00 64.42  ? 22  DC  B H41    1 
ATOM   502  H  H42    . DC  A 1 16 ? -5.217  7.589   -8.983  1.00 64.42  ? 22  DC  B H42    1 
ATOM   503  H  H5     . DC  A 1 16 ? -2.073  8.877   -9.618  1.00 82.67  ? 22  DC  B H5     1 
ATOM   504  H  H6     . DC  A 1 16 ? -0.509  7.837   -10.906 1.00 82.07  ? 22  DC  B H6     1 
ATOM   505  P  P      . DG  A 1 17 ? 1.029   5.825   -16.609 1.00 107.94 ? 23  DG  B P      1 
ATOM   506  O  OP1    . DG  A 1 17 ? 2.001   5.158   -17.501 1.00 108.35 ? 23  DG  B OP1    1 
ATOM   507  O  OP2    . DG  A 1 17 ? 0.923   7.302   -16.604 1.00 106.08 ? 23  DG  B OP2    1 
ATOM   508  O  "O5'"  . DG  A 1 17 ? -0.421  5.232   -16.906 1.00 86.76  ? 23  DG  B "O5'"  1 
ATOM   509  C  "C5'"  . DG  A 1 17 ? -0.609  3.830   -16.947 1.00 85.32  ? 23  DG  B "C5'"  1 
ATOM   510  C  "C4'"  . DG  A 1 17 ? -2.073  3.495   -17.111 1.00 98.18  ? 23  DG  B "C4'"  1 
ATOM   511  O  "O4'"  . DG  A 1 17 ? -2.820  4.052   -15.996 1.00 97.88  ? 23  DG  B "O4'"  1 
ATOM   512  C  "C3'"  . DG  A 1 17 ? -2.709  4.049   -18.382 1.00 92.51  ? 23  DG  B "C3'"  1 
ATOM   513  O  "O3'"  . DG  A 1 17 ? -3.494  3.044   -19.016 1.00 106.94 ? 23  DG  B "O3'"  1 
ATOM   514  C  "C2'"  . DG  A 1 17 ? -3.538  5.242   -17.900 1.00 77.57  ? 23  DG  B "C2'"  1 
ATOM   515  C  "C1'"  . DG  A 1 17 ? -3.861  4.890   -16.456 1.00 86.90  ? 23  DG  B "C1'"  1 
ATOM   516  N  N9     . DG  A 1 17 ? -3.933  6.044   -15.557 1.00 69.53  ? 23  DG  B N9     1 
ATOM   517  C  C8     . DG  A 1 17 ? -2.975  7.009   -15.377 1.00 67.24  ? 23  DG  B C8     1 
ATOM   518  N  N7     . DG  A 1 17 ? -3.298  7.906   -14.487 1.00 59.50  ? 23  DG  B N7     1 
ATOM   519  C  C5     . DG  A 1 17 ? -4.553  7.512   -14.047 1.00 60.10  ? 23  DG  B C5     1 
ATOM   520  C  C6     . DG  A 1 17 ? -5.405  8.103   -13.084 1.00 74.06  ? 23  DG  B C6     1 
ATOM   521  O  O6     . DG  A 1 17 ? -5.211  9.125   -12.409 1.00 81.23  ? 23  DG  B O6     1 
ATOM   522  N  N1     . DG  A 1 17 ? -6.586  7.386   -12.935 1.00 68.45  ? 23  DG  B N1     1 
ATOM   523  C  C2     . DG  A 1 17 ? -6.905  6.245   -13.627 1.00 71.76  ? 23  DG  B C2     1 
ATOM   524  N  N2     . DG  A 1 17 ? -8.094  5.695   -13.341 1.00 67.11  ? 23  DG  B N2     1 
ATOM   525  N  N3     . DG  A 1 17 ? -6.114  5.679   -14.535 1.00 67.78  ? 23  DG  B N3     1 
ATOM   526  C  C4     . DG  A 1 17 ? -4.959  6.365   -14.691 1.00 61.20  ? 23  DG  B C4     1 
ATOM   527  H  "H5'"  . DG  A 1 17 ? -0.282  3.440   -16.121 1.00 102.39 ? 23  DG  B "H5'"  1 
ATOM   528  H  "H5''" . DG  A 1 17 ? -0.111  3.463   -17.694 1.00 102.39 ? 23  DG  B "H5''" 1 
ATOM   529  H  "H4'"  . DG  A 1 17 ? -2.176  2.531   -17.105 1.00 117.82 ? 23  DG  B "H4'"  1 
ATOM   530  H  "H3'"  . DG  A 1 17 ? -2.017  4.355   -18.988 1.00 111.02 ? 23  DG  B "H3'"  1 
ATOM   531  H  "H2'"  . DG  A 1 17 ? -3.018  6.059   -17.945 1.00 93.09  ? 23  DG  B "H2'"  1 
ATOM   532  H  "H2''" . DG  A 1 17 ? -4.352  5.324   -18.421 1.00 93.09  ? 23  DG  B "H2''" 1 
ATOM   533  H  "H1'"  . DG  A 1 17 ? -4.700  4.405   -16.424 1.00 104.29 ? 23  DG  B "H1'"  1 
ATOM   534  H  H8     . DG  A 1 17 ? -2.168  7.019   -15.840 1.00 80.70  ? 23  DG  B H8     1 
ATOM   535  H  H1     . DG  A 1 17 ? -7.162  7.680   -12.368 1.00 82.14  ? 23  DG  B H1     1 
ATOM   536  H  H21    . DG  A 1 17 ? -8.344  4.979   -13.747 1.00 80.54  ? 23  DG  B H21    1 
ATOM   537  H  H22    . DG  A 1 17 ? -8.604  6.057   -12.753 1.00 80.54  ? 23  DG  B H22    1 
ATOM   538  P  P      . DA  A 1 18 ? -4.421  3.406   -20.273 1.00 112.13 ? 24  DA  B P      1 
ATOM   539  O  OP1    . DA  A 1 18 ? -4.358  2.274   -21.226 1.00 103.61 ? 24  DA  B OP1    1 
ATOM   540  O  OP2    . DA  A 1 18 ? -4.052  4.766   -20.728 1.00 99.23  ? 24  DA  B OP2    1 
ATOM   541  O  "O5'"  . DA  A 1 18 ? -5.882  3.491   -19.635 1.00 92.99  ? 24  DA  B "O5'"  1 
ATOM   542  C  "C5'"  . DA  A 1 18 ? -6.971  3.897   -20.432 1.00 90.07  ? 24  DA  B "C5'"  1 
ATOM   543  C  "C4'"  . DA  A 1 18 ? -8.171  4.260   -19.582 1.00 92.10  ? 24  DA  B "C4'"  1 
ATOM   544  O  "O4'"  . DA  A 1 18 ? -7.732  5.000   -18.409 1.00 90.75  ? 24  DA  B "O4'"  1 
ATOM   545  C  "C3'"  . DA  A 1 18 ? -9.195  5.140   -20.297 1.00 98.04  ? 24  DA  B "C3'"  1 
ATOM   546  O  "O3'"  . DA  A 1 18 ? -10.500 4.585   -20.193 1.00 97.06  ? 24  DA  B "O3'"  1 
ATOM   547  C  "C2'"  . DA  A 1 18 ? -9.076  6.500   -19.609 1.00 92.35  ? 24  DA  B "C2'"  1 
ATOM   548  C  "C1'"  . DA  A 1 18 ? -8.523  6.156   -18.237 1.00 82.13  ? 24  DA  B "C1'"  1 
ATOM   549  N  N9     . DA  A 1 18 ? -7.686  7.208   -17.660 1.00 80.98  ? 24  DA  B N9     1 
ATOM   550  C  C8     . DA  A 1 18 ? -6.408  7.530   -18.020 1.00 85.40  ? 24  DA  B C8     1 
ATOM   551  N  N7     . DA  A 1 18 ? -5.893  8.520   -17.324 1.00 80.30  ? 24  DA  B N7     1 
ATOM   552  C  C5     . DA  A 1 18 ? -6.904  8.872   -16.445 1.00 69.64  ? 24  DA  B C5     1 
ATOM   553  C  C6     . DA  A 1 18 ? -6.988  9.854   -15.436 1.00 70.74  ? 24  DA  B C6     1 
ATOM   554  N  N6     . DA  A 1 18 ? -5.993  10.702  -15.143 1.00 74.79  ? 24  DA  B N6     1 
ATOM   555  N  N1     . DA  A 1 18 ? -8.142  9.939   -14.744 1.00 71.76  ? 24  DA  B N1     1 
ATOM   556  C  C2     . DA  A 1 18 ? -9.139  9.095   -15.043 1.00 71.06  ? 24  DA  B C2     1 
ATOM   557  N  N3     . DA  A 1 18 ? -9.177  8.133   -15.966 1.00 71.10  ? 24  DA  B N3     1 
ATOM   558  C  C4     . DA  A 1 18 ? -8.018  8.072   -16.639 1.00 72.62  ? 24  DA  B C4     1 
ATOM   559  H  "H5'"  . DA  A 1 18 ? -7.212  3.174   -21.032 1.00 108.10 ? 24  DA  B "H5'"  1 
ATOM   560  H  "H5''" . DA  A 1 18 ? -6.708  4.670   -20.958 1.00 108.10 ? 24  DA  B "H5''" 1 
ATOM   561  H  "H4'"  . DA  A 1 18 ? -8.608  3.444   -19.292 1.00 110.53 ? 24  DA  B "H4'"  1 
ATOM   562  H  "H3'"  . DA  A 1 18 ? -8.952  5.227   -21.232 1.00 117.66 ? 24  DA  B "H3'"  1 
ATOM   563  H  "H2'"  . DA  A 1 18 ? -8.460  7.074   -20.091 1.00 110.82 ? 24  DA  B "H2'"  1 
ATOM   564  H  "H2''" . DA  A 1 18 ? -9.946  6.920   -19.531 1.00 110.82 ? 24  DA  B "H2''" 1 
ATOM   565  H  "H1'"  . DA  A 1 18 ? -9.256  5.959   -17.634 1.00 98.56  ? 24  DA  B "H1'"  1 
ATOM   566  H  H8     . DA  A 1 18 ? -5.946  7.090   -18.696 1.00 102.49 ? 24  DA  B H8     1 
ATOM   567  H  H61    . DA  A 1 18 ? -6.095  11.288  -14.521 1.00 89.76  ? 24  DA  B H61    1 
ATOM   568  H  H62    . DA  A 1 18 ? -5.251  10.661  -15.577 1.00 89.76  ? 24  DA  B H62    1 
ATOM   569  H  H2     . DA  A 1 18 ? -9.912  9.194   -14.537 1.00 85.28  ? 24  DA  B H2     1 
ATOM   570  P  P      . DC  A 1 19 ? -11.653 5.053   -21.208 1.00 112.18 ? 25  DC  B P      1 
ATOM   571  O  OP1    . DC  A 1 19 ? -12.765 4.079   -21.116 1.00 120.38 ? 25  DC  B OP1    1 
ATOM   572  O  OP2    . DC  A 1 19 ? -11.032 5.348   -22.516 1.00 103.60 ? 25  DC  B OP2    1 
ATOM   573  O  "O5'"  . DC  A 1 19 ? -12.162 6.426   -20.581 1.00 91.91  ? 25  DC  B "O5'"  1 
ATOM   574  C  "C5'"  . DC  A 1 19 ? -12.731 6.414   -19.294 1.00 100.16 ? 25  DC  B "C5'"  1 
ATOM   575  C  "C4'"  . DC  A 1 19 ? -12.917 7.818   -18.758 1.00 101.02 ? 25  DC  B "C4'"  1 
ATOM   576  O  "O4'"  . DC  A 1 19 ? -11.657 8.364   -18.343 1.00 84.96  ? 25  DC  B "O4'"  1 
ATOM   577  C  "C3'"  . DC  A 1 19 ? -13.457 8.837   -19.754 1.00 101.77 ? 25  DC  B "C3'"  1 
ATOM   578  O  "O3'"  . DC  A 1 19 ? -14.875 8.895   -19.668 1.00 102.96 ? 25  DC  B "O3'"  1 
ATOM   579  C  "C2'"  . DC  A 1 19 ? -12.773 10.159  -19.336 1.00 92.48  ? 25  DC  B "C2'"  1 
ATOM   580  C  "C1'"  . DC  A 1 19 ? -11.850 9.742   -18.187 1.00 86.99  ? 25  DC  B "C1'"  1 
ATOM   581  N  N1     . DC  A 1 19 ? -10.502 10.428  -18.139 1.00 69.40  ? 25  DC  B N1     1 
ATOM   582  C  C2     . DC  A 1 19 ? -10.263 11.391  -17.153 1.00 70.59  ? 25  DC  B C2     1 
ATOM   583  O  O2     . DC  A 1 19 ? -11.167 11.678  -16.360 1.00 77.20  ? 25  DC  B O2     1 
ATOM   584  N  N3     . DC  A 1 19 ? -9.051  11.992  -17.093 1.00 62.54  ? 25  DC  B N3     1 
ATOM   585  C  C4     . DC  A 1 19 ? -8.098  11.660  -17.959 1.00 68.02  ? 25  DC  B C4     1 
ATOM   586  N  N4     . DC  A 1 19 ? -6.922  12.290  -17.859 1.00 68.83  ? 25  DC  B N4     1 
ATOM   587  C  C5     . DC  A 1 19 ? -8.310  10.675  -18.970 1.00 73.21  ? 25  DC  B C5     1 
ATOM   588  C  C6     . DC  A 1 19 ? -9.515  10.084  -19.021 1.00 70.42  ? 25  DC  B C6     1 
ATOM   589  H  "H5'"  . DC  A 1 19 ? -12.150 5.921   -18.695 1.00 120.20 ? 25  DC  B "H5'"  1 
ATOM   590  H  "H5''" . DC  A 1 19 ? -13.594 5.973   -19.333 1.00 120.20 ? 25  DC  B "H5''" 1 
ATOM   591  H  "H4'"  . DC  A 1 19 ? -13.512 7.785   -17.993 1.00 121.23 ? 25  DC  B "H4'"  1 
ATOM   592  H  "H3'"  . DC  A 1 19 ? -13.188 8.594   -20.654 1.00 122.13 ? 25  DC  B "H3'"  1 
ATOM   593  H  "H2'"  . DC  A 1 19 ? -12.257 10.523  -20.073 1.00 110.99 ? 25  DC  B "H2'"  1 
ATOM   594  H  "H2''" . DC  A 1 19 ? -13.432 10.802  -19.029 1.00 110.99 ? 25  DC  B "H2''" 1 
ATOM   595  H  "H1'"  . DC  A 1 19 ? -12.308 9.899   -17.346 1.00 104.39 ? 25  DC  B "H1'"  1 
ATOM   596  H  H41    . DC  A 1 19 ? -6.284  12.100  -18.405 1.00 82.60  ? 25  DC  B H41    1 
ATOM   597  H  H42    . DC  A 1 19 ? -6.803  12.886  -17.251 1.00 82.60  ? 25  DC  B H42    1 
ATOM   598  H  H5     . DC  A 1 19 ? -7.638  10.450  -19.573 1.00 87.86  ? 25  DC  B H5     1 
ATOM   599  H  H6     . DC  A 1 19 ? -9.683  9.439   -19.670 1.00 84.52  ? 25  DC  B H6     1 
ATOM   600  P  P      . DT  A 1 20 ? -15.710 9.897   -20.601 1.00 118.38 ? 26  DT  B P      1 
ATOM   601  O  OP1    . DT  A 1 20 ? -17.084 9.352   -20.700 1.00 115.52 ? 26  DT  B OP1    1 
ATOM   602  O  OP2    . DT  A 1 20 ? -14.926 10.131  -21.837 1.00 113.07 ? 26  DT  B OP2    1 
ATOM   603  O  "O5'"  . DT  A 1 20 ? -15.736 11.254  -19.754 1.00 107.31 ? 26  DT  B "O5'"  1 
ATOM   604  C  "C5'"  . DT  A 1 20 ? -16.060 11.209  -18.372 1.00 100.27 ? 26  DT  B "C5'"  1 
ATOM   605  C  "C4'"  . DT  A 1 20 ? -16.151 12.604  -17.775 1.00 112.95 ? 26  DT  B "C4'"  1 
ATOM   606  O  "O4'"  . DT  A 1 20 ? -14.819 13.064  -17.410 1.00 106.04 ? 26  DT  B "O4'"  1 
ATOM   607  C  "C3'"  . DT  A 1 20 ? -16.728 13.679  -18.701 1.00 117.49 ? 26  DT  B "C3'"  1 
ATOM   608  O  "O3'"  . DT  A 1 20 ? -17.643 14.512  -17.978 1.00 120.37 ? 26  DT  B "O3'"  1 
ATOM   609  C  "C2'"  . DT  A 1 20 ? -15.484 14.433  -19.178 1.00 109.56 ? 26  DT  B "C2'"  1 
ATOM   610  C  "C1'"  . DT  A 1 20 ? -14.589 14.349  -17.954 1.00 107.57 ? 26  DT  B "C1'"  1 
ATOM   611  N  N1     . DT  A 1 20 ? -13.106 14.500  -18.208 1.00 94.16  ? 26  DT  B N1     1 
ATOM   612  C  C2     . DT  A 1 20 ? -12.366 15.291  -17.356 1.00 97.33  ? 26  DT  B C2     1 
ATOM   613  O  O2     . DT  A 1 20 ? -12.854 15.903  -16.424 1.00 111.18 ? 26  DT  B O2     1 
ATOM   614  N  N3     . DT  A 1 20 ? -11.028 15.348  -17.640 1.00 85.32  ? 26  DT  B N3     1 
ATOM   615  C  C4     . DT  A 1 20 ? -10.363 14.704  -18.664 1.00 81.14  ? 26  DT  B C4     1 
ATOM   616  O  O4     . DT  A 1 20 ? -9.152  14.820  -18.837 1.00 74.07  ? 26  DT  B O4     1 
ATOM   617  C  C5     . DT  A 1 20 ? -11.189 13.883  -19.516 1.00 77.23  ? 26  DT  B C5     1 
ATOM   618  C  C7     . DT  A 1 20 ? -10.569 13.137  -20.656 1.00 67.86  ? 26  DT  B C7     1 
ATOM   619  C  C6     . DT  A 1 20 ? -12.507 13.814  -19.249 1.00 81.34  ? 26  DT  B C6     1 
ATOM   620  H  "H5'"  . DT  A 1 20 ? -15.375 10.708  -17.901 1.00 120.33 ? 26  DT  B "H5'"  1 
ATOM   621  H  "H5''" . DT  A 1 20 ? -16.913 10.761  -18.260 1.00 120.33 ? 26  DT  B "H5''" 1 
ATOM   622  H  "H4'"  . DT  A 1 20 ? -16.695 12.563  -16.973 1.00 135.55 ? 26  DT  B "H4'"  1 
ATOM   623  H  "H3'"  . DT  A 1 20 ? -17.175 13.264  -19.455 1.00 140.99 ? 26  DT  B "H3'"  1 
ATOM   624  H  "H2'"  . DT  A 1 20 ? -15.077 13.986  -19.936 1.00 131.48 ? 26  DT  B "H2'"  1 
ATOM   625  H  "H2''" . DT  A 1 20 ? -15.697 15.355  -19.388 1.00 131.48 ? 26  DT  B "H2''" 1 
ATOM   626  H  "H1'"  . DT  A 1 20 ? -14.870 15.019  -17.311 1.00 129.10 ? 26  DT  B "H1'"  1 
ATOM   627  H  H3     . DT  A 1 20 ? -10.548 15.839  -17.121 1.00 102.40 ? 26  DT  B H3     1 
ATOM   628  H  H71    . DT  A 1 20 ? -10.719 12.185  -20.540 1.00 81.44  ? 26  DT  B H71    1 
ATOM   629  H  H72    . DT  A 1 20 ? -10.971 13.428  -21.490 1.00 81.44  ? 26  DT  B H72    1 
ATOM   630  H  H73    . DT  A 1 20 ? -9.615  13.314  -20.679 1.00 81.44  ? 26  DT  B H73    1 
ATOM   631  H  H6     . DT  A 1 20 ? -13.042 13.288  -19.798 1.00 97.61  ? 26  DT  B H6     1 
ATOM   632  P  P      . DC  A 1 21 ? -18.245 15.845  -18.642 1.00 129.01 ? 27  DC  B P      1 
ATOM   633  O  OP1    . DC  A 1 21 ? -19.501 16.180  -17.933 1.00 137.00 ? 27  DC  B OP1    1 
ATOM   634  O  OP2    . DC  A 1 21 ? -18.246 15.661  -20.110 1.00 130.02 ? 27  DC  B OP2    1 
ATOM   635  O  "O5'"  . DC  A 1 21 ? -17.164 16.967  -18.289 1.00 119.62 ? 27  DC  B "O5'"  1 
ATOM   636  C  "C5'"  . DC  A 1 21 ? -17.023 17.420  -16.950 1.00 117.34 ? 27  DC  B "C5'"  1 
ATOM   637  C  "C4'"  . DC  A 1 21 ? -16.390 18.795  -16.916 1.00 121.02 ? 27  DC  B "C4'"  1 
ATOM   638  O  "O4'"  . DC  A 1 21 ? -14.982 18.684  -17.286 1.00 117.21 ? 27  DC  B "O4'"  1 
ATOM   639  C  "C3'"  . DC  A 1 21 ? -17.003 19.797  -17.896 1.00 129.21 ? 27  DC  B "C3'"  1 
ATOM   640  O  "O3'"  . DC  A 1 21 ? -17.081 21.100  -17.317 1.00 140.41 ? 27  DC  B "O3'"  1 
ATOM   641  C  "C2'"  . DC  A 1 21 ? -16.050 19.735  -19.082 1.00 114.29 ? 27  DC  B "C2'"  1 
ATOM   642  C  "C1'"  . DC  A 1 21 ? -14.710 19.519  -18.393 1.00 104.47 ? 27  DC  B "C1'"  1 
ATOM   643  N  N1     . DC  A 1 21 ? -13.625 18.879  -19.249 1.00 97.76  ? 27  DC  B N1     1 
ATOM   644  C  C2     . DC  A 1 21 ? -12.290 19.054  -18.881 1.00 98.25  ? 27  DC  B C2     1 
ATOM   645  O  O2     . DC  A 1 21 ? -12.027 19.721  -17.873 1.00 96.19  ? 27  DC  B O2     1 
ATOM   646  N  N3     . DC  A 1 21 ? -11.312 18.495  -19.640 1.00 94.58  ? 27  DC  B N3     1 
ATOM   647  C  C4     . DC  A 1 21 ? -11.626 17.783  -20.720 1.00 100.15 ? 27  DC  B C4     1 
ATOM   648  N  N4     . DC  A 1 21 ? -10.621 17.253  -21.434 1.00 85.82  ? 27  DC  B N4     1 
ATOM   649  C  C5     . DC  A 1 21 ? -12.984 17.588  -21.120 1.00 96.63  ? 27  DC  B C5     1 
ATOM   650  C  C6     . DC  A 1 21 ? -13.943 18.147  -20.364 1.00 94.97  ? 27  DC  B C6     1 
ATOM   651  H  "H5'"  . DC  A 1 21 ? -16.461 16.798  -16.460 1.00 140.82 ? 27  DC  B "H5'"  1 
ATOM   652  H  "H5''" . DC  A 1 21 ? -17.896 17.459  -16.532 1.00 140.82 ? 27  DC  B "H5''" 1 
ATOM   653  H  "H4'"  . DC  A 1 21 ? -16.455 19.152  -16.018 1.00 145.24 ? 27  DC  B "H4'"  1 
ATOM   654  H  "H3'"  . DC  A 1 21 ? -17.886 19.499  -18.164 1.00 155.06 ? 27  DC  B "H3'"  1 
ATOM   655  H  "HO3'" . DC  A 1 21 ? -17.826 21.478  -17.230 1.00 168.49 ? 27  DC  B "HO3'" 1 
ATOM   656  H  "H2'"  . DC  A 1 21 ? -16.266 18.987  -19.661 1.00 137.16 ? 27  DC  B "H2'"  1 
ATOM   657  H  "H2''" . DC  A 1 21 ? -16.056 20.570  -19.575 1.00 137.16 ? 27  DC  B "H2''" 1 
ATOM   658  H  "H1'"  . DC  A 1 21 ? -14.386 20.374  -18.067 1.00 125.38 ? 27  DC  B "H1'"  1 
ATOM   659  H  H41    . DC  A 1 21 ? -10.791 16.788  -22.137 1.00 102.99 ? 27  DC  B H41    1 
ATOM   660  H  H42    . DC  A 1 21 ? -9.806  17.376  -21.187 1.00 102.99 ? 27  DC  B H42    1 
ATOM   661  H  H5     . DC  A 1 21 ? -13.196 17.091  -21.876 1.00 115.96 ? 27  DC  B H5     1 
ATOM   662  H  H6     . DC  A 1 21 ? -14.835 18.038  -20.600 1.00 113.98 ? 27  DC  B H6     1 
ATOM   663  O  "O5'"  . DT  B 2 1  ? -4.402  17.612  -30.239 1.00 132.82 ? 28  DT  C "O5'"  1 
ATOM   664  C  "C5'"  . DT  B 2 1  ? -3.511  17.545  -29.127 1.00 133.89 ? 28  DT  C "C5'"  1 
ATOM   665  C  "C4'"  . DT  B 2 1  ? -2.885  18.901  -28.852 1.00 126.10 ? 28  DT  C "C4'"  1 
ATOM   666  O  "O4'"  . DT  B 2 1  ? -3.869  19.929  -29.095 1.00 113.28 ? 28  DT  C "O4'"  1 
ATOM   667  C  "C3'"  . DT  B 2 1  ? -2.391  19.096  -27.422 1.00 124.94 ? 28  DT  C "C3'"  1 
ATOM   668  O  "O3'"  . DT  B 2 1  ? -0.988  18.846  -27.348 1.00 126.69 ? 28  DT  C "O3'"  1 
ATOM   669  C  "C2'"  . DT  B 2 1  ? -2.733  20.549  -27.097 1.00 119.84 ? 28  DT  C "C2'"  1 
ATOM   670  C  "C1'"  . DT  B 2 1  ? -3.844  20.912  -28.080 1.00 111.89 ? 28  DT  C "C1'"  1 
ATOM   671  N  N1     . DT  B 2 1  ? -5.217  20.991  -27.482 1.00 107.77 ? 28  DT  C N1     1 
ATOM   672  C  C2     . DT  B 2 1  ? -5.482  21.928  -26.509 1.00 107.68 ? 28  DT  C C2     1 
ATOM   673  O  O2     . DT  B 2 1  ? -4.641  22.690  -26.067 1.00 113.09 ? 28  DT  C O2     1 
ATOM   674  N  N3     . DT  B 2 1  ? -6.774  21.931  -26.055 1.00 98.48  ? 28  DT  C N3     1 
ATOM   675  C  C4     . DT  B 2 1  ? -7.810  21.118  -26.477 1.00 95.14  ? 28  DT  C C4     1 
ATOM   676  O  O4     . DT  B 2 1  ? -8.940  21.197  -26.008 1.00 100.37 ? 28  DT  C O4     1 
ATOM   677  C  C5     . DT  B 2 1  ? -7.468  20.169  -27.509 1.00 97.54  ? 28  DT  C C5     1 
ATOM   678  C  C7     . DT  B 2 1  ? -8.508  19.231  -28.046 1.00 105.67 ? 28  DT  C C7     1 
ATOM   679  C  C6     . DT  B 2 1  ? -6.205  20.155  -27.961 1.00 103.38 ? 28  DT  C C6     1 
ATOM   680  H  "H5'"  . DT  B 2 1  ? -2.810  16.903  -29.320 1.00 160.67 ? 28  DT  C "H5'"  1 
ATOM   681  H  "H5''" . DT  B 2 1  ? -4.001  17.256  -28.342 1.00 160.67 ? 28  DT  C "H5''" 1 
ATOM   682  H  "H4'"  . DT  B 2 1  ? -2.140  19.029  -29.460 1.00 151.32 ? 28  DT  C "H4'"  1 
ATOM   683  H  "H3'"  . DT  B 2 1  ? -2.868  18.501  -26.823 1.00 149.94 ? 28  DT  C "H3'"  1 
ATOM   684  H  "H2'"  . DT  B 2 1  ? -3.051  20.625  -26.184 1.00 143.82 ? 28  DT  C "H2'"  1 
ATOM   685  H  "H2''" . DT  B 2 1  ? -1.960  21.117  -27.237 1.00 143.82 ? 28  DT  C "H2''" 1 
ATOM   686  H  "H1'"  . DT  B 2 1  ? -3.633  21.768  -28.483 1.00 134.28 ? 28  DT  C "H1'"  1 
ATOM   687  H  H3     . DT  B 2 1  ? -6.963  22.504  -25.441 1.00 118.18 ? 28  DT  C H3     1 
ATOM   688  H  H71    . DT  B 2 1  ? -9.352  19.392  -27.595 1.00 126.81 ? 28  DT  C H71    1 
ATOM   689  H  H72    . DT  B 2 1  ? -8.617  19.380  -28.998 1.00 126.81 ? 28  DT  C H72    1 
ATOM   690  H  H73    . DT  B 2 1  ? -8.229  18.316  -27.891 1.00 126.81 ? 28  DT  C H73    1 
ATOM   691  H  H6     . DT  B 2 1  ? -5.982  19.543  -28.626 1.00 124.07 ? 28  DT  C H6     1 
ATOM   692  H  "HO5'" . DT  B 2 1  ? -4.882  18.293  -30.351 1.00 159.39 ? 28  DT  C "HO5'" 1 
ATOM   693  P  P      . DC  B 2 2  ? -0.294  18.477  -25.947 1.00 137.56 ? 29  DC  C P      1 
ATOM   694  O  OP1    . DC  B 2 2  ? 1.172   18.552  -26.144 1.00 132.64 ? 29  DC  C OP1    1 
ATOM   695  O  OP2    . DC  B 2 2  ? -0.910  17.225  -25.454 1.00 131.47 ? 29  DC  C OP2    1 
ATOM   696  O  "O5'"  . DC  B 2 2  ? -0.748  19.657  -24.970 1.00 133.29 ? 29  DC  C "O5'"  1 
ATOM   697  C  "C5'"  . DC  B 2 2  ? 0.226   20.410  -24.253 1.00 136.42 ? 29  DC  C "C5'"  1 
ATOM   698  C  "C4'"  . DC  B 2 2  ? -0.446  21.411  -23.328 1.00 132.52 ? 29  DC  C "C4'"  1 
ATOM   699  O  "O4'"  . DC  B 2 2  ? -1.845  21.555  -23.714 1.00 124.96 ? 29  DC  C "O4'"  1 
ATOM   700  C  "C3'"  . DC  B 2 2  ? -0.447  21.020  -21.846 1.00 125.42 ? 29  DC  C "C3'"  1 
ATOM   701  O  "O3'"  . DC  B 2 2  ? -0.030  22.113  -21.030 1.00 125.64 ? 29  DC  C "O3'"  1 
ATOM   702  C  "C2'"  . DC  B 2 2  ? -1.891  20.616  -21.575 1.00 120.50 ? 29  DC  C "C2'"  1 
ATOM   703  C  "C1'"  . DC  B 2 2  ? -2.672  21.444  -22.574 1.00 113.19 ? 29  DC  C "C1'"  1 
ATOM   704  N  N1     . DC  B 2 2  ? -3.979  20.825  -22.967 1.00 104.36 ? 29  DC  C N1     1 
ATOM   705  C  C2     . DC  B 2 2  ? -5.174  21.296  -22.404 1.00 101.20 ? 29  DC  C C2     1 
ATOM   706  O  O2     . DC  B 2 2  ? -5.135  22.232  -21.596 1.00 101.56 ? 29  DC  C O2     1 
ATOM   707  N  N3     . DC  B 2 2  ? -6.345  20.713  -22.768 1.00 94.56  ? 29  DC  C N3     1 
ATOM   708  C  C4     . DC  B 2 2  ? -6.347  19.706  -23.641 1.00 96.30  ? 29  DC  C C4     1 
ATOM   709  N  N4     . DC  B 2 2  ? -7.525  19.163  -23.969 1.00 95.70  ? 29  DC  C N4     1 
ATOM   710  C  C5     . DC  B 2 2  ? -5.143  19.210  -24.219 1.00 103.58 ? 29  DC  C C5     1 
ATOM   711  C  C6     . DC  B 2 2  ? -3.994  19.789  -23.854 1.00 104.07 ? 29  DC  C C6     1 
ATOM   712  H  "H5'"  . DC  B 2 2  ? 0.790   20.885  -24.882 1.00 163.71 ? 29  DC  C "H5'"  1 
ATOM   713  H  "H5''" . DC  B 2 2  ? 0.772   19.805  -23.727 1.00 163.71 ? 29  DC  C "H5''" 1 
ATOM   714  H  "H4'"  . DC  B 2 2  ? -0.005  22.270  -23.425 1.00 159.04 ? 29  DC  C "H4'"  1 
ATOM   715  H  "H3'"  . DC  B 2 2  ? 0.140   20.260  -21.706 1.00 150.51 ? 29  DC  C "H3'"  1 
ATOM   716  H  "H2'"  . DC  B 2 2  ? -2.019  19.669  -21.741 1.00 144.61 ? 29  DC  C "H2'"  1 
ATOM   717  H  "H2''" . DC  B 2 2  ? -2.146  20.844  -20.667 1.00 144.61 ? 29  DC  C "H2''" 1 
ATOM   718  H  "H1'"  . DC  B 2 2  ? -2.832  22.328  -22.206 1.00 135.84 ? 29  DC  C "H1'"  1 
ATOM   719  H  H41    . DC  B 2 2  ? -7.557  18.512  -24.530 1.00 114.85 ? 29  DC  C H41    1 
ATOM   720  H  H42    . DC  B 2 2  ? -8.250  19.464  -23.617 1.00 114.85 ? 29  DC  C H42    1 
ATOM   721  H  H5     . DC  B 2 2  ? -5.154  18.507  -24.829 1.00 124.31 ? 29  DC  C H5     1 
ATOM   722  H  H6     . DC  B 2 2  ? -3.193  19.487  -24.217 1.00 124.89 ? 29  DC  C H6     1 
ATOM   723  P  P      . DG  B 2 3  ? 0.245   21.891  -19.462 1.00 140.18 ? 30  DG  C P      1 
ATOM   724  O  OP1    . DG  B 2 3  ? 1.699   22.049  -19.236 1.00 144.12 ? 30  DG  C OP1    1 
ATOM   725  O  OP2    . DG  B 2 3  ? -0.424  20.635  -19.052 1.00 125.45 ? 30  DG  C OP2    1 
ATOM   726  O  "O5'"  . DG  B 2 3  ? -0.514  23.115  -18.762 1.00 140.17 ? 30  DG  C "O5'"  1 
ATOM   727  C  "C5'"  . DG  B 2 3  ? -1.880  23.378  -19.071 1.00 128.05 ? 30  DG  C "C5'"  1 
ATOM   728  C  "C4'"  . DG  B 2 3  ? -2.775  23.163  -17.860 1.00 127.54 ? 30  DG  C "C4'"  1 
ATOM   729  O  "O4'"  . DG  B 2 3  ? -4.021  22.581  -18.305 1.00 121.89 ? 30  DG  C "O4'"  1 
ATOM   730  C  "C3'"  . DG  B 2 3  ? -2.200  22.241  -16.785 1.00 125.97 ? 30  DG  C "C3'"  1 
ATOM   731  O  "O3'"  . DG  B 2 3  ? -1.955  22.989  -15.583 1.00 131.18 ? 30  DG  C "O3'"  1 
ATOM   732  C  "C2'"  . DG  B 2 3  ? -3.242  21.136  -16.582 1.00 115.32 ? 30  DG  C "C2'"  1 
ATOM   733  C  "C1'"  . DG  B 2 3  ? -4.413  21.499  -17.493 1.00 104.32 ? 30  DG  C "C1'"  1 
ATOM   734  N  N9     . DG  B 2 3  ? -4.847  20.419  -18.383 1.00 90.09  ? 30  DG  C N9     1 
ATOM   735  C  C8     . DG  B 2 3  ? -4.061  19.644  -19.202 1.00 89.25  ? 30  DG  C C8     1 
ATOM   736  N  N7     . DG  B 2 3  ? -4.739  18.777  -19.906 1.00 81.31  ? 30  DG  C N7     1 
ATOM   737  C  C5     . DG  B 2 3  ? -6.059  19.000  -19.537 1.00 79.74  ? 30  DG  C C5     1 
ATOM   738  C  C6     . DG  B 2 3  ? -7.247  18.363  -19.967 1.00 77.47  ? 30  DG  C C6     1 
ATOM   739  O  O6     . DG  B 2 3  ? -7.371  17.444  -20.788 1.00 83.31  ? 30  DG  C O6     1 
ATOM   740  N  N1     . DG  B 2 3  ? -8.371  18.898  -19.340 1.00 77.96  ? 30  DG  C N1     1 
ATOM   741  C  C2     . DG  B 2 3  ? -8.346  19.919  -18.415 1.00 81.42  ? 30  DG  C C2     1 
ATOM   742  N  N2     . DG  B 2 3  ? -9.525  20.307  -17.917 1.00 81.66  ? 30  DG  C N2     1 
ATOM   743  N  N3     . DG  B 2 3  ? -7.240  20.521  -18.007 1.00 82.30  ? 30  DG  C N3     1 
ATOM   744  C  C4     . DG  B 2 3  ? -6.140  20.013  -18.606 1.00 83.36  ? 30  DG  C C4     1 
ATOM   745  H  "H5'"  . DG  B 2 3  ? -2.162  22.784  -19.784 1.00 153.67 ? 30  DG  C "H5'"  1 
ATOM   746  H  "H5''" . DG  B 2 3  ? -1.966  24.297  -19.370 1.00 153.67 ? 30  DG  C "H5''" 1 
ATOM   747  H  "H4'"  . DG  B 2 3  ? -2.963  24.025  -17.459 1.00 153.06 ? 30  DG  C "H4'"  1 
ATOM   748  H  "H3'"  . DG  B 2 3  ? -1.370  21.851  -17.100 1.00 151.18 ? 30  DG  C "H3'"  1 
ATOM   749  H  "H2'"  . DG  B 2 3  ? -2.872  20.277  -16.838 1.00 138.39 ? 30  DG  C "H2'"  1 
ATOM   750  H  "H2''" . DG  B 2 3  ? -3.532  21.114  -15.657 1.00 138.39 ? 30  DG  C "H2''" 1 
ATOM   751  H  "H1'"  . DG  B 2 3  ? -5.164  21.774  -16.943 1.00 125.19 ? 30  DG  C "H1'"  1 
ATOM   752  H  H8     . DG  B 2 3  ? -3.135  19.724  -19.247 1.00 107.11 ? 30  DG  C H8     1 
ATOM   753  H  H1     . DG  B 2 3  ? -9.138  18.567  -19.545 1.00 93.56  ? 30  DG  C H1     1 
ATOM   754  H  H21    . DG  B 2 3  ? -9.561  20.941  -17.338 1.00 98.00  ? 30  DG  C H21    1 
ATOM   755  H  H22    . DG  B 2 3  ? -10.249 19.921  -18.178 1.00 98.00  ? 30  DG  C H22    1 
ATOM   756  P  P      . DA  B 2 4  ? -1.501  22.251  -14.228 1.00 144.95 ? 31  DA  C P      1 
ATOM   757  O  OP1    . DA  B 2 4  ? -0.760  23.235  -13.408 1.00 133.03 ? 31  DA  C OP1    1 
ATOM   758  O  OP2    . DA  B 2 4  ? -0.856  20.971  -14.599 1.00 127.12 ? 31  DA  C OP2    1 
ATOM   759  O  "O5'"  . DA  B 2 4  ? -2.883  21.915  -13.495 1.00 122.88 ? 31  DA  C "O5'"  1 
ATOM   760  C  "C5'"  . DA  B 2 4  ? -3.793  22.963  -13.176 1.00 125.56 ? 31  DA  C "C5'"  1 
ATOM   761  C  "C4'"  . DA  B 2 4  ? -5.115  22.408  -12.673 1.00 127.30 ? 31  DA  C "C4'"  1 
ATOM   762  O  "O4'"  . DA  B 2 4  ? -5.726  21.591  -13.716 1.00 116.75 ? 31  DA  C "O4'"  1 
ATOM   763  C  "C3'"  . DA  B 2 4  ? -5.011  21.511  -11.436 1.00 115.85 ? 31  DA  C "C3'"  1 
ATOM   764  O  "O3'"  . DA  B 2 4  ? -6.063  21.812  -10.510 1.00 115.11 ? 31  DA  C "O3'"  1 
ATOM   765  C  "C2'"  . DA  B 2 4  ? -5.114  20.102  -12.017 1.00 105.58 ? 31  DA  C "C2'"  1 
ATOM   766  C  "C1'"  . DA  B 2 4  ? -6.035  20.308  -13.210 1.00 97.13  ? 31  DA  C "C1'"  1 
ATOM   767  N  N9     . DA  B 2 4  ? -5.866  19.322  -14.282 1.00 83.05  ? 31  DA  C N9     1 
ATOM   768  C  C8     . DA  B 2 4  ? -4.694  18.940  -14.873 1.00 88.70  ? 31  DA  C C8     1 
ATOM   769  N  N7     . DA  B 2 4  ? -4.843  18.040  -15.818 1.00 75.64  ? 31  DA  C N7     1 
ATOM   770  C  C5     . DA  B 2 4  ? -6.207  17.810  -15.848 1.00 74.42  ? 31  DA  C C5     1 
ATOM   771  C  C6     . DA  B 2 4  ? -7.005  16.958  -16.634 1.00 69.46  ? 31  DA  C C6     1 
ATOM   772  N  N6     . DA  B 2 4  ? -6.507  16.148  -17.575 1.00 67.73  ? 31  DA  C N6     1 
ATOM   773  N  N1     . DA  B 2 4  ? -8.335  16.968  -16.413 1.00 70.78  ? 31  DA  C N1     1 
ATOM   774  C  C2     . DA  B 2 4  ? -8.827  17.781  -15.468 1.00 76.42  ? 31  DA  C C2     1 
ATOM   775  N  N3     . DA  B 2 4  ? -8.176  18.628  -14.666 1.00 73.73  ? 31  DA  C N3     1 
ATOM   776  C  C4     . DA  B 2 4  ? -6.856  18.595  -14.910 1.00 78.23  ? 31  DA  C C4     1 
ATOM   777  H  "H5'"  . DA  B 2 4  ? -3.954  23.497  -13.971 1.00 150.69 ? 31  DA  C "H5'"  1 
ATOM   778  H  "H5''" . DA  B 2 4  ? -3.402  23.526  -12.490 1.00 150.69 ? 31  DA  C "H5''" 1 
ATOM   779  H  "H4'"  . DA  B 2 4  ? -5.708  23.149  -12.470 1.00 152.77 ? 31  DA  C "H4'"  1 
ATOM   780  H  "H3'"  . DA  B 2 4  ? -4.148  21.632  -11.011 1.00 139.03 ? 31  DA  C "H3'"  1 
ATOM   781  H  "H2'"  . DA  B 2 4  ? -4.243  19.785  -12.306 1.00 126.71 ? 31  DA  C "H2'"  1 
ATOM   782  H  "H2''" . DA  B 2 4  ? -5.511  19.493  -11.376 1.00 126.71 ? 31  DA  C "H2''" 1 
ATOM   783  H  "H1'"  . DA  B 2 4  ? -6.957  20.297  -12.907 1.00 116.56 ? 31  DA  C "H1'"  1 
ATOM   784  H  H8     . DA  B 2 4  ? -3.868  19.294  -14.636 1.00 106.45 ? 31  DA  C H8     1 
ATOM   785  H  H61    . DA  B 2 4  ? -7.035  15.641  -18.028 1.00 81.28  ? 31  DA  C H61    1 
ATOM   786  H  H62    . DA  B 2 4  ? -5.662  16.135  -17.728 1.00 81.28  ? 31  DA  C H62    1 
ATOM   787  H  H2     . DA  B 2 4  ? -9.749  17.748  -15.352 1.00 91.71  ? 31  DA  C H2     1 
ATOM   788  P  P      . DG  B 2 5  ? -6.157  21.066  -9.088  1.00 140.75 ? 32  DG  C P      1 
ATOM   789  O  OP1    . DG  B 2 5  ? -6.160  22.101  -8.030  1.00 136.02 ? 32  DG  C OP1    1 
ATOM   790  O  OP2    . DG  B 2 5  ? -5.149  19.983  -9.060  1.00 109.56 ? 32  DG  C OP2    1 
ATOM   791  O  "O5'"  . DG  B 2 5  ? -7.602  20.385  -9.120  1.00 119.91 ? 32  DG  C "O5'"  1 
ATOM   792  C  "C5'"  . DG  B 2 5  ? -8.156  19.997  -10.362 1.00 107.63 ? 32  DG  C "C5'"  1 
ATOM   793  C  "C4'"  . DG  B 2 5  ? -9.451  19.234  -10.180 1.00 101.84 ? 32  DG  C "C4'"  1 
ATOM   794  O  "O4'"  . DG  B 2 5  ? -9.679  18.422  -11.362 1.00 107.82 ? 32  DG  C "O4'"  1 
ATOM   795  C  "C3'"  . DG  B 2 5  ? -9.478  18.266  -9.004  1.00 102.04 ? 32  DG  C "C3'"  1 
ATOM   796  O  "O3'"  . DG  B 2 5  ? -10.791 18.172  -8.451  1.00 103.32 ? 32  DG  C "O3'"  1 
ATOM   797  C  "C2'"  . DG  B 2 5  ? -9.013  16.956  -9.620  1.00 95.00  ? 32  DG  C "C2'"  1 
ATOM   798  C  "C1'"  . DG  B 2 5  ? -9.484  17.052  -11.068 1.00 86.51  ? 32  DG  C "C1'"  1 
ATOM   799  N  N9     . DG  B 2 5  ? -8.526  16.486  -12.015 1.00 75.03  ? 32  DG  C N9     1 
ATOM   800  C  C8     . DG  B 2 5  ? -7.189  16.791  -12.126 1.00 83.14  ? 32  DG  C C8     1 
ATOM   801  N  N7     . DG  B 2 5  ? -6.577  16.106  -13.054 1.00 72.17  ? 32  DG  C N7     1 
ATOM   802  C  C5     . DG  B 2 5  ? -7.569  15.293  -13.586 1.00 68.58  ? 32  DG  C C5     1 
ATOM   803  C  C6     . DG  B 2 5  ? -7.504  14.335  -14.625 1.00 69.63  ? 32  DG  C C6     1 
ATOM   804  O  O6     . DG  B 2 5  ? -6.520  14.004  -15.303 1.00 62.83  ? 32  DG  C O6     1 
ATOM   805  N  N1     . DG  B 2 5  ? -8.742  13.732  -14.849 1.00 67.29  ? 32  DG  C N1     1 
ATOM   806  C  C2     . DG  B 2 5  ? -9.896  14.026  -14.153 1.00 68.71  ? 32  DG  C C2     1 
ATOM   807  N  N2     . DG  B 2 5  ? -10.995 13.347  -14.508 1.00 72.54  ? 32  DG  C N2     1 
ATOM   808  N  N3     . DG  B 2 5  ? -9.967  14.921  -13.180 1.00 69.53  ? 32  DG  C N3     1 
ATOM   809  C  C4     . DG  B 2 5  ? -8.773  15.512  -12.951 1.00 68.80  ? 32  DG  C C4     1 
ATOM   810  H  "H5'"  . DG  B 2 5  ? -7.520  19.433  -10.830 1.00 129.16 ? 32  DG  C "H5'"  1 
ATOM   811  H  "H5''" . DG  B 2 5  ? -8.328  20.789  -10.894 1.00 129.16 ? 32  DG  C "H5''" 1 
ATOM   812  H  "H4'"  . DG  B 2 5  ? -10.180 19.867  -10.087 1.00 122.21 ? 32  DG  C "H4'"  1 
ATOM   813  H  "H3'"  . DG  B 2 5  ? -8.850  18.554  -8.324  1.00 122.45 ? 32  DG  C "H3'"  1 
ATOM   814  H  "H2'"  . DG  B 2 5  ? -8.046  16.885  -9.582  1.00 114.01 ? 32  DG  C "H2'"  1 
ATOM   815  H  "H2''" . DG  B 2 5  ? -9.429  16.202  -9.176  1.00 114.01 ? 32  DG  C "H2''" 1 
ATOM   816  H  "H1'"  . DG  B 2 5  ? -10.330 16.586  -11.156 1.00 103.82 ? 32  DG  C "H1'"  1 
ATOM   817  H  H8     . DG  B 2 5  ? -6.764  17.425  -11.594 1.00 99.77  ? 32  DG  C H8     1 
ATOM   818  H  H1     . DG  B 2 5  ? -8.789  13.136  -15.466 1.00 80.75  ? 32  DG  C H1     1 
ATOM   819  H  H21    . DG  B 2 5  ? -11.739 13.491  -14.100 1.00 87.06  ? 32  DG  C H21    1 
ATOM   820  H  H22    . DG  B 2 5  ? -10.958 12.768  -15.143 1.00 87.06  ? 32  DG  C H22    1 
ATOM   821  P  P      . DT  B 2 6  ? -11.076 17.230  -7.178  1.00 115.70 ? 33  DT  C P      1 
ATOM   822  O  OP1    . DT  B 2 6  ? -11.698 18.068  -6.129  1.00 111.15 ? 33  DT  C OP1    1 
ATOM   823  O  OP2    . DT  B 2 6  ? -9.832  16.491  -6.866  1.00 99.41  ? 33  DT  C OP2    1 
ATOM   824  O  "O5'"  . DT  B 2 6  ? -12.151 16.174  -7.723  1.00 88.49  ? 33  DT  C "O5'"  1 
ATOM   825  C  "C5'"  . DT  B 2 6  ? -11.796 15.305  -8.788  1.00 82.90  ? 33  DT  C "C5'"  1 
ATOM   826  C  "C4'"  . DT  B 2 6  ? -12.890 14.298  -9.088  1.00 79.88  ? 33  DT  C "C4'"  1 
ATOM   827  O  "O4'"  . DT  B 2 6  ? -12.571 13.627  -10.335 1.00 71.74  ? 33  DT  C "O4'"  1 
ATOM   828  C  "C3'"  . DT  B 2 6  ? -13.046 13.180  -8.069  1.00 78.65  ? 33  DT  C "C3'"  1 
ATOM   829  O  "O3'"  . DT  B 2 6  ? -14.382 12.670  -8.075  1.00 83.96  ? 33  DT  C "O3'"  1 
ATOM   830  C  "C2'"  . DT  B 2 6  ? -12.027 12.159  -8.553  1.00 71.32  ? 33  DT  C "C2'"  1 
ATOM   831  C  "C1'"  . DT  B 2 6  ? -12.082 12.319  -10.076 1.00 73.34  ? 33  DT  C "C1'"  1 
ATOM   832  N  N1     . DT  B 2 6  ? -10.753 12.146  -10.748 1.00 63.67  ? 33  DT  C N1     1 
ATOM   833  C  C2     . DT  B 2 6  ? -10.619 11.206  -11.748 1.00 61.64  ? 33  DT  C C2     1 
ATOM   834  O  O2     . DT  B 2 6  ? -11.536 10.509  -12.137 1.00 70.82  ? 33  DT  C O2     1 
ATOM   835  N  N3     . DT  B 2 6  ? -9.364  11.116  -12.285 1.00 59.69  ? 33  DT  C N3     1 
ATOM   836  C  C4     . DT  B 2 6  ? -8.250  11.848  -11.932 1.00 67.06  ? 33  DT  C C4     1 
ATOM   837  O  O4     . DT  B 2 6  ? -7.160  11.694  -12.476 1.00 63.55  ? 33  DT  C O4     1 
ATOM   838  C  C5     . DT  B 2 6  ? -8.457  12.808  -10.874 1.00 61.23  ? 33  DT  C C5     1 
ATOM   839  C  C7     . DT  B 2 6  ? -7.322  13.661  -10.405 1.00 64.68  ? 33  DT  C C7     1 
ATOM   840  C  C6     . DT  B 2 6  ? -9.682  12.910  -10.339 1.00 60.51  ? 33  DT  C C6     1 
ATOM   841  H  "H5'"  . DT  B 2 6  ? -10.986 14.827  -8.547  1.00 99.49  ? 33  DT  C "H5'"  1 
ATOM   842  H  "H5''" . DT  B 2 6  ? -11.626 15.833  -9.582  1.00 99.49  ? 33  DT  C "H5''" 1 
ATOM   843  H  "H4'"  . DT  B 2 6  ? -13.735 14.764  -9.184  1.00 95.87  ? 33  DT  C "H4'"  1 
ATOM   844  H  "H3'"  . DT  B 2 6  ? -12.809 13.498  -7.184  1.00 94.39  ? 33  DT  C "H3'"  1 
ATOM   845  H  "H2'"  . DT  B 2 6  ? -11.142 12.372  -8.218  1.00 85.59  ? 33  DT  C "H2'"  1 
ATOM   846  H  "H2''" . DT  B 2 6  ? -12.290 11.262  -8.293  1.00 85.59  ? 33  DT  C "H2''" 1 
ATOM   847  H  "H1'"  . DT  B 2 6  ? -12.707 11.671  -10.439 1.00 88.02  ? 33  DT  C "H1'"  1 
ATOM   848  H  H3     . DT  B 2 6  ? -9.257  10.538  -12.914 1.00 71.64  ? 33  DT  C H3     1 
ATOM   849  H  H71    . DT  B 2 6  ? -7.544  14.595  -10.538 1.00 77.63  ? 33  DT  C H71    1 
ATOM   850  H  H72    . DT  B 2 6  ? -7.163  13.496  -9.462  1.00 77.63  ? 33  DT  C H72    1 
ATOM   851  H  H73    . DT  B 2 6  ? -6.523  13.442  -10.910 1.00 77.63  ? 33  DT  C H73    1 
ATOM   852  H  H6     . DT  B 2 6  ? -9.816  13.528  -9.656  1.00 72.62  ? 33  DT  C H6     1 
ATOM   853  P  P      . DC  B 2 7  ? -14.800 11.459  -7.102  1.00 75.82  ? 34  DC  C P      1 
ATOM   854  O  OP1    . DC  B 2 7  ? -16.276 11.472  -6.989  1.00 74.13  ? 34  DC  C OP1    1 
ATOM   855  O  OP2    . DC  B 2 7  ? -13.974 11.544  -5.878  1.00 84.58  ? 34  DC  C OP2    1 
ATOM   856  O  "O5'"  . DC  B 2 7  ? -14.349 10.149  -7.902  1.00 65.76  ? 34  DC  C "O5'"  1 
ATOM   857  C  "C5'"  . DC  B 2 7  ? -15.071 9.744   -9.052  1.00 67.11  ? 34  DC  C "C5'"  1 
ATOM   858  C  "C4'"  . DC  B 2 7  ? -14.477 8.482   -9.663  1.00 58.50  ? 34  DC  C "C4'"  1 
ATOM   859  O  "O4'"  . DC  B 2 7  ? -13.134 8.755   -10.130 1.00 69.50  ? 34  DC  C "O4'"  1 
ATOM   860  C  "C3'"  . DC  B 2 7  ? -14.353 7.284   -8.708  1.00 64.00  ? 34  DC  C "C3'"  1 
ATOM   861  O  "O3'"  . DC  B 2 7  ? -15.225 6.231   -9.132  1.00 66.69  ? 34  DC  C "O3'"  1 
ATOM   862  C  "C2'"  . DC  B 2 7  ? -12.862 6.888   -8.775  1.00 61.98  ? 34  DC  C "C2'"  1 
ATOM   863  C  "C1'"  . DC  B 2 7  ? -12.375 7.576   -10.037 1.00 62.13  ? 34  DC  C "C1'"  1 
ATOM   864  N  N1     . DC  B 2 7  ? -10.910 7.942   -10.048 1.00 49.65  ? 34  DC  C N1     1 
ATOM   865  C  C2     . DC  B 2 7  ? -10.038 7.291   -10.934 1.00 64.48  ? 34  DC  C C2     1 
ATOM   866  O  O2     . DC  B 2 7  ? -10.480 6.402   -11.672 1.00 79.06  ? 34  DC  C O2     1 
ATOM   867  N  N3     . DC  B 2 7  ? -8.729  7.651   -10.954 1.00 61.79  ? 34  DC  C N3     1 
ATOM   868  C  C4     . DC  B 2 7  ? -8.289  8.615   -10.147 1.00 63.09  ? 34  DC  C C4     1 
ATOM   869  N  N4     . DC  B 2 7  ? -6.989  8.930   -10.199 1.00 71.46  ? 34  DC  C N4     1 
ATOM   870  C  C5     . DC  B 2 7  ? -9.158  9.295   -9.244  1.00 53.72  ? 34  DC  C C5     1 
ATOM   871  C  C6     . DC  B 2 7  ? -10.449 8.935   -9.233  1.00 57.27  ? 34  DC  C C6     1 
ATOM   872  H  "H5'"  . DC  B 2 7  ? -15.046 10.456  -9.710  1.00 80.54  ? 34  DC  C "H5'"  1 
ATOM   873  H  "H5''" . DC  B 2 7  ? -15.993 9.573   -8.805  1.00 80.54  ? 34  DC  C "H5''" 1 
ATOM   874  H  "H4'"  . DC  B 2 7  ? -15.021 8.219   -10.421 1.00 70.21  ? 34  DC  C "H4'"  1 
ATOM   875  H  "H3'"  . DC  B 2 7  ? -14.581 7.558   -7.806  1.00 76.80  ? 34  DC  C "H3'"  1 
ATOM   876  H  "H2'"  . DC  B 2 7  ? -12.386 7.221   -7.998  1.00 74.39  ? 34  DC  C "H2'"  1 
ATOM   877  H  "H2''" . DC  B 2 7  ? -12.768 5.926   -8.850  1.00 74.39  ? 34  DC  C "H2''" 1 
ATOM   878  H  "H1'"  . DC  B 2 7  ? -12.568 7.012   -10.802 1.00 74.56  ? 34  DC  C "H1'"  1 
ATOM   879  H  H41    . DC  B 2 7  ? -6.675  9.548   -9.690  1.00 85.76  ? 34  DC  C H41    1 
ATOM   880  H  H42    . DC  B 2 7  ? -6.468  8.515   -10.743 1.00 85.76  ? 34  DC  C H42    1 
ATOM   881  H  H5     . DC  B 2 7  ? -8.841  9.966   -8.685  1.00 64.48  ? 34  DC  C H5     1 
ATOM   882  H  H6     . DC  B 2 7  ? -11.038 9.363   -8.654  1.00 68.73  ? 34  DC  C H6     1 
ATOM   883  P  P      . DG  B 2 8  ? -15.346 4.864   -8.293  1.00 76.89  ? 35  DG  C P      1 
ATOM   884  O  OP1    . DG  B 2 8  ? -16.521 4.128   -8.809  1.00 68.46  ? 35  DG  C OP1    1 
ATOM   885  O  OP2    . DG  B 2 8  ? -15.260 5.206   -6.856  1.00 60.37  ? 35  DG  C OP2    1 
ATOM   886  O  "O5'"  . DG  B 2 8  ? -14.034 4.047   -8.700  1.00 52.05  ? 35  DG  C "O5'"  1 
ATOM   887  C  "C5'"  . DG  B 2 8  ? -14.144 2.716   -9.183  1.00 56.10  ? 35  DG  C "C5'"  1 
ATOM   888  C  "C4'"  . DG  B 2 8  ? -12.851 2.270   -9.842  1.00 69.75  ? 35  DG  C "C4'"  1 
ATOM   889  O  "O4'"  . DG  B 2 8  ? -11.881 3.364   -9.807  1.00 68.73  ? 35  DG  C "O4'"  1 
ATOM   890  C  "C3'"  . DG  B 2 8  ? -12.164 1.077   -9.161  1.00 64.80  ? 35  DG  C "C3'"  1 
ATOM   891  O  "O3'"  . DG  B 2 8  ? -11.786 0.094   -10.116 1.00 62.65  ? 35  DG  C "O3'"  1 
ATOM   892  C  "C2'"  . DG  B 2 8  ? -10.958 1.711   -8.480  1.00 65.33  ? 35  DG  C "C2'"  1 
ATOM   893  C  "C1'"  . DG  B 2 8  ? -10.628 2.838   -9.435  1.00 56.19  ? 35  DG  C "C1'"  1 
ATOM   894  N  N9     . DG  B 2 8  ? -9.793  3.892   -8.858  1.00 53.82  ? 35  DG  C N9     1 
ATOM   895  C  C8     . DG  B 2 8  ? -10.120 4.760   -7.847  1.00 51.94  ? 35  DG  C C8     1 
ATOM   896  N  N7     . DG  B 2 8  ? -9.157  5.589   -7.543  1.00 48.40  ? 35  DG  C N7     1 
ATOM   897  C  C5     . DG  B 2 8  ? -8.128  5.247   -8.408  1.00 45.76  ? 35  DG  C C5     1 
ATOM   898  C  C6     . DG  B 2 8  ? -6.839  5.801   -8.550  1.00 52.16  ? 35  DG  C C6     1 
ATOM   899  O  O6     . DG  B 2 8  ? -6.330  6.733   -7.913  1.00 58.20  ? 35  DG  C O6     1 
ATOM   900  N  N1     . DG  B 2 8  ? -6.108  5.158   -9.544  1.00 55.19  ? 35  DG  C N1     1 
ATOM   901  C  C2     . DG  B 2 8  ? -6.575  4.117   -10.308 1.00 65.65  ? 35  DG  C C2     1 
ATOM   902  N  N2     . DG  B 2 8  ? -5.728  3.621   -11.221 1.00 75.04  ? 35  DG  C N2     1 
ATOM   903  N  N3     . DG  B 2 8  ? -7.784  3.589   -10.184 1.00 57.18  ? 35  DG  C N3     1 
ATOM   904  C  C4     . DG  B 2 8  ? -8.503  4.203   -9.219  1.00 51.70  ? 35  DG  C C4     1 
ATOM   905  H  "H5'"  . DG  B 2 8  ? -14.864 2.671   -9.832  1.00 67.33  ? 35  DG  C "H5'"  1 
ATOM   906  H  "H5''" . DG  B 2 8  ? -14.345 2.122   -8.442  1.00 67.33  ? 35  DG  C "H5''" 1 
ATOM   907  H  "H4'"  . DG  B 2 8  ? -13.032 2.041   -10.767 1.00 83.71  ? 35  DG  C "H4'"  1 
ATOM   908  H  "H3'"  . DG  B 2 8  ? -12.755 0.688   -8.496  1.00 77.77  ? 35  DG  C "H3'"  1 
ATOM   909  H  "HO3'" . DG  B 2 8  ? -11.942 0.219   -10.932 1.00 75.19  ? 35  DG  C "HO3'" 1 
ATOM   910  H  "H2'"  . DG  B 2 8  ? -11.196 2.056   -7.605  1.00 78.40  ? 35  DG  C "H2'"  1 
ATOM   911  H  "H2''" . DG  B 2 8  ? -10.222 1.081   -8.421  1.00 78.40  ? 35  DG  C "H2''" 1 
ATOM   912  H  "H1'"  . DG  B 2 8  ? -10.188 2.475   -10.219 1.00 67.43  ? 35  DG  C "H1'"  1 
ATOM   913  H  H8     . DG  B 2 8  ? -10.946 4.759   -7.419  1.00 62.33  ? 35  DG  C H8     1 
ATOM   914  H  H1     . DG  B 2 8  ? -5.308  5.435   -9.694  1.00 66.23  ? 35  DG  C H1     1 
ATOM   915  H  H21    . DG  B 2 8  ? -5.933  2.907   -11.654 1.00 90.06  ? 35  DG  C H21    1 
ATOM   916  P  P      . DG  C 3 1  ? 9.963   -1.269  13.404  1.00 104.50 ? 36  DG  D P      1 
ATOM   917  O  OP1    . DG  C 3 1  ? 10.949  -2.110  12.697  1.00 78.63  ? 36  DG  D OP1    1 
ATOM   918  O  OP2    . DG  C 3 1  ? 10.366  -0.561  14.639  1.00 104.00 ? 36  DG  D OP2    1 
ATOM   919  O  "O5'"  . DG  C 3 1  ? 9.407   -0.184  12.371  1.00 71.00  ? 36  DG  D "O5'"  1 
ATOM   920  C  "C5'"  . DG  C 3 1  ? 8.637   0.925   12.839  1.00 84.85  ? 36  DG  D "C5'"  1 
ATOM   921  C  "C4'"  . DG  C 3 1  ? 7.149   0.649   12.712  1.00 77.71  ? 36  DG  D "C4'"  1 
ATOM   922  O  "O4'"  . DG  C 3 1  ? 6.834   0.391   11.327  1.00 76.99  ? 36  DG  D "O4'"  1 
ATOM   923  C  "C3'"  . DG  C 3 1  ? 6.645   -0.575  13.467  1.00 77.59  ? 36  DG  D "C3'"  1 
ATOM   924  O  "O3'"  . DG  C 3 1  ? 6.301   -0.245  14.807  1.00 83.59  ? 36  DG  D "O3'"  1 
ATOM   925  C  "C2'"  . DG  C 3 1  ? 5.443   -1.017  12.642  1.00 79.29  ? 36  DG  D "C2'"  1 
ATOM   926  C  "C1'"  . DG  C 3 1  ? 5.738   -0.494  11.236  1.00 69.57  ? 36  DG  D "C1'"  1 
ATOM   927  N  N9     . DG  C 3 1  ? 6.068   -1.533  10.261  1.00 67.92  ? 36  DG  D N9     1 
ATOM   928  C  C8     . DG  C 3 1  ? 7.289   -1.756  9.668   1.00 78.08  ? 36  DG  D C8     1 
ATOM   929  N  N7     . DG  C 3 1  ? 7.279   -2.742  8.815   1.00 66.82  ? 36  DG  D N7     1 
ATOM   930  C  C5     . DG  C 3 1  ? 5.969   -3.197  8.837   1.00 62.91  ? 36  DG  D C5     1 
ATOM   931  C  C6     . DG  C 3 1  ? 5.358   -4.251  8.117   1.00 67.70  ? 36  DG  D C6     1 
ATOM   932  O  O6     . DG  C 3 1  ? 5.873   -5.016  7.288   1.00 69.82  ? 36  DG  D O6     1 
ATOM   933  N  N1     . DG  C 3 1  ? 4.009   -4.377  8.437   1.00 63.93  ? 36  DG  D N1     1 
ATOM   934  C  C2     . DG  C 3 1  ? 3.340   -3.583  9.339   1.00 73.82  ? 36  DG  D C2     1 
ATOM   935  N  N2     . DG  C 3 1  ? 2.039   -3.850  9.521   1.00 74.03  ? 36  DG  D N2     1 
ATOM   936  N  N3     . DG  C 3 1  ? 3.903   -2.595  10.018  1.00 64.93  ? 36  DG  D N3     1 
ATOM   937  C  C4     . DG  C 3 1  ? 5.211   -2.460  9.719   1.00 59.33  ? 36  DG  D C4     1 
ATOM   938  H  "H5'"  . DG  C 3 1  ? 8.860   1.712   12.317  1.00 101.82 ? 36  DG  D "H5'"  1 
ATOM   939  H  "H5''" . DG  C 3 1  ? 8.852   1.091   13.771  1.00 101.82 ? 36  DG  D "H5''" 1 
ATOM   940  H  "H4'"  . DG  C 3 1  ? 6.655   1.430   13.009  1.00 93.26  ? 36  DG  D "H4'"  1 
ATOM   941  H  "H3'"  . DG  C 3 1  ? 7.323   -1.268  13.460  1.00 93.12  ? 36  DG  D "H3'"  1 
ATOM   942  H  "H2'"  . DG  C 3 1  ? 5.373   -1.984  12.636  1.00 95.16  ? 36  DG  D "H2'"  1 
ATOM   943  H  "H2''" . DG  C 3 1  ? 4.629   -0.618  12.987  1.00 95.16  ? 36  DG  D "H2''" 1 
ATOM   944  H  "H1'"  . DG  C 3 1  ? 4.965   -0.001  10.918  1.00 83.49  ? 36  DG  D "H1'"  1 
ATOM   945  H  H8     . DG  C 3 1  ? 8.049   -1.257  9.862   1.00 93.70  ? 36  DG  D H8     1 
ATOM   946  H  H1     . DG  C 3 1  ? 3.560   -4.995  8.040   1.00 76.73  ? 36  DG  D H1     1 
ATOM   947  H  H21    . DG  C 3 1  ? 1.605   -3.460  10.152  1.00 88.84  ? 36  DG  D H21    1 
ATOM   948  P  P      . DT  C 3 2  ? 6.013   -1.412  15.875  1.00 83.73  ? 37  DT  D P      1 
ATOM   949  O  OP1    . DT  C 3 2  ? 5.894   -0.790  17.211  1.00 77.25  ? 37  DT  D OP1    1 
ATOM   950  O  OP2    . DT  C 3 2  ? 6.994   -2.490  15.641  1.00 64.80  ? 37  DT  D OP2    1 
ATOM   951  O  "O5'"  . DT  C 3 2  ? 4.589   -1.994  15.448  1.00 66.35  ? 37  DT  D "O5'"  1 
ATOM   952  C  "C5'"  . DT  C 3 2  ? 3.409   -1.350  15.868  1.00 75.64  ? 37  DT  D "C5'"  1 
ATOM   953  C  "C4'"  . DT  C 3 2  ? 2.199   -2.215  15.573  1.00 90.49  ? 37  DT  D "C4'"  1 
ATOM   954  O  "O4'"  . DT  C 3 2  ? 2.354   -2.820  14.261  1.00 87.97  ? 37  DT  D "O4'"  1 
ATOM   955  C  "C3'"  . DT  C 3 2  ? 1.996   -3.380  16.532  1.00 88.13  ? 37  DT  D "C3'"  1 
ATOM   956  O  "O3'"  . DT  C 3 2  ? 0.621   -3.713  16.595  1.00 92.08  ? 37  DT  D "O3'"  1 
ATOM   957  C  "C2'"  . DT  C 3 2  ? 2.808   -4.479  15.864  1.00 80.46  ? 37  DT  D "C2'"  1 
ATOM   958  C  "C1'"  . DT  C 3 2  ? 2.499   -4.221  14.394  1.00 70.65  ? 37  DT  D "C1'"  1 
ATOM   959  N  N1     . DT  C 3 2  ? 3.579   -4.678  13.476  1.00 67.96  ? 37  DT  D N1     1 
ATOM   960  C  C2     . DT  C 3 2  ? 3.264   -5.507  12.426  1.00 74.42  ? 37  DT  D C2     1 
ATOM   961  O  O2     . DT  C 3 2  ? 2.136   -5.890  12.199  1.00 75.13  ? 37  DT  D O2     1 
ATOM   962  N  N3     . DT  C 3 2  ? 4.328   -5.870  11.648  1.00 58.12  ? 37  DT  D N3     1 
ATOM   963  C  C4     . DT  C 3 2  ? 5.647   -5.492  11.815  1.00 63.07  ? 37  DT  D C4     1 
ATOM   964  O  O4     . DT  C 3 2  ? 6.531   -5.866  11.069  1.00 62.17  ? 37  DT  D O4     1 
ATOM   965  C  C5     . DT  C 3 2  ? 5.907   -4.627  12.940  1.00 73.53  ? 37  DT  D C5     1 
ATOM   966  C  C7     . DT  C 3 2  ? 7.313   -4.149  13.219  1.00 73.65  ? 37  DT  D C7     1 
ATOM   967  C  C6     . DT  C 3 2  ? 4.871   -4.268  13.706  1.00 66.55  ? 37  DT  D C6     1 
ATOM   968  P  P      . DG  C 3 3  ? 0.117   -4.874  17.581  1.00 117.85 ? 38  DG  D P      1 
ATOM   969  O  OP1    . DG  C 3 3  ? -0.889  -4.289  18.497  1.00 118.79 ? 38  DG  D OP1    1 
ATOM   970  O  OP2    . DG  C 3 3  ? 1.331   -5.516  18.136  1.00 103.21 ? 38  DG  D OP2    1 
ATOM   971  O  "O5'"  . DG  C 3 3  ? -0.589  -5.924  16.602  1.00 92.70  ? 38  DG  D "O5'"  1 
ATOM   972  C  "C5'"  . DG  C 3 3  ? 0.192   -6.621  15.642  1.00 86.79  ? 38  DG  D "C5'"  1 
ATOM   973  C  "C4'"  . DG  C 3 3  ? -0.679  -7.494  14.765  1.00 90.81  ? 38  DG  D "C4'"  1 
ATOM   974  O  "O4'"  . DG  C 3 3  ? 0.029   -7.812  13.542  1.00 93.64  ? 38  DG  D "O4'"  1 
ATOM   975  C  "C3'"  . DG  C 3 3  ? -1.046  -8.830  15.375  1.00 106.31 ? 38  DG  D "C3'"  1 
ATOM   976  O  "O3'"  . DG  C 3 3  ? -2.323  -9.259  14.920  1.00 117.95 ? 38  DG  D "O3'"  1 
ATOM   977  C  "C2'"  . DG  C 3 3  ? 0.091   -9.749  14.918  1.00 102.00 ? 38  DG  D "C2'"  1 
ATOM   978  C  "C1'"  . DG  C 3 3  ? 0.585   -9.114  13.619  1.00 86.86  ? 38  DG  D "C1'"  1 
ATOM   979  N  N9     . DG  C 3 3  ? 2.037   -9.004  13.552  1.00 75.36  ? 38  DG  D N9     1 
ATOM   980  C  C8     . DG  C 3 3  ? 2.844   -8.239  14.359  1.00 84.15  ? 38  DG  D C8     1 
ATOM   981  N  N7     . DG  C 3 3  ? 4.112   -8.343  14.073  1.00 83.36  ? 38  DG  D N7     1 
ATOM   982  C  C5     . DG  C 3 3  ? 4.148   -9.238  13.012  1.00 68.76  ? 38  DG  D C5     1 
ATOM   983  C  C6     . DG  C 3 3  ? 5.250   -9.735  12.282  1.00 77.52  ? 38  DG  D C6     1 
ATOM   984  O  O6     . DG  C 3 3  ? 6.451   -9.474  12.435  1.00 73.41  ? 38  DG  D O6     1 
ATOM   985  N  N1     . DG  C 3 3  ? 4.849   -10.621 11.285  1.00 77.16  ? 38  DG  D N1     1 
ATOM   986  C  C2     . DG  C 3 3  ? 3.552   -10.986 11.031  1.00 79.20  ? 38  DG  D C2     1 
ATOM   987  N  N2     . DG  C 3 3  ? 3.367   -11.851 10.025  1.00 82.66  ? 38  DG  D N2     1 
ATOM   988  N  N3     . DG  C 3 3  ? 2.505   -10.524 11.707  1.00 75.36  ? 38  DG  D N3     1 
ATOM   989  C  C4     . DG  C 3 3  ? 2.879   -9.658  12.681  1.00 71.01  ? 38  DG  D C4     1 
ATOM   990  H  "H5'"  . DG  C 3 3  ? 0.839   -7.177  16.102  1.00 104.16 ? 38  DG  D "H5'"  1 
ATOM   991  H  "H5''" . DG  C 3 3  ? 0.661   -5.979  15.087  1.00 104.16 ? 38  DG  D "H5''" 1 
ATOM   992  H  "H4'"  . DG  C 3 3  ? -1.491  -7.011  14.544  1.00 108.98 ? 38  DG  D "H4'"  1 
ATOM   993  H  "H3'"  . DG  C 3 3  ? -1.046  -8.762  16.342  1.00 127.58 ? 38  DG  D "H3'"  1 
ATOM   994  H  "H2'"  . DG  C 3 3  ? 0.800   -9.766  15.578  1.00 122.41 ? 38  DG  D "H2'"  1 
ATOM   995  H  "H2''" . DG  C 3 3  ? -0.242  -10.645 14.752  1.00 122.41 ? 38  DG  D "H2''" 1 
ATOM   996  H  "H1'"  . DG  C 3 3  ? 0.270   -9.640  12.867  1.00 104.24 ? 38  DG  D "H1'"  1 
ATOM   997  H  H8     . DG  C 3 3  ? 2.518   -7.700  15.042  1.00 100.99 ? 38  DG  D H8     1 
ATOM   998  H  H1     . DG  C 3 3  ? 5.463   -10.969 10.794  1.00 92.60  ? 38  DG  D H1     1 
ATOM   999  H  H21    . DG  C 3 3  ? 2.572   -12.103 9.815   1.00 99.20  ? 38  DG  D H21    1 
ATOM   1000 H  H22    . DG  C 3 3  ? 4.044   -12.153 9.588   1.00 99.20  ? 38  DG  D H22    1 
ATOM   1001 P  P      . DT  C 3 4  ? -2.884  -10.699 15.350  1.00 130.48 ? 39  DT  D P      1 
ATOM   1002 O  OP1    . DT  C 3 4  ? -4.363  -10.645 15.325  1.00 126.56 ? 39  DT  D OP1    1 
ATOM   1003 O  OP2    . DT  C 3 4  ? -2.187  -11.098 16.594  1.00 120.03 ? 39  DT  D OP2    1 
ATOM   1004 O  "O5'"  . DT  C 3 4  ? -2.362  -11.663 14.188  1.00 94.63  ? 39  DT  D "O5'"  1 
ATOM   1005 C  "C5'"  . DT  C 3 4  ? -2.195  -13.029 14.455  1.00 107.28 ? 39  DT  D "C5'"  1 
ATOM   1006 C  "C4'"  . DT  C 3 4  ? -1.450  -13.728 13.335  1.00 113.13 ? 39  DT  D "C4'"  1 
ATOM   1007 O  "O4'"  . DT  C 3 4  ? -0.142  -13.120 13.164  1.00 106.79 ? 39  DT  D "O4'"  1 
ATOM   1008 C  "C3'"  . DT  C 3 4  ? -1.201  -15.212 13.603  1.00 125.39 ? 39  DT  D "C3'"  1 
ATOM   1009 O  "O3'"  . DT  C 3 4  ? -1.873  -16.025 12.665  1.00 132.06 ? 39  DT  D "O3'"  1 
ATOM   1010 C  "C2'"  . DT  C 3 4  ? 0.317   -15.384 13.536  1.00 116.91 ? 39  DT  D "C2'"  1 
ATOM   1011 C  "C1'"  . DT  C 3 4  ? 0.799   -14.123 12.844  1.00 102.97 ? 39  DT  D "C1'"  1 
ATOM   1012 N  N1     . DT  C 3 4  ? 2.179   -13.671 13.280  1.00 93.23  ? 39  DT  D N1     1 
ATOM   1013 C  C2     . DT  C 3 4  ? 3.277   -14.001 12.509  1.00 95.89  ? 39  DT  D C2     1 
ATOM   1014 O  O2     . DT  C 3 4  ? 3.201   -14.649 11.480  1.00 104.99 ? 39  DT  D O2     1 
ATOM   1015 N  N3     . DT  C 3 4  ? 4.476   -13.539 12.988  1.00 83.19  ? 39  DT  D N3     1 
ATOM   1016 C  C4     . DT  C 3 4  ? 4.689   -12.800 14.135  1.00 83.08  ? 39  DT  D C4     1 
ATOM   1017 O  O4     . DT  C 3 4  ? 5.809   -12.433 14.480  1.00 87.80  ? 39  DT  D O4     1 
ATOM   1018 C  C5     . DT  C 3 4  ? 3.505   -12.487 14.898  1.00 85.85  ? 39  DT  D C5     1 
ATOM   1019 C  C7     . DT  C 3 4  ? 3.620   -11.690 16.166  1.00 80.85  ? 39  DT  D C7     1 
ATOM   1020 C  C6     . DT  C 3 4  ? 2.319   -12.932 14.441  1.00 87.95  ? 39  DT  D C6     1 
ATOM   1021 H  "H5'"  . DT  C 3 4  ? -3.066  -13.440 14.561  1.00 128.74 ? 39  DT  D "H5'"  1 
ATOM   1022 H  "H5''" . DT  C 3 4  ? -1.694  -13.132 15.280  1.00 128.74 ? 39  DT  D "H5''" 1 
ATOM   1023 H  "H4'"  . DT  C 3 4  ? -1.954  -13.634 12.511  1.00 135.77 ? 39  DT  D "H4'"  1 
ATOM   1024 H  "H3'"  . DT  C 3 4  ? -1.509  -15.431 14.497  1.00 150.48 ? 39  DT  D "H3'"  1 
ATOM   1025 H  "H2'"  . DT  C 3 4  ? 0.692   -15.448 14.427  1.00 140.30 ? 39  DT  D "H2'"  1 
ATOM   1026 H  "H2''" . DT  C 3 4  ? 0.547   -16.169 13.012  1.00 140.30 ? 39  DT  D "H2''" 1 
ATOM   1027 H  "H1'"  . DT  C 3 4  ? 0.799   -14.266 11.885  1.00 123.57 ? 39  DT  D "H1'"  1 
ATOM   1028 H  H3     . DT  C 3 4  ? 5.173   -13.731 12.522  1.00 99.84  ? 39  DT  D H3     1 
ATOM   1029 H  H71    . DT  C 3 4  ? 4.549   -11.456 16.317  1.00 97.03  ? 39  DT  D H71    1 
ATOM   1030 H  H72    . DT  C 3 4  ? 3.091   -10.881 16.089  1.00 97.03  ? 39  DT  D H72    1 
ATOM   1031 H  H73    . DT  C 3 4  ? 3.294   -12.219 16.911  1.00 97.03  ? 39  DT  D H73    1 
ATOM   1032 H  H6     . DT  C 3 4  ? 1.554   -12.733 14.933  1.00 105.54 ? 39  DT  D H6     1 
ATOM   1033 P  P      . DC  C 3 5  ? -2.194  -17.546 13.078  1.00 143.68 ? 40  DC  D P      1 
ATOM   1034 O  OP1    . DC  C 3 5  ? -1.950  -18.416 11.888  1.00 117.84 ? 40  DC  D OP1    1 
ATOM   1035 O  OP2    . DC  C 3 5  ? -3.517  -17.589 13.762  1.00 125.46 ? 40  DC  D OP2    1 
ATOM   1036 O  "O5'"  . DC  C 3 5  ? -1.115  -17.824 14.234  1.00 126.32 ? 40  DC  D "O5'"  1 
ATOM   1037 C  "C5'"  . DC  C 3 5  ? -0.677  -19.135 14.480  1.00 123.22 ? 40  DC  D "C5'"  1 
ATOM   1038 C  "C4'"  . DC  C 3 5  ? 0.248   -19.596 13.375  1.00 131.31 ? 40  DC  D "C4'"  1 
ATOM   1039 O  "O4'"  . DC  C 3 5  ? 0.958   -18.461 12.804  1.00 122.33 ? 40  DC  D "O4'"  1 
ATOM   1040 C  "C3'"  . DC  C 3 5  ? 1.327   -20.549 13.843  1.00 135.53 ? 40  DC  D "C3'"  1 
ATOM   1041 O  "O3'"  . DC  C 3 5  ? 0.846   -21.871 13.786  1.00 138.59 ? 40  DC  D "O3'"  1 
ATOM   1042 C  "C2'"  . DC  C 3 5  ? 2.433   -20.313 12.832  1.00 130.24 ? 40  DC  D "C2'"  1 
ATOM   1043 C  "C1'"  . DC  C 3 5  ? 2.322   -18.812 12.586  1.00 123.16 ? 40  DC  D "C1'"  1 
ATOM   1044 N  N1     . DC  C 3 5  ? 3.178   -17.950 13.497  1.00 113.49 ? 40  DC  D N1     1 
ATOM   1045 C  C2     . DC  C 3 5  ? 4.558   -17.753 13.231  1.00 108.09 ? 40  DC  D C2     1 
ATOM   1046 O  O2     . DC  C 3 5  ? 5.076   -18.312 12.253  1.00 108.04 ? 40  DC  D O2     1 
ATOM   1047 N  N3     . DC  C 3 5  ? 5.281   -16.953 14.065  1.00 94.36  ? 40  DC  D N3     1 
ATOM   1048 C  C4     . DC  C 3 5  ? 4.688   -16.369 15.108  1.00 97.28  ? 40  DC  D C4     1 
ATOM   1049 N  N4     . DC  C 3 5  ? 5.431   -15.593 15.895  1.00 92.33  ? 40  DC  D N4     1 
ATOM   1050 C  C5     . DC  C 3 5  ? 3.299   -16.558 15.393  1.00 100.10 ? 40  DC  D C5     1 
ATOM   1051 C  C6     . DC  C 3 5  ? 2.594   -17.346 14.575  1.00 105.77 ? 40  DC  D C6     1 
ATOM   1052 P  P      . DG  C 3 6  ? 1.076   -22.785 12.479  1.00 141.19 ? 41  DG  D P      1 
ATOM   1053 O  OP1    . DG  C 3 6  ? 0.484   -22.131 11.282  1.00 141.23 ? 41  DG  D OP1    1 
ATOM   1054 O  OP2    . DG  C 3 6  ? 0.620   -24.140 12.875  1.00 146.23 ? 41  DG  D OP2    1 
ATOM   1055 O  "O5'"  . DG  C 3 6  ? 2.670   -22.837 12.310  1.00 122.66 ? 41  DG  D "O5'"  1 
ATOM   1056 C  "C5'"  . DG  C 3 6  ? 3.242   -23.273 11.093  1.00 125.48 ? 41  DG  D "C5'"  1 
ATOM   1057 C  "C4'"  . DG  C 3 6  ? 4.752   -23.406 11.208  1.00 131.42 ? 41  DG  D "C4'"  1 
ATOM   1058 O  "O4'"  . DG  C 3 6  ? 5.290   -22.239 11.886  1.00 126.69 ? 41  DG  D "O4'"  1 
ATOM   1059 C  "C3'"  . DG  C 3 6  ? 5.222   -24.625 11.997  1.00 132.59 ? 41  DG  D "C3'"  1 
ATOM   1060 O  "O3'"  . DG  C 3 6  ? 6.322   -25.264 11.355  1.00 145.04 ? 41  DG  D "O3'"  1 
ATOM   1061 C  "C2'"  . DG  C 3 6  ? 5.597   -24.067 13.359  1.00 123.36 ? 41  DG  D "C2'"  1 
ATOM   1062 C  "C1'"  . DG  C 3 6  ? 5.949   -22.614 13.078  1.00 121.22 ? 41  DG  D "C1'"  1 
ATOM   1063 N  N9     . DG  C 3 6  ? 5.527   -21.729 14.154  1.00 112.87 ? 41  DG  D N9     1 
ATOM   1064 C  C8     . DG  C 3 6  ? 4.286   -21.680 14.736  1.00 115.55 ? 41  DG  D C8     1 
ATOM   1065 N  N7     . DG  C 3 6  ? 4.196   -20.804 15.696  1.00 112.35 ? 41  DG  D N7     1 
ATOM   1066 C  C5     . DG  C 3 6  ? 5.466   -20.251 15.766  1.00 109.14 ? 41  DG  D C5     1 
ATOM   1067 C  C6     . DG  C 3 6  ? 5.975   -19.249 16.621  1.00 100.21 ? 41  DG  D C6     1 
ATOM   1068 O  O6     . DG  C 3 6  ? 5.383   -18.630 17.516  1.00 92.00  ? 41  DG  D O6     1 
ATOM   1069 N  N1     . DG  C 3 6  ? 7.316   -18.983 16.355  1.00 91.45  ? 41  DG  D N1     1 
ATOM   1070 C  C2     . DG  C 3 6  ? 8.067   -19.609 15.384  1.00 98.41  ? 41  DG  D C2     1 
ATOM   1071 N  N2     . DG  C 3 6  ? 9.342   -19.222 15.274  1.00 90.92  ? 41  DG  D N2     1 
ATOM   1072 N  N3     . DG  C 3 6  ? 7.599   -20.549 14.578  1.00 89.28  ? 41  DG  D N3     1 
ATOM   1073 C  C4     . DG  C 3 6  ? 6.298   -20.817 14.824  1.00 99.78  ? 41  DG  D C4     1 
ATOM   1074 H  "H5'"  . DG  C 3 6  ? 3.031   -22.632 10.396  1.00 150.58 ? 41  DG  D "H5'"  1 
ATOM   1075 H  "H5''" . DG  C 3 6  ? 2.864   -24.135 10.856  1.00 150.58 ? 41  DG  D "H5''" 1 
ATOM   1076 H  "H4'"  . DG  C 3 6  ? 5.128   -23.449 10.315  1.00 157.71 ? 41  DG  D "H4'"  1 
ATOM   1077 H  "H3'"  . DG  C 3 6  ? 4.489   -25.254 12.093  1.00 159.12 ? 41  DG  D "H3'"  1 
ATOM   1078 H  "H2'"  . DG  C 3 6  ? 4.845   -24.122 13.968  1.00 148.04 ? 41  DG  D "H2'"  1 
ATOM   1079 H  "H2''" . DG  C 3 6  ? 6.364   -24.538 13.719  1.00 148.04 ? 41  DG  D "H2''" 1 
ATOM   1080 H  "H1'"  . DG  C 3 6  ? 6.908   -22.534 12.954  1.00 145.47 ? 41  DG  D "H1'"  1 
ATOM   1081 H  H8     . DG  C 3 6  ? 3.573   -22.210 14.461  1.00 138.67 ? 41  DG  D H8     1 
ATOM   1082 H  H1     . DG  C 3 6  ? 7.705   -18.383 16.833  1.00 109.75 ? 41  DG  D H1     1 
ATOM   1083 H  H21    . DG  C 3 6  ? 9.852   -19.584 14.683  1.00 109.11 ? 41  DG  D H21    1 
ATOM   1084 H  H22    . DG  C 3 6  ? 9.654   -18.612 15.795  1.00 109.11 ? 41  DG  D H22    1 
ATOM   1085 P  P      . DT  C 3 7  ? 6.848   -26.687 11.887  1.00 154.26 ? 42  DT  D P      1 
ATOM   1086 O  OP1    . DT  C 3 7  ? 7.149   -27.532 10.711  1.00 141.16 ? 42  DT  D OP1    1 
ATOM   1087 O  OP2    . DT  C 3 7  ? 5.903   -27.159 12.923  1.00 143.48 ? 42  DT  D OP2    1 
ATOM   1088 O  "O5'"  . DT  C 3 7  ? 8.216   -26.335 12.629  1.00 138.41 ? 42  DT  D "O5'"  1 
ATOM   1089 C  "C5'"  . DT  C 3 7  ? 9.180   -25.535 11.976  1.00 136.14 ? 42  DT  D "C5'"  1 
ATOM   1090 C  "C4'"  . DT  C 3 7  ? 10.050  -24.805 12.981  1.00 132.95 ? 42  DT  D "C4'"  1 
ATOM   1091 O  "O4'"  . DT  C 3 7  ? 9.222   -23.987 13.837  1.00 130.13 ? 42  DT  D "O4'"  1 
ATOM   1092 C  "C3'"  . DT  C 3 7  ? 10.843  -25.714 13.927  1.00 134.75 ? 42  DT  D "C3'"  1 
ATOM   1093 O  "O3'"  . DT  C 3 7  ? 12.223  -25.715 13.579  1.00 137.21 ? 42  DT  D "O3'"  1 
ATOM   1094 C  "C2'"  . DT  C 3 7  ? 10.599  -25.126 15.328  1.00 119.56 ? 42  DT  D "C2'"  1 
ATOM   1095 C  "C1'"  . DT  C 3 7  ? 9.907   -23.801 15.045  1.00 112.92 ? 42  DT  D "C1'"  1 
ATOM   1096 N  N1     . DT  C 3 7  ? 8.944   -23.380 16.101  1.00 105.76 ? 42  DT  D N1     1 
ATOM   1097 C  C2     . DT  C 3 7  ? 9.353   -22.473 17.049  1.00 105.08 ? 42  DT  D C2     1 
ATOM   1098 O  O2     . DT  C 3 7  ? 10.472  -21.993 17.074  1.00 104.88 ? 42  DT  D O2     1 
ATOM   1099 N  N3     . DT  C 3 7  ? 8.403   -22.142 17.976  1.00 101.05 ? 42  DT  D N3     1 
ATOM   1100 C  C4     . DT  C 3 7  ? 7.108   -22.619 18.048  1.00 105.30 ? 42  DT  D C4     1 
ATOM   1101 O  O4     . DT  C 3 7  ? 6.326   -22.259 18.924  1.00 96.70  ? 42  DT  D O4     1 
ATOM   1102 C  C5     . DT  C 3 7  ? 6.741   -23.570 17.023  1.00 102.73 ? 42  DT  D C5     1 
ATOM   1103 C  C7     . DT  C 3 7  ? 5.363   -24.160 16.997  1.00 104.67 ? 42  DT  D C7     1 
ATOM   1104 C  C6     . DT  C 3 7  ? 7.665   -23.899 16.106  1.00 106.29 ? 42  DT  D C6     1 
ATOM   1105 H  "H5'"  . DT  C 3 7  ? 8.727   -24.885 11.415  1.00 163.38 ? 42  DT  D "H5'"  1 
ATOM   1106 H  "H5''" . DT  C 3 7  ? 9.740   -26.100 11.421  1.00 163.38 ? 42  DT  D "H5''" 1 
ATOM   1107 H  "H4'"  . DT  C 3 7  ? 10.668  -24.232 12.502  1.00 159.54 ? 42  DT  D "H4'"  1 
ATOM   1108 H  "H3'"  . DT  C 3 7  ? 10.493  -26.617 13.884  1.00 161.71 ? 42  DT  D "H3'"  1 
ATOM   1109 H  "HO3'" . DT  C 3 7  ? 12.603  -26.434 13.369  1.00 164.66 ? 42  DT  D "HO3'" 1 
ATOM   1110 H  "H2'"  . DT  C 3 7  ? 10.021  -25.709 15.845  1.00 143.48 ? 42  DT  D "H2'"  1 
ATOM   1111 H  "H2''" . DT  C 3 7  ? 11.440  -24.981 15.788  1.00 143.48 ? 42  DT  D "H2''" 1 
ATOM   1112 H  "H1'"  . DT  C 3 7  ? 10.578  -23.110 14.930  1.00 135.51 ? 42  DT  D "H1'"  1 
ATOM   1113 H  H3     . DT  C 3 7  ? 8.637   -21.577 18.580  1.00 121.27 ? 42  DT  D H3     1 
ATOM   1114 H  H71    . DT  C 3 7  ? 4.925   -23.923 16.164  1.00 125.62 ? 42  DT  D H71    1 
ATOM   1115 H  H72    . DT  C 3 7  ? 5.423   -25.125 17.068  1.00 125.62 ? 42  DT  D H72    1 
ATOM   1116 H  H73    . DT  C 3 7  ? 4.848   -23.811 17.742  1.00 125.62 ? 42  DT  D H73    1 
ATOM   1117 H  H6     . DT  C 3 7  ? 7.434   -24.511 15.446  1.00 127.55 ? 42  DT  D H6     1 
ATOM   1118 P  P      . DA  D 4 1  ? -8.677  -2.135  -4.554  1.00 102.24 ? 1   DA  A P      1 
ATOM   1119 O  OP1    . DA  D 4 1  ? -10.018 -2.646  -4.190  1.00 89.08  ? 1   DA  A OP1    1 
ATOM   1120 O  OP2    . DA  D 4 1  ? -7.814  -1.549  -3.506  1.00 105.00 ? 1   DA  A OP2    1 
ATOM   1121 O  "O5'"  . DA  D 4 1  ? -8.851  -1.043  -5.712  1.00 82.78  ? 1   DA  A "O5'"  1 
ATOM   1122 C  "C5'"  . DA  D 4 1  ? -9.043  -1.457  -7.066  1.00 76.02  ? 1   DA  A "C5'"  1 
ATOM   1123 C  "C4'"  . DA  D 4 1  ? -7.908  -0.973  -7.954  1.00 75.83  ? 1   DA  A "C4'"  1 
ATOM   1124 O  "O4'"  . DA  D 4 1  ? -7.996  0.458   -8.124  1.00 58.40  ? 1   DA  A "O4'"  1 
ATOM   1125 C  "C3'"  . DA  D 4 1  ? -6.513  -1.202  -7.409  1.00 77.27  ? 1   DA  A "C3'"  1 
ATOM   1126 O  "O3'"  . DA  D 4 1  ? -6.076  -2.518  -7.684  1.00 78.79  ? 1   DA  A "O3'"  1 
ATOM   1127 C  "C2'"  . DA  D 4 1  ? -5.697  -0.145  -8.143  1.00 59.94  ? 1   DA  A "C2'"  1 
ATOM   1128 C  "C1'"  . DA  D 4 1  ? -6.699  0.997   -8.335  1.00 62.52  ? 1   DA  A "C1'"  1 
ATOM   1129 N  N9     . DA  D 4 1  ? -6.518  2.121   -7.415  1.00 58.89  ? 1   DA  A N9     1 
ATOM   1130 C  C8     . DA  D 4 1  ? -7.389  2.538   -6.449  1.00 64.14  ? 1   DA  A C8     1 
ATOM   1131 N  N7     . DA  D 4 1  ? -6.971  3.591   -5.777  1.00 53.35  ? 1   DA  A N7     1 
ATOM   1132 C  C5     . DA  D 4 1  ? -5.740  3.880   -6.341  1.00 53.59  ? 1   DA  A C5     1 
ATOM   1133 C  C6     . DA  D 4 1  ? -4.782  4.887   -6.080  1.00 57.46  ? 1   DA  A C6     1 
ATOM   1134 N  N6     . DA  D 4 1  ? -4.922  5.824   -5.128  1.00 56.10  ? 1   DA  A N6     1 
ATOM   1135 N  N1     . DA  D 4 1  ? -3.662  4.892   -6.834  1.00 57.64  ? 1   DA  A N1     1 
ATOM   1136 C  C2     . DA  D 4 1  ? -3.517  3.961   -7.782  1.00 68.65  ? 1   DA  A C2     1 
ATOM   1137 N  N3     . DA  D 4 1  ? -4.346  2.970   -8.120  1.00 72.32  ? 1   DA  A N3     1 
ATOM   1138 C  C4     . DA  D 4 1  ? -5.448  2.986   -7.356  1.00 59.34  ? 1   DA  A C4     1 
ATOM   1139 H  "H5'"  . DA  D 4 1  ? -9.880  -1.093  -7.394  1.00 91.24  ? 1   DA  A "H5'"  1 
ATOM   1140 H  "H5''" . DA  D 4 1  ? -9.081  -2.426  -7.099  1.00 91.24  ? 1   DA  A "H5''" 1 
ATOM   1141 H  "H4'"  . DA  D 4 1  ? -7.982  -1.400  -8.822  1.00 91.00  ? 1   DA  A "H4'"  1 
ATOM   1142 H  "H3'"  . DA  D 4 1  ? -6.496  -1.035  -6.454  1.00 92.73  ? 1   DA  A "H3'"  1 
ATOM   1143 H  "H2'"  . DA  D 4 1  ? -4.946  0.145   -7.601  1.00 71.94  ? 1   DA  A "H2'"  1 
ATOM   1144 H  "H2''" . DA  D 4 1  ? -5.393  -0.482  -9.000  1.00 71.94  ? 1   DA  A "H2''" 1 
ATOM   1145 H  "H1'"  . DA  D 4 1  ? -6.636  1.321   -9.247  1.00 75.03  ? 1   DA  A "H1'"  1 
ATOM   1146 H  H8     . DA  D 4 1  ? -8.201  2.118   -6.280  1.00 76.98  ? 1   DA  A H8     1 
ATOM   1147 H  H61    . DA  D 4 1  ? -4.304  6.411   -5.009  1.00 67.32  ? 1   DA  A H61    1 
ATOM   1148 H  H62    . DA  D 4 1  ? -5.628  5.836   -4.637  1.00 67.32  ? 1   DA  A H62    1 
ATOM   1149 H  H2     . DA  D 4 1  ? -2.728  4.009   -8.274  1.00 82.39  ? 1   DA  A H2     1 
ATOM   1150 P  P      . DC  D 4 2  ? -5.235  -3.329  -6.587  1.00 73.27  ? 2   DC  A P      1 
ATOM   1151 O  OP1    . DC  D 4 2  ? -5.411  -4.769  -6.881  1.00 89.92  ? 2   DC  A OP1    1 
ATOM   1152 O  OP2    . DC  D 4 2  ? -5.588  -2.791  -5.256  1.00 64.68  ? 2   DC  A OP2    1 
ATOM   1153 O  "O5'"  . DC  D 4 2  ? -3.722  -2.921  -6.896  1.00 63.21  ? 2   DC  A "O5'"  1 
ATOM   1154 C  "C5'"  . DC  D 4 2  ? -3.230  -3.019  -8.223  1.00 87.95  ? 2   DC  A "C5'"  1 
ATOM   1155 C  "C4'"  . DC  D 4 2  ? -1.956  -2.215  -8.382  1.00 90.88  ? 2   DC  A "C4'"  1 
ATOM   1156 O  "O4'"  . DC  D 4 2  ? -2.272  -0.810  -8.244  1.00 77.67  ? 2   DC  A "O4'"  1 
ATOM   1157 C  "C3'"  . DC  D 4 2  ? -0.886  -2.512  -7.343  1.00 75.26  ? 2   DC  A "C3'"  1 
ATOM   1158 O  "O3'"  . DC  D 4 2  ? 0.056   -3.467  -7.835  1.00 84.85  ? 2   DC  A "O3'"  1 
ATOM   1159 C  "C2'"  . DC  D 4 2  ? -0.234  -1.158  -7.076  1.00 81.02  ? 2   DC  A "C2'"  1 
ATOM   1160 C  "C1'"  . DC  D 4 2  ? -1.223  -0.121  -7.594  1.00 77.98  ? 2   DC  A "C1'"  1 
ATOM   1161 N  N1     . DC  D 4 2  ? -1.818  0.749   -6.514  1.00 80.51  ? 2   DC  A N1     1 
ATOM   1162 C  C2     . DC  D 4 2  ? -1.161  1.924   -6.119  1.00 71.51  ? 2   DC  A C2     1 
ATOM   1163 O  O2     . DC  D 4 2  ? -0.087  2.224   -6.653  1.00 80.20  ? 2   DC  A O2     1 
ATOM   1164 N  N3     . DC  D 4 2  ? -1.721  2.699   -5.156  1.00 58.87  ? 2   DC  A N3     1 
ATOM   1165 C  C4     . DC  D 4 2  ? -2.883  2.343   -4.602  1.00 66.89  ? 2   DC  A C4     1 
ATOM   1166 N  N4     . DC  D 4 2  ? -3.397  3.135   -3.651  1.00 65.46  ? 2   DC  A N4     1 
ATOM   1167 C  C5     . DC  D 4 2  ? -3.567  1.156   -4.992  1.00 63.36  ? 2   DC  A C5     1 
ATOM   1168 C  C6     . DC  D 4 2  ? -3.004  0.396   -5.939  1.00 79.93  ? 2   DC  A C6     1 
ATOM   1169 H  "H5'"  . DC  D 4 2  ? -3.900  -2.681  -8.838  1.00 105.55 ? 2   DC  A "H5'"  1 
ATOM   1170 H  "H5''" . DC  D 4 2  ? -3.049  -3.949  -8.428  1.00 105.55 ? 2   DC  A "H5''" 1 
ATOM   1171 H  "H4'"  . DC  D 4 2  ? -1.590  -2.372  -9.268  1.00 109.06 ? 2   DC  A "H4'"  1 
ATOM   1172 H  "H3'"  . DC  D 4 2  ? -1.299  -2.843  -6.530  1.00 90.32  ? 2   DC  A "H3'"  1 
ATOM   1173 H  "H2'"  . DC  D 4 2  ? -0.088  -1.036  -6.125  1.00 97.24  ? 2   DC  A "H2'"  1 
ATOM   1174 H  "H2''" . DC  D 4 2  ? 0.606   -1.088  -7.557  1.00 97.24  ? 2   DC  A "H2''" 1 
ATOM   1175 H  "H1'"  . DC  D 4 2  ? -0.774  0.446   -8.240  1.00 93.59  ? 2   DC  A "H1'"  1 
ATOM   1176 H  H41    . DC  D 4 2  ? -4.143  2.928   -3.277  1.00 78.56  ? 2   DC  A H41    1 
ATOM   1177 H  H42    . DC  D 4 2  ? -2.981  3.849   -3.415  1.00 78.56  ? 2   DC  A H42    1 
ATOM   1178 H  H5     . DC  D 4 2  ? -4.375  0.915   -4.600  1.00 76.04  ? 2   DC  A H5     1 
ATOM   1179 H  H6     . DC  D 4 2  ? -3.433  -0.381  -6.216  1.00 95.92  ? 2   DC  A H6     1 
ATOM   1180 P  P      . DG  D 4 3  ? 1.243   -3.993  -6.888  1.00 107.76 ? 3   DG  A P      1 
ATOM   1181 O  OP1    . DG  D 4 3  ? 2.056   -4.954  -7.667  1.00 109.95 ? 3   DG  A OP1    1 
ATOM   1182 O  OP2    . DG  D 4 3  ? 0.645   -4.411  -5.599  1.00 92.98  ? 3   DG  A OP2    1 
ATOM   1183 O  "O5'"  . DG  D 4 3  ? 2.116   -2.686  -6.595  1.00 77.93  ? 3   DG  A "O5'"  1 
ATOM   1184 C  "C5'"  . DG  D 4 3  ? 3.012   -2.174  -7.579  1.00 82.29  ? 3   DG  A "C5'"  1 
ATOM   1185 C  "C4'"  . DG  D 4 3  ? 3.900   -1.104  -6.973  1.00 92.05  ? 3   DG  A "C4'"  1 
ATOM   1186 O  "O4'"  . DG  D 4 3  ? 3.062   -0.084  -6.342  1.00 84.77  ? 3   DG  A "O4'"  1 
ATOM   1187 C  "C3'"  . DG  D 4 3  ? 4.839   -1.614  -5.880  1.00 91.79  ? 3   DG  A "C3'"  1 
ATOM   1188 O  "O3'"  . DG  D 4 3  ? 6.125   -0.998  -5.958  1.00 95.93  ? 3   DG  A "O3'"  1 
ATOM   1189 C  "C2'"  . DG  D 4 3  ? 4.101   -1.255  -4.598  1.00 77.30  ? 3   DG  A "C2'"  1 
ATOM   1190 C  "C1'"  . DG  D 4 3  ? 3.397   0.039   -4.971  1.00 75.80  ? 3   DG  A "C1'"  1 
ATOM   1191 N  N9     . DG  D 4 3  ? 2.184   0.290   -4.186  1.00 75.51  ? 3   DG  A N9     1 
ATOM   1192 C  C8     . DG  D 4 3  ? 1.097   -0.539  -4.059  1.00 81.66  ? 3   DG  A C8     1 
ATOM   1193 N  N7     . DG  D 4 3  ? 0.162   -0.062  -3.286  1.00 68.12  ? 3   DG  A N7     1 
ATOM   1194 C  C5     . DG  D 4 3  ? 0.661   1.153   -2.856  1.00 52.98  ? 3   DG  A C5     1 
ATOM   1195 C  C6     . DG  D 4 3  ? 0.085   2.112   -1.994  1.00 70.34  ? 3   DG  A C6     1 
ATOM   1196 O  O6     . DG  D 4 3  ? -1.017  2.070   -1.424  1.00 64.03  ? 3   DG  A O6     1 
ATOM   1197 N  N1     . DG  D 4 3  ? 0.921   3.207   -1.815  1.00 65.59  ? 3   DG  A N1     1 
ATOM   1198 C  C2     . DG  D 4 3  ? 2.156   3.356   -2.395  1.00 69.89  ? 3   DG  A C2     1 
ATOM   1199 N  N2     . DG  D 4 3  ? 2.812   4.486   -2.099  1.00 78.32  ? 3   DG  A N2     1 
ATOM   1200 N  N3     . DG  D 4 3  ? 2.710   2.463   -3.209  1.00 70.47  ? 3   DG  A N3     1 
ATOM   1201 C  C4     . DG  D 4 3  ? 1.908   1.389   -3.393  1.00 60.58  ? 3   DG  A C4     1 
ATOM   1202 H  "H5'"  . DG  D 4 3  ? 2.502   -1.792  -8.310  1.00 98.76  ? 3   DG  A "H5'"  1 
ATOM   1203 H  "H5''" . DG  D 4 3  ? 3.564   -2.896  -7.918  1.00 98.76  ? 3   DG  A "H5''" 1 
ATOM   1204 H  "H4'"  . DG  D 4 3  ? 4.426   -0.691  -7.677  1.00 110.47 ? 3   DG  A "H4'"  1 
ATOM   1205 H  "H3'"  . DG  D 4 3  ? 4.930   -2.577  -5.948  1.00 110.16 ? 3   DG  A "H3'"  1 
ATOM   1206 H  "H2'"  . DG  D 4 3  ? 3.457   -1.943  -4.369  1.00 92.77  ? 3   DG  A "H2'"  1 
ATOM   1207 H  "H2''" . DG  D 4 3  ? 4.726   -1.109  -3.871  1.00 92.77  ? 3   DG  A "H2''" 1 
ATOM   1208 H  "H1'"  . DG  D 4 3  ? 4.012   0.781   -4.857  1.00 90.97  ? 3   DG  A "H1'"  1 
ATOM   1209 H  H8     . DG  D 4 3  ? 1.027   -1.357  -4.498  1.00 98.00  ? 3   DG  A H8     1 
ATOM   1210 H  H1     . DG  D 4 3  ? 0.645   3.838   -1.301  1.00 78.72  ? 3   DG  A H1     1 
ATOM   1211 H  H21    . DG  D 4 3  ? 3.590   4.632   -2.436  1.00 93.99  ? 3   DG  A H21    1 
ATOM   1212 H  H22    . DG  D 4 3  ? 2.454   5.065   -1.573  1.00 93.99  ? 3   DG  A H22    1 
ATOM   1213 P  P      . DT  D 4 4  ? 7.231   -1.309  -4.832  1.00 111.23 ? 4   DT  A P      1 
ATOM   1214 O  OP1    . DT  D 4 4  ? 8.568   -1.293  -5.468  1.00 95.70  ? 4   DT  A OP1    1 
ATOM   1215 O  OP2    . DT  D 4 4  ? 6.780   -2.512  -4.098  1.00 93.42  ? 4   DT  A OP2    1 
ATOM   1216 O  "O5'"  . DT  D 4 4  ? 7.123   -0.064  -3.832  1.00 92.32  ? 4   DT  A "O5'"  1 
ATOM   1217 C  "C5'"  . DT  D 4 4  ? 7.502   1.229   -4.276  1.00 85.99  ? 4   DT  A "C5'"  1 
ATOM   1218 C  "C4'"  . DT  D 4 4  ? 7.521   2.226   -3.128  1.00 87.52  ? 4   DT  A "C4'"  1 
ATOM   1219 O  "O4'"  . DT  D 4 4  ? 6.188   2.339   -2.560  1.00 81.16  ? 4   DT  A "O4'"  1 
ATOM   1220 C  "C3'"  . DT  D 4 4  ? 8.455   1.862   -1.969  1.00 85.93  ? 4   DT  A "C3'"  1 
ATOM   1221 O  "O3'"  . DT  D 4 4  ? 9.331   2.950   -1.686  1.00 90.22  ? 4   DT  A "O3'"  1 
ATOM   1222 C  "C2'"  . DT  D 4 4  ? 7.508   1.556   -0.805  1.00 75.87  ? 4   DT  A "C2'"  1 
ATOM   1223 C  "C1'"  . DT  D 4 4  ? 6.272   2.367   -1.155  1.00 81.61  ? 4   DT  A "C1'"  1 
ATOM   1224 N  N1     . DT  D 4 4  ? 4.986   1.830   -0.588  1.00 82.52  ? 4   DT  A N1     1 
ATOM   1225 C  C2     . DT  D 4 4  ? 4.286   2.578   0.336   1.00 83.02  ? 4   DT  A C2     1 
ATOM   1226 O  O2     . DT  D 4 4  ? 4.663   3.662   0.742   1.00 86.64  ? 4   DT  A O2     1 
ATOM   1227 N  N3     . DT  D 4 4  ? 3.122   2.006   0.776   1.00 73.23  ? 4   DT  A N3     1 
ATOM   1228 C  C4     . DT  D 4 4  ? 2.592   0.789   0.390   1.00 76.19  ? 4   DT  A C4     1 
ATOM   1229 O  O4     . DT  D 4 4  ? 1.534   0.361   0.844   1.00 70.18  ? 4   DT  A O4     1 
ATOM   1230 C  C5     . DT  D 4 4  ? 3.370   0.060   -0.583  1.00 74.02  ? 4   DT  A C5     1 
ATOM   1231 C  C7     . DT  D 4 4  ? 2.896   -1.274  -1.077  1.00 64.67  ? 4   DT  A C7     1 
ATOM   1232 C  C6     . DT  D 4 4  ? 4.514   0.608   -1.024  1.00 78.05  ? 4   DT  A C6     1 
ATOM   1233 H  "H5'"  . DT  D 4 4  ? 6.871   1.532   -4.948  1.00 103.19 ? 4   DT  A "H5'"  1 
ATOM   1234 H  "H5''" . DT  D 4 4  ? 8.387   1.181   -4.670  1.00 103.19 ? 4   DT  A "H5''" 1 
ATOM   1235 H  "H4'"  . DT  D 4 4  ? 7.784   3.092   -3.477  1.00 105.03 ? 4   DT  A "H4'"  1 
ATOM   1236 H  "H3'"  . DT  D 4 4  ? 8.969   1.071   -2.194  1.00 103.13 ? 4   DT  A "H3'"  1 
ATOM   1237 H  "H2'"  . DT  D 4 4  ? 7.299   0.608   -0.772  1.00 91.05  ? 4   DT  A "H2'"  1 
ATOM   1238 H  "H2''" . DT  D 4 4  ? 7.889   1.855   0.036   1.00 91.05  ? 4   DT  A "H2''" 1 
ATOM   1239 H  "H1'"  . DT  D 4 4  ? 6.395   3.283   -0.859  1.00 97.95  ? 4   DT  A "H1'"  1 
ATOM   1240 H  H3     . DT  D 4 4  ? 2.671   2.453   1.356   1.00 87.89  ? 4   DT  A H3     1 
ATOM   1241 H  H71    . DT  D 4 4  ? 2.766   -1.235  -2.038  1.00 77.62  ? 4   DT  A H71    1 
ATOM   1242 H  H72    . DT  D 4 4  ? 3.559   -1.951  -0.869  1.00 77.62  ? 4   DT  A H72    1 
ATOM   1243 H  H73    . DT  D 4 4  ? 2.058   -1.499  -0.647  1.00 77.62  ? 4   DT  A H73    1 
ATOM   1244 H  H6     . DT  D 4 4  ? 5.014   0.140   -1.652  1.00 93.67  ? 4   DT  A H6     1 
ATOM   1245 P  P      . DC  D 4 5  ? 10.661  2.727   -0.814  1.00 89.64  ? 5   DC  A P      1 
ATOM   1246 O  OP1    . DC  D 4 5  ? 11.654  3.729   -1.263  1.00 89.71  ? 5   DC  A OP1    1 
ATOM   1247 O  OP2    . DC  D 4 5  ? 11.003  1.287   -0.838  1.00 95.25  ? 5   DC  A OP2    1 
ATOM   1248 O  "O5'"  . DC  D 4 5  ? 10.204  3.107   0.667   1.00 89.35  ? 5   DC  A "O5'"  1 
ATOM   1249 C  "C5'"  . DC  D 4 5  ? 9.892   4.452   0.975   1.00 78.04  ? 5   DC  A "C5'"  1 
ATOM   1250 C  "C4'"  . DC  D 4 5  ? 9.044   4.546   2.232   1.00 79.58  ? 5   DC  A "C4'"  1 
ATOM   1251 O  "O4'"  . DC  D 4 5  ? 7.895   3.680   2.120   1.00 88.51  ? 5   DC  A "O4'"  1 
ATOM   1252 C  "C3'"  . DC  D 4 5  ? 9.742   4.127   3.529   1.00 68.64  ? 5   DC  A "C3'"  1 
ATOM   1253 O  "O3'"  . DC  D 4 5  ? 10.007  5.279   4.318   1.00 63.12  ? 5   DC  A "O3'"  1 
ATOM   1254 C  "C2'"  . DC  D 4 5  ? 8.747   3.162   4.209   1.00 75.87  ? 5   DC  A "C2'"  1 
ATOM   1255 C  "C1'"  . DC  D 4 5  ? 7.468   3.379   3.419   1.00 76.20  ? 5   DC  A "C1'"  1 
ATOM   1256 N  N1     . DC  D 4 5  ? 6.534   2.198   3.372   1.00 76.81  ? 5   DC  A N1     1 
ATOM   1257 C  C2     . DC  D 4 5  ? 5.380   2.205   4.163   1.00 81.66  ? 5   DC  A C2     1 
ATOM   1258 O  O2     . DC  D 4 5  ? 5.163   3.171   4.904   1.00 73.74  ? 5   DC  A O2     1 
ATOM   1259 N  N3     . DC  D 4 5  ? 4.530   1.149   4.103   1.00 74.78  ? 5   DC  A N3     1 
ATOM   1260 C  C4     . DC  D 4 5  ? 4.794   0.126   3.292   1.00 75.32  ? 5   DC  A C4     1 
ATOM   1261 N  N4     . DC  D 4 5  ? 3.924   -0.893  3.267   1.00 76.42  ? 5   DC  A N4     1 
ATOM   1262 C  C5     . DC  D 4 5  ? 5.960   0.101   2.471   1.00 81.30  ? 5   DC  A C5     1 
ATOM   1263 C  C6     . DC  D 4 5  ? 6.792   1.150   2.540   1.00 73.89  ? 5   DC  A C6     1 
ATOM   1264 H  "H5'"  . DC  D 4 5  ? 9.404   4.842   0.233   1.00 93.66  ? 5   DC  A "H5'"  1 
ATOM   1265 H  "H5''" . DC  D 4 5  ? 10.715  4.946   1.108   1.00 93.66  ? 5   DC  A "H5''" 1 
ATOM   1266 H  "H4'"  . DC  D 4 5  ? 8.735   5.461   2.328   1.00 95.51  ? 5   DC  A "H4'"  1 
ATOM   1267 H  "H3'"  . DC  D 4 5  ? 10.569  3.664   3.326   1.00 82.38  ? 5   DC  A "H3'"  1 
ATOM   1268 H  "H2'"  . DC  D 4 5  ? 9.050   2.244   4.126   1.00 91.05  ? 5   DC  A "H2'"  1 
ATOM   1269 H  "H2''" . DC  D 4 5  ? 8.621   3.402   5.140   1.00 91.05  ? 5   DC  A "H2''" 1 
ATOM   1270 H  "H1'"  . DC  D 4 5  ? 6.996   4.144   3.784   1.00 91.45  ? 5   DC  A "H1'"  1 
ATOM   1271 H  H41    . DC  D 4 5  ? 4.066   -1.565  2.750   1.00 91.71  ? 5   DC  A H41    1 
ATOM   1272 H  H42    . DC  D 4 5  ? 3.226   -0.875  3.768   1.00 91.71  ? 5   DC  A H42    1 
ATOM   1273 H  H5     . DC  D 4 5  ? 6.136   -0.617  1.908   1.00 97.57  ? 5   DC  A H5     1 
ATOM   1274 H  H6     . DC  D 4 5  ? 7.559   1.161   2.013   1.00 88.68  ? 5   DC  A H6     1 
ATOM   1275 P  P      . DT  D 4 6  ? 11.076  5.224   5.512   1.00 86.85  ? 6   DT  A P      1 
ATOM   1276 O  OP1    . DT  D 4 6  ? 11.278  6.617   5.972   1.00 45.75  ? 6   DT  A OP1    1 
ATOM   1277 O  OP2    . DT  D 4 6  ? 12.236  4.416   5.066   1.00 73.23  ? 6   DT  A OP2    1 
ATOM   1278 O  "O5'"  . DT  D 4 6  ? 10.301  4.457   6.678   1.00 62.88  ? 6   DT  A "O5'"  1 
ATOM   1279 C  "C5'"  . DT  D 4 6  ? 9.840   5.191   7.787   1.00 67.05  ? 6   DT  A "C5'"  1 
ATOM   1280 C  "C4'"  . DT  D 4 6  ? 8.733   4.462   8.532   1.00 73.66  ? 6   DT  A "C4'"  1 
ATOM   1281 O  "O4'"  . DT  D 4 6  ? 7.971   3.613   7.645   1.00 69.81  ? 6   DT  A "O4'"  1 
ATOM   1282 C  "C3'"  . DT  D 4 6  ? 9.204   3.511   9.607   1.00 62.17  ? 6   DT  A "C3'"  1 
ATOM   1283 O  "O3'"  . DT  D 4 6  ? 9.460   4.207   10.805  1.00 52.32  ? 6   DT  A "O3'"  1 
ATOM   1284 C  "C2'"  . DT  D 4 6  ? 8.035   2.526   9.742   1.00 60.64  ? 6   DT  A "C2'"  1 
ATOM   1285 C  "C1'"  . DT  D 4 6  ? 7.215   2.733   8.462   1.00 70.04  ? 6   DT  A "C1'"  1 
ATOM   1286 N  N1     . DT  D 4 6  ? 6.926   1.444   7.735   1.00 74.79  ? 6   DT  A N1     1 
ATOM   1287 C  C2     . DT  D 4 6  ? 5.759   0.766   8.021   1.00 76.61  ? 6   DT  A C2     1 
ATOM   1288 O  O2     . DT  D 4 6  ? 4.933   1.168   8.817   1.00 85.59  ? 6   DT  A O2     1 
ATOM   1289 N  N3     . DT  D 4 6  ? 5.585   -0.403  7.328   1.00 73.39  ? 6   DT  A N3     1 
ATOM   1290 C  C4     . DT  D 4 6  ? 6.444   -0.957  6.404   1.00 78.07  ? 6   DT  A C4     1 
ATOM   1291 O  O4     . DT  D 4 6  ? 6.199   -2.015  5.830   1.00 75.25  ? 6   DT  A O4     1 
ATOM   1292 C  C5     . DT  D 4 6  ? 7.650   -0.208  6.159   1.00 75.28  ? 6   DT  A C5     1 
ATOM   1293 C  C7     . DT  D 4 6  ? 8.651   -0.717  5.176   1.00 65.57  ? 6   DT  A C7     1 
ATOM   1294 C  C6     . DT  D 4 6  ? 7.838   0.942   6.832   1.00 75.97  ? 6   DT  A C6     1 
ATOM   1295 H  "H5'"  . DT  D 4 6  ? 9.503   6.047   7.479   1.00 80.47  ? 6   DT  A "H5'"  1 
ATOM   1296 H  "H5''" . DT  D 4 6  ? 10.582  5.344   8.394   1.00 80.47  ? 6   DT  A "H5''" 1 
ATOM   1297 H  "H4'"  . DT  D 4 6  ? 8.137   5.115   8.929   1.00 88.40  ? 6   DT  A "H4'"  1 
ATOM   1298 H  "H3'"  . DT  D 4 6  ? 10.002  3.044   9.314   1.00 74.61  ? 6   DT  A "H3'"  1 
ATOM   1299 H  "HO3'" . DT  D 4 6  ? 9.036   4.013   11.504  1.00 62.80  ? 6   DT  A "HO3'" 1 
ATOM   1300 H  "H2'"  . DT  D 4 6  ? 8.364   1.615   9.790   1.00 72.77  ? 6   DT  A "H2'"  1 
ATOM   1301 H  "H2''" . DT  D 4 6  ? 7.502   2.739   10.524  1.00 72.77  ? 6   DT  A "H2''" 1 
ATOM   1302 H  "H1'"  . DT  D 4 6  ? 6.375   3.160   8.692   1.00 84.05  ? 6   DT  A "H1'"  1 
ATOM   1303 H  H3     . DT  D 4 6  ? 4.860   -0.836  7.485   1.00 88.08  ? 6   DT  A H3     1 
ATOM   1304 H  H71    . DT  D 4 6  ? 8.331   -1.547  4.789   1.00 78.69  ? 6   DT  A H71    1 
ATOM   1305 H  H72    . DT  D 4 6  ? 8.780   -0.061  4.474   1.00 78.69  ? 6   DT  A H72    1 
ATOM   1306 H  H73    . DT  D 4 6  ? 9.495   -0.877  5.628   1.00 78.69  ? 6   DT  A H73    1 
ATOM   1307 H  H6     . DT  D 4 6  ? 8.616   1.427   6.673   1.00 91.17  ? 6   DT  A H6     1 
HETATM 1308 AS AS     . CAC E 5 .  ? -8.457  8.509   -4.008  1.00 128.12 ? 101 CAC C AS     1 
HETATM 1309 AS AS     . CAC F 5 .  ? -3.660  -2.451  -1.488  1.00 190.16 ? 101 CAC A AS     1 
# 
loop_
_pdbx_poly_seq_scheme.asym_id 
_pdbx_poly_seq_scheme.entity_id 
_pdbx_poly_seq_scheme.seq_id 
_pdbx_poly_seq_scheme.mon_id 
_pdbx_poly_seq_scheme.ndb_seq_num 
_pdbx_poly_seq_scheme.pdb_seq_num 
_pdbx_poly_seq_scheme.auth_seq_num 
_pdbx_poly_seq_scheme.pdb_mon_id 
_pdbx_poly_seq_scheme.auth_mon_id 
_pdbx_poly_seq_scheme.pdb_strand_id 
_pdbx_poly_seq_scheme.pdb_ins_code 
_pdbx_poly_seq_scheme.hetero 
A 1 1  DG 1  7  7  DG DG B . n 
A 1 2  DA 2  8  8  DA DA B . n 
A 1 3  DA 3  9  9  DA DA B . n 
A 1 4  DC 4  10 10 DC DC B . n 
A 1 5  DG 5  11 11 DG DG B . n 
A 1 6  DA 6  12 12 DA DA B . n 
A 1 7  DC 7  13 13 DC DC B . n 
A 1 8  DA 8  14 14 DA DA B . n 
A 1 9  DC 9  15 15 DC DC B . n 
A 1 10 DA 10 16 16 DA DA B . n 
A 1 11 DG 11 17 17 DG DG B . n 
A 1 12 DA 12 18 18 DA DA B . n 
A 1 13 DC 13 19 19 DC DC B . n 
A 1 14 DG 14 20 20 DG DG B . n 
A 1 15 DT 15 21 21 DT DT B . n 
A 1 16 DC 16 22 22 DC DC B . n 
A 1 17 DG 17 23 23 DG DG B . n 
A 1 18 DA 18 24 24 DA DA B . n 
A 1 19 DC 19 25 25 DC DC B . n 
A 1 20 DT 20 26 26 DT DT B . n 
A 1 21 DC 21 27 27 DC DC B . n 
B 2 1  DT 1  28 28 DT DT C . n 
B 2 2  DC 2  29 29 DC DC C . n 
B 2 3  DG 3  30 30 DG DG C . n 
B 2 4  DA 4  31 31 DA DA C . n 
B 2 5  DG 5  32 32 DG DG C . n 
B 2 6  DT 6  33 33 DT DT C . n 
B 2 7  DC 7  34 34 DC DC C . n 
B 2 8  DG 8  35 35 DG DG C . n 
C 3 1  DG 1  36 36 DG DG D . n 
C 3 2  DT 2  37 37 DT DT D . n 
C 3 3  DG 3  38 38 DG DG D . n 
C 3 4  DT 4  39 39 DT DT D . n 
C 3 5  DC 5  40 40 DC DC D . n 
C 3 6  DG 6  41 41 DG DG D . n 
C 3 7  DT 7  42 42 DT DT D . n 
D 4 1  DA 1  1  1  DA DA A . n 
D 4 2  DC 2  2  2  DC DC A . n 
D 4 3  DG 3  3  3  DG DG A . n 
D 4 4  DT 4  4  4  DT DT A . n 
D 4 5  DC 5  5  5  DC DC A . n 
D 4 6  DT 6  6  6  DT DT A . n 
# 
loop_
_pdbx_nonpoly_scheme.asym_id 
_pdbx_nonpoly_scheme.entity_id 
_pdbx_nonpoly_scheme.mon_id 
_pdbx_nonpoly_scheme.ndb_seq_num 
_pdbx_nonpoly_scheme.pdb_seq_num 
_pdbx_nonpoly_scheme.auth_seq_num 
_pdbx_nonpoly_scheme.pdb_mon_id 
_pdbx_nonpoly_scheme.auth_mon_id 
_pdbx_nonpoly_scheme.pdb_strand_id 
_pdbx_nonpoly_scheme.pdb_ins_code 
E 5 CAC 1 101 1 CAC AS C . 
F 5 CAC 1 101 2 CAC AS A . 
# 
_pdbx_struct_assembly.id                   1 
_pdbx_struct_assembly.details              author_defined_assembly 
_pdbx_struct_assembly.method_details       ? 
_pdbx_struct_assembly.oligomeric_details   tetrameric 
_pdbx_struct_assembly.oligomeric_count     4 
# 
_pdbx_struct_assembly_gen.assembly_id       1 
_pdbx_struct_assembly_gen.oper_expression   1 
_pdbx_struct_assembly_gen.asym_id_list      A,B,C,D,E,F 
# 
_pdbx_struct_oper_list.id                   1 
_pdbx_struct_oper_list.type                 'identity operation' 
_pdbx_struct_oper_list.name                 1_555 
_pdbx_struct_oper_list.symmetry_operation   x,y,z 
_pdbx_struct_oper_list.matrix[1][1]         1.0000000000 
_pdbx_struct_oper_list.matrix[1][2]         0.0000000000 
_pdbx_struct_oper_list.matrix[1][3]         0.0000000000 
_pdbx_struct_oper_list.vector[1]            0.0000000000 
_pdbx_struct_oper_list.matrix[2][1]         0.0000000000 
_pdbx_struct_oper_list.matrix[2][2]         1.0000000000 
_pdbx_struct_oper_list.matrix[2][3]         0.0000000000 
_pdbx_struct_oper_list.vector[2]            0.0000000000 
_pdbx_struct_oper_list.matrix[3][1]         0.0000000000 
_pdbx_struct_oper_list.matrix[3][2]         0.0000000000 
_pdbx_struct_oper_list.matrix[3][3]         1.0000000000 
_pdbx_struct_oper_list.vector[3]            0.0000000000 
# 
loop_
_pdbx_audit_revision_history.ordinal 
_pdbx_audit_revision_history.data_content_type 
_pdbx_audit_revision_history.major_revision 
_pdbx_audit_revision_history.minor_revision 
_pdbx_audit_revision_history.revision_date 
1 'Structure model' 1 0 2021-07-14 
2 'Structure model' 1 1 2022-07-06 
3 'Structure model' 1 2 2023-10-18 
# 
_pdbx_audit_revision_details.ordinal             1 
_pdbx_audit_revision_details.revision_ordinal    1 
_pdbx_audit_revision_details.data_content_type   'Structure model' 
_pdbx_audit_revision_details.provider            repository 
_pdbx_audit_revision_details.type                'Initial release' 
_pdbx_audit_revision_details.description         ? 
_pdbx_audit_revision_details.details             ? 
# 
loop_
_pdbx_audit_revision_group.ordinal 
_pdbx_audit_revision_group.revision_ordinal 
_pdbx_audit_revision_group.data_content_type 
_pdbx_audit_revision_group.group 
1 2 'Structure model' 'Database references'    
2 3 'Structure model' 'Data collection'        
3 3 'Structure model' 'Refinement description' 
# 
loop_
_pdbx_audit_revision_category.ordinal 
_pdbx_audit_revision_category.revision_ordinal 
_pdbx_audit_revision_category.data_content_type 
_pdbx_audit_revision_category.category 
1 2 'Structure model' citation                      
2 2 'Structure model' citation_author               
3 2 'Structure model' database_2                    
4 3 'Structure model' chem_comp_atom                
5 3 'Structure model' chem_comp_bond                
6 3 'Structure model' pdbx_initial_refinement_model 
# 
loop_
_pdbx_audit_revision_item.ordinal 
_pdbx_audit_revision_item.revision_ordinal 
_pdbx_audit_revision_item.data_content_type 
_pdbx_audit_revision_item.item 
1  2 'Structure model' '_citation.country'                   
2  2 'Structure model' '_citation.journal_abbrev'            
3  2 'Structure model' '_citation.journal_id_CSD'            
4  2 'Structure model' '_citation.journal_id_ISSN'           
5  2 'Structure model' '_citation.journal_volume'            
6  2 'Structure model' '_citation.page_first'                
7  2 'Structure model' '_citation.page_last'                 
8  2 'Structure model' '_citation.pdbx_database_id_DOI'      
9  2 'Structure model' '_citation.pdbx_database_id_PubMed'   
10 2 'Structure model' '_citation.title'                     
11 2 'Structure model' '_citation.year'                      
12 2 'Structure model' '_database_2.pdbx_DOI'                
13 2 'Structure model' '_database_2.pdbx_database_accession' 
# 
loop_
_software.citation_id 
_software.classification 
_software.compiler_name 
_software.compiler_version 
_software.contact_author 
_software.contact_author_email 
_software.date 
_software.description 
_software.dependencies 
_software.hardware 
_software.language 
_software.location 
_software.mods 
_software.name 
_software.os 
_software.os_version 
_software.type 
_software.version 
_software.pdbx_ordinal 
? refinement        ? ? ? ? ? ? ? ? ? ? ? PHENIX      ? ? ? 1.11.1_2575 1 
? 'data reduction'  ? ? ? ? ? ? ? ? ? ? ? HKL-2000    ? ? ? .           2 
? 'data scaling'    ? ? ? ? ? ? ? ? ? ? ? HKL-2000    ? ? ? .           3 
? 'data extraction' ? ? ? ? ? ? ? ? ? ? ? PDB_EXTRACT ? ? ? 3.25        4 
? phasing           ? ? ? ? ? ? ? ? ? ? ? PHASER      ? ? ? .           5 
# 
_pdbx_entry_details.entry_id                 7JLF 
_pdbx_entry_details.nonpolymer_details       ? 
_pdbx_entry_details.sequence_details         ? 
_pdbx_entry_details.compound_details         ? 
_pdbx_entry_details.source_details           ? 
_pdbx_entry_details.has_ligand_of_interest   N 
# 
_pdbx_validate_symm_contact.id                1 
_pdbx_validate_symm_contact.PDB_model_num     1 
_pdbx_validate_symm_contact.auth_atom_id_1    "O5'" 
_pdbx_validate_symm_contact.auth_asym_id_1    A 
_pdbx_validate_symm_contact.auth_comp_id_1    DA 
_pdbx_validate_symm_contact.auth_seq_id_1     1 
_pdbx_validate_symm_contact.PDB_ins_code_1    ? 
_pdbx_validate_symm_contact.label_alt_id_1    ? 
_pdbx_validate_symm_contact.site_symmetry_1   1_555 
_pdbx_validate_symm_contact.auth_atom_id_2    "O3'" 
_pdbx_validate_symm_contact.auth_asym_id_2    A 
_pdbx_validate_symm_contact.auth_comp_id_2    DT 
_pdbx_validate_symm_contact.auth_seq_id_2     6 
_pdbx_validate_symm_contact.PDB_ins_code_2    ? 
_pdbx_validate_symm_contact.label_alt_id_2    ? 
_pdbx_validate_symm_contact.site_symmetry_2   8_664 
_pdbx_validate_symm_contact.dist              2.03 
# 
_pdbx_validate_rmsd_angle.id                         1 
_pdbx_validate_rmsd_angle.PDB_model_num              1 
_pdbx_validate_rmsd_angle.auth_atom_id_1             "O4'" 
_pdbx_validate_rmsd_angle.auth_asym_id_1             A 
_pdbx_validate_rmsd_angle.auth_comp_id_1             DT 
_pdbx_validate_rmsd_angle.auth_seq_id_1              6 
_pdbx_validate_rmsd_angle.PDB_ins_code_1             ? 
_pdbx_validate_rmsd_angle.label_alt_id_1             ? 
_pdbx_validate_rmsd_angle.auth_atom_id_2             "C1'" 
_pdbx_validate_rmsd_angle.auth_asym_id_2             A 
_pdbx_validate_rmsd_angle.auth_comp_id_2             DT 
_pdbx_validate_rmsd_angle.auth_seq_id_2              6 
_pdbx_validate_rmsd_angle.PDB_ins_code_2             ? 
_pdbx_validate_rmsd_angle.label_alt_id_2             ? 
_pdbx_validate_rmsd_angle.auth_atom_id_3             N1 
_pdbx_validate_rmsd_angle.auth_asym_id_3             A 
_pdbx_validate_rmsd_angle.auth_comp_id_3             DT 
_pdbx_validate_rmsd_angle.auth_seq_id_3              6 
_pdbx_validate_rmsd_angle.PDB_ins_code_3             ? 
_pdbx_validate_rmsd_angle.label_alt_id_3             ? 
_pdbx_validate_rmsd_angle.angle_value                110.76 
_pdbx_validate_rmsd_angle.angle_target_value         108.30 
_pdbx_validate_rmsd_angle.angle_deviation            2.46 
_pdbx_validate_rmsd_angle.angle_standard_deviation   0.30 
_pdbx_validate_rmsd_angle.linker_flag                N 
# 
loop_
_pdbx_unobs_or_zero_occ_atoms.id 
_pdbx_unobs_or_zero_occ_atoms.PDB_model_num 
_pdbx_unobs_or_zero_occ_atoms.polymer_flag 
_pdbx_unobs_or_zero_occ_atoms.occupancy_flag 
_pdbx_unobs_or_zero_occ_atoms.auth_asym_id 
_pdbx_unobs_or_zero_occ_atoms.auth_comp_id 
_pdbx_unobs_or_zero_occ_atoms.auth_seq_id 
_pdbx_unobs_or_zero_occ_atoms.PDB_ins_code 
_pdbx_unobs_or_zero_occ_atoms.auth_atom_id 
_pdbx_unobs_or_zero_occ_atoms.label_alt_id 
_pdbx_unobs_or_zero_occ_atoms.label_asym_id 
_pdbx_unobs_or_zero_occ_atoms.label_comp_id 
_pdbx_unobs_or_zero_occ_atoms.label_seq_id 
_pdbx_unobs_or_zero_occ_atoms.label_atom_id 
1 1 N 1 C CAC 101 ? O1 ? E CAC 1 O1 
2 1 N 1 C CAC 101 ? O2 ? E CAC 1 O2 
3 1 N 1 C CAC 101 ? C1 ? E CAC 1 C1 
4 1 N 1 C CAC 101 ? C2 ? E CAC 1 C2 
5 1 N 1 A CAC 101 ? O1 ? F CAC 1 O1 
6 1 N 1 A CAC 101 ? O2 ? F CAC 1 O2 
7 1 N 1 A CAC 101 ? C1 ? F CAC 1 C1 
8 1 N 1 A CAC 101 ? C2 ? F CAC 1 C2 
# 
loop_
_chem_comp_atom.comp_id 
_chem_comp_atom.atom_id 
_chem_comp_atom.type_symbol 
_chem_comp_atom.pdbx_aromatic_flag 
_chem_comp_atom.pdbx_stereo_config 
_chem_comp_atom.pdbx_ordinal 
CAC AS     AS N N 1   
CAC O1     O  N N 2   
CAC O2     O  N N 3   
CAC C1     C  N N 4   
CAC C2     C  N N 5   
CAC H11    H  N N 6   
CAC H12    H  N N 7   
CAC H13    H  N N 8   
CAC H21    H  N N 9   
CAC H22    H  N N 10  
CAC H23    H  N N 11  
DA  OP3    O  N N 12  
DA  P      P  N N 13  
DA  OP1    O  N N 14  
DA  OP2    O  N N 15  
DA  "O5'"  O  N N 16  
DA  "C5'"  C  N N 17  
DA  "C4'"  C  N R 18  
DA  "O4'"  O  N N 19  
DA  "C3'"  C  N S 20  
DA  "O3'"  O  N N 21  
DA  "C2'"  C  N N 22  
DA  "C1'"  C  N R 23  
DA  N9     N  Y N 24  
DA  C8     C  Y N 25  
DA  N7     N  Y N 26  
DA  C5     C  Y N 27  
DA  C6     C  Y N 28  
DA  N6     N  N N 29  
DA  N1     N  Y N 30  
DA  C2     C  Y N 31  
DA  N3     N  Y N 32  
DA  C4     C  Y N 33  
DA  HOP3   H  N N 34  
DA  HOP2   H  N N 35  
DA  "H5'"  H  N N 36  
DA  "H5''" H  N N 37  
DA  "H4'"  H  N N 38  
DA  "H3'"  H  N N 39  
DA  "HO3'" H  N N 40  
DA  "H2'"  H  N N 41  
DA  "H2''" H  N N 42  
DA  "H1'"  H  N N 43  
DA  H8     H  N N 44  
DA  H61    H  N N 45  
DA  H62    H  N N 46  
DA  H2     H  N N 47  
DC  OP3    O  N N 48  
DC  P      P  N N 49  
DC  OP1    O  N N 50  
DC  OP2    O  N N 51  
DC  "O5'"  O  N N 52  
DC  "C5'"  C  N N 53  
DC  "C4'"  C  N R 54  
DC  "O4'"  O  N N 55  
DC  "C3'"  C  N S 56  
DC  "O3'"  O  N N 57  
DC  "C2'"  C  N N 58  
DC  "C1'"  C  N R 59  
DC  N1     N  N N 60  
DC  C2     C  N N 61  
DC  O2     O  N N 62  
DC  N3     N  N N 63  
DC  C4     C  N N 64  
DC  N4     N  N N 65  
DC  C5     C  N N 66  
DC  C6     C  N N 67  
DC  HOP3   H  N N 68  
DC  HOP2   H  N N 69  
DC  "H5'"  H  N N 70  
DC  "H5''" H  N N 71  
DC  "H4'"  H  N N 72  
DC  "H3'"  H  N N 73  
DC  "HO3'" H  N N 74  
DC  "H2'"  H  N N 75  
DC  "H2''" H  N N 76  
DC  "H1'"  H  N N 77  
DC  H41    H  N N 78  
DC  H42    H  N N 79  
DC  H5     H  N N 80  
DC  H6     H  N N 81  
DG  OP3    O  N N 82  
DG  P      P  N N 83  
DG  OP1    O  N N 84  
DG  OP2    O  N N 85  
DG  "O5'"  O  N N 86  
DG  "C5'"  C  N N 87  
DG  "C4'"  C  N R 88  
DG  "O4'"  O  N N 89  
DG  "C3'"  C  N S 90  
DG  "O3'"  O  N N 91  
DG  "C2'"  C  N N 92  
DG  "C1'"  C  N R 93  
DG  N9     N  Y N 94  
DG  C8     C  Y N 95  
DG  N7     N  Y N 96  
DG  C5     C  Y N 97  
DG  C6     C  N N 98  
DG  O6     O  N N 99  
DG  N1     N  N N 100 
DG  C2     C  N N 101 
DG  N2     N  N N 102 
DG  N3     N  N N 103 
DG  C4     C  Y N 104 
DG  HOP3   H  N N 105 
DG  HOP2   H  N N 106 
DG  "H5'"  H  N N 107 
DG  "H5''" H  N N 108 
DG  "H4'"  H  N N 109 
DG  "H3'"  H  N N 110 
DG  "HO3'" H  N N 111 
DG  "H2'"  H  N N 112 
DG  "H2''" H  N N 113 
DG  "H1'"  H  N N 114 
DG  H8     H  N N 115 
DG  H1     H  N N 116 
DG  H21    H  N N 117 
DG  H22    H  N N 118 
DT  OP3    O  N N 119 
DT  P      P  N N 120 
DT  OP1    O  N N 121 
DT  OP2    O  N N 122 
DT  "O5'"  O  N N 123 
DT  "C5'"  C  N N 124 
DT  "C4'"  C  N R 125 
DT  "O4'"  O  N N 126 
DT  "C3'"  C  N S 127 
DT  "O3'"  O  N N 128 
DT  "C2'"  C  N N 129 
DT  "C1'"  C  N R 130 
DT  N1     N  N N 131 
DT  C2     C  N N 132 
DT  O2     O  N N 133 
DT  N3     N  N N 134 
DT  C4     C  N N 135 
DT  O4     O  N N 136 
DT  C5     C  N N 137 
DT  C7     C  N N 138 
DT  C6     C  N N 139 
DT  HOP3   H  N N 140 
DT  HOP2   H  N N 141 
DT  "H5'"  H  N N 142 
DT  "H5''" H  N N 143 
DT  "H4'"  H  N N 144 
DT  "H3'"  H  N N 145 
DT  "HO3'" H  N N 146 
DT  "H2'"  H  N N 147 
DT  "H2''" H  N N 148 
DT  "H1'"  H  N N 149 
DT  H3     H  N N 150 
DT  H71    H  N N 151 
DT  H72    H  N N 152 
DT  H73    H  N N 153 
DT  H6     H  N N 154 
# 
loop_
_chem_comp_bond.comp_id 
_chem_comp_bond.atom_id_1 
_chem_comp_bond.atom_id_2 
_chem_comp_bond.value_order 
_chem_comp_bond.pdbx_aromatic_flag 
_chem_comp_bond.pdbx_stereo_config 
_chem_comp_bond.pdbx_ordinal 
CAC AS    O1     doub N N 1   
CAC AS    O2     sing N N 2   
CAC AS    C1     sing N N 3   
CAC AS    C2     sing N N 4   
CAC C1    H11    sing N N 5   
CAC C1    H12    sing N N 6   
CAC C1    H13    sing N N 7   
CAC C2    H21    sing N N 8   
CAC C2    H22    sing N N 9   
CAC C2    H23    sing N N 10  
DA  OP3   P      sing N N 11  
DA  OP3   HOP3   sing N N 12  
DA  P     OP1    doub N N 13  
DA  P     OP2    sing N N 14  
DA  P     "O5'"  sing N N 15  
DA  OP2   HOP2   sing N N 16  
DA  "O5'" "C5'"  sing N N 17  
DA  "C5'" "C4'"  sing N N 18  
DA  "C5'" "H5'"  sing N N 19  
DA  "C5'" "H5''" sing N N 20  
DA  "C4'" "O4'"  sing N N 21  
DA  "C4'" "C3'"  sing N N 22  
DA  "C4'" "H4'"  sing N N 23  
DA  "O4'" "C1'"  sing N N 24  
DA  "C3'" "O3'"  sing N N 25  
DA  "C3'" "C2'"  sing N N 26  
DA  "C3'" "H3'"  sing N N 27  
DA  "O3'" "HO3'" sing N N 28  
DA  "C2'" "C1'"  sing N N 29  
DA  "C2'" "H2'"  sing N N 30  
DA  "C2'" "H2''" sing N N 31  
DA  "C1'" N9     sing N N 32  
DA  "C1'" "H1'"  sing N N 33  
DA  N9    C8     sing Y N 34  
DA  N9    C4     sing Y N 35  
DA  C8    N7     doub Y N 36  
DA  C8    H8     sing N N 37  
DA  N7    C5     sing Y N 38  
DA  C5    C6     sing Y N 39  
DA  C5    C4     doub Y N 40  
DA  C6    N6     sing N N 41  
DA  C6    N1     doub Y N 42  
DA  N6    H61    sing N N 43  
DA  N6    H62    sing N N 44  
DA  N1    C2     sing Y N 45  
DA  C2    N3     doub Y N 46  
DA  C2    H2     sing N N 47  
DA  N3    C4     sing Y N 48  
DC  OP3   P      sing N N 49  
DC  OP3   HOP3   sing N N 50  
DC  P     OP1    doub N N 51  
DC  P     OP2    sing N N 52  
DC  P     "O5'"  sing N N 53  
DC  OP2   HOP2   sing N N 54  
DC  "O5'" "C5'"  sing N N 55  
DC  "C5'" "C4'"  sing N N 56  
DC  "C5'" "H5'"  sing N N 57  
DC  "C5'" "H5''" sing N N 58  
DC  "C4'" "O4'"  sing N N 59  
DC  "C4'" "C3'"  sing N N 60  
DC  "C4'" "H4'"  sing N N 61  
DC  "O4'" "C1'"  sing N N 62  
DC  "C3'" "O3'"  sing N N 63  
DC  "C3'" "C2'"  sing N N 64  
DC  "C3'" "H3'"  sing N N 65  
DC  "O3'" "HO3'" sing N N 66  
DC  "C2'" "C1'"  sing N N 67  
DC  "C2'" "H2'"  sing N N 68  
DC  "C2'" "H2''" sing N N 69  
DC  "C1'" N1     sing N N 70  
DC  "C1'" "H1'"  sing N N 71  
DC  N1    C2     sing N N 72  
DC  N1    C6     sing N N 73  
DC  C2    O2     doub N N 74  
DC  C2    N3     sing N N 75  
DC  N3    C4     doub N N 76  
DC  C4    N4     sing N N 77  
DC  C4    C5     sing N N 78  
DC  N4    H41    sing N N 79  
DC  N4    H42    sing N N 80  
DC  C5    C6     doub N N 81  
DC  C5    H5     sing N N 82  
DC  C6    H6     sing N N 83  
DG  OP3   P      sing N N 84  
DG  OP3   HOP3   sing N N 85  
DG  P     OP1    doub N N 86  
DG  P     OP2    sing N N 87  
DG  P     "O5'"  sing N N 88  
DG  OP2   HOP2   sing N N 89  
DG  "O5'" "C5'"  sing N N 90  
DG  "C5'" "C4'"  sing N N 91  
DG  "C5'" "H5'"  sing N N 92  
DG  "C5'" "H5''" sing N N 93  
DG  "C4'" "O4'"  sing N N 94  
DG  "C4'" "C3'"  sing N N 95  
DG  "C4'" "H4'"  sing N N 96  
DG  "O4'" "C1'"  sing N N 97  
DG  "C3'" "O3'"  sing N N 98  
DG  "C3'" "C2'"  sing N N 99  
DG  "C3'" "H3'"  sing N N 100 
DG  "O3'" "HO3'" sing N N 101 
DG  "C2'" "C1'"  sing N N 102 
DG  "C2'" "H2'"  sing N N 103 
DG  "C2'" "H2''" sing N N 104 
DG  "C1'" N9     sing N N 105 
DG  "C1'" "H1'"  sing N N 106 
DG  N9    C8     sing Y N 107 
DG  N9    C4     sing Y N 108 
DG  C8    N7     doub Y N 109 
DG  C8    H8     sing N N 110 
DG  N7    C5     sing Y N 111 
DG  C5    C6     sing N N 112 
DG  C5    C4     doub Y N 113 
DG  C6    O6     doub N N 114 
DG  C6    N1     sing N N 115 
DG  N1    C2     sing N N 116 
DG  N1    H1     sing N N 117 
DG  C2    N2     sing N N 118 
DG  C2    N3     doub N N 119 
DG  N2    H21    sing N N 120 
DG  N2    H22    sing N N 121 
DG  N3    C4     sing N N 122 
DT  OP3   P      sing N N 123 
DT  OP3   HOP3   sing N N 124 
DT  P     OP1    doub N N 125 
DT  P     OP2    sing N N 126 
DT  P     "O5'"  sing N N 127 
DT  OP2   HOP2   sing N N 128 
DT  "O5'" "C5'"  sing N N 129 
DT  "C5'" "C4'"  sing N N 130 
DT  "C5'" "H5'"  sing N N 131 
DT  "C5'" "H5''" sing N N 132 
DT  "C4'" "O4'"  sing N N 133 
DT  "C4'" "C3'"  sing N N 134 
DT  "C4'" "H4'"  sing N N 135 
DT  "O4'" "C1'"  sing N N 136 
DT  "C3'" "O3'"  sing N N 137 
DT  "C3'" "C2'"  sing N N 138 
DT  "C3'" "H3'"  sing N N 139 
DT  "O3'" "HO3'" sing N N 140 
DT  "C2'" "C1'"  sing N N 141 
DT  "C2'" "H2'"  sing N N 142 
DT  "C2'" "H2''" sing N N 143 
DT  "C1'" N1     sing N N 144 
DT  "C1'" "H1'"  sing N N 145 
DT  N1    C2     sing N N 146 
DT  N1    C6     sing N N 147 
DT  C2    O2     doub N N 148 
DT  C2    N3     sing N N 149 
DT  N3    C4     sing N N 150 
DT  N3    H3     sing N N 151 
DT  C4    O4     doub N N 152 
DT  C4    C5     sing N N 153 
DT  C5    C7     sing N N 154 
DT  C5    C6     doub N N 155 
DT  C7    H71    sing N N 156 
DT  C7    H72    sing N N 157 
DT  C7    H73    sing N N 158 
DT  C6    H6     sing N N 159 
# 
loop_
_ndb_struct_conf_na.entry_id 
_ndb_struct_conf_na.feature 
7JLF 'double helix'        
7JLF 'b-form double helix' 
# 
loop_
_ndb_struct_na_base_pair.model_number 
_ndb_struct_na_base_pair.i_label_asym_id 
_ndb_struct_na_base_pair.i_label_comp_id 
_ndb_struct_na_base_pair.i_label_seq_id 
_ndb_struct_na_base_pair.i_symmetry 
_ndb_struct_na_base_pair.j_label_asym_id 
_ndb_struct_na_base_pair.j_label_comp_id 
_ndb_struct_na_base_pair.j_label_seq_id 
_ndb_struct_na_base_pair.j_symmetry 
_ndb_struct_na_base_pair.shear 
_ndb_struct_na_base_pair.stretch 
_ndb_struct_na_base_pair.stagger 
_ndb_struct_na_base_pair.buckle 
_ndb_struct_na_base_pair.propeller 
_ndb_struct_na_base_pair.opening 
_ndb_struct_na_base_pair.pair_number 
_ndb_struct_na_base_pair.pair_name 
_ndb_struct_na_base_pair.i_auth_asym_id 
_ndb_struct_na_base_pair.i_auth_seq_id 
_ndb_struct_na_base_pair.i_PDB_ins_code 
_ndb_struct_na_base_pair.j_auth_asym_id 
_ndb_struct_na_base_pair.j_auth_seq_id 
_ndb_struct_na_base_pair.j_PDB_ins_code 
_ndb_struct_na_base_pair.hbond_type_28 
_ndb_struct_na_base_pair.hbond_type_12 
1 A DA 3  1_555 C DT 7 1_555 0.141  0.457  0.611  7.700  -12.865 6.780   1  B_DA9:DT42_D  B 9  ? D 42 ? ?  ? 
1 A DC 4  1_555 C DG 6 1_555 -1.166 0.460  -0.145 0.484  -8.544  3.143   2  B_DC10:DG41_D B 10 ? D 41 ? 19 1 
1 A DG 5  1_555 C DC 5 1_555 0.721  -0.078 0.200  0.902  -13.003 -8.837  3  B_DG11:DC40_D B 11 ? D 40 ? 19 1 
1 A DA 6  1_555 C DT 4 1_555 0.038  -0.260 0.040  5.374  -14.415 -5.849  4  B_DA12:DT39_D B 12 ? D 39 ? 20 1 
1 A DC 7  1_555 C DG 3 1_555 -0.858 0.119  -0.014 12.437 -13.711 -0.557  5  B_DC13:DG38_D B 13 ? D 38 ? 19 1 
1 A DA 8  1_555 C DT 2 1_555 -0.187 0.272  0.094  -8.640 -15.495 -4.065  6  B_DA14:DT37_D B 14 ? D 37 ? 20 1 
1 A DC 9  1_555 C DG 1 1_555 -0.099 -0.258 0.854  -6.643 -15.866 -4.378  7  B_DC15:DG36_D B 15 ? D 36 ? 19 1 
1 A DA 10 1_555 D DT 6 1_555 0.002  0.022  1.216  7.338  -1.443  -1.984  8  B_DA16:DT6_A  B 16 ? A 6  ? 20 1 
1 A DG 11 1_555 D DC 5 1_555 0.278  -0.224 0.899  11.570 -3.032  1.733   9  B_DG17:DC5_A  B 17 ? A 5  ? 19 1 
1 A DA 12 1_555 D DT 4 1_555 0.543  -0.073 0.499  8.215  -7.043  0.163   10 B_DA18:DT4_A  B 18 ? A 4  ? 20 1 
1 A DC 13 1_555 D DG 3 1_555 0.072  -0.337 -0.080 2.670  -6.356  -2.792  11 B_DC19:DG3_A  B 19 ? A 3  ? 19 1 
1 A DG 14 1_555 D DC 2 1_555 -0.115 -0.276 0.232  0.761  -13.971 -4.015  12 B_DG20:DC2_A  B 20 ? A 2  ? 19 1 
1 A DT 15 1_555 D DA 1 1_555 -1.015 -0.256 0.626  -2.127 -15.006 -10.864 13 B_DT21:DA1_A  B 21 ? A 1  ? 20 1 
1 A DC 16 1_555 B DG 8 1_555 -0.268 -0.386 0.481  1.467  -13.009 -7.912  14 B_DC22:DG35_C B 22 ? C 35 ? 19 1 
1 A DG 17 1_555 B DC 7 1_555 0.771  -0.189 0.783  7.071  -13.137 -7.150  15 B_DG23:DC34_C B 23 ? C 34 ? 19 1 
1 A DA 18 1_555 B DT 6 1_555 1.162  -0.113 0.566  0.584  -6.939  -2.553  16 B_DA24:DT33_C B 24 ? C 33 ? 20 1 
1 A DC 19 1_555 B DG 5 1_555 0.270  -0.131 0.360  0.469  -6.096  5.447   17 B_DC25:DG32_C B 25 ? C 32 ? 19 1 
1 A DT 20 1_555 B DA 4 1_555 -1.105 0.319  -0.074 1.973  -6.084  -7.773  18 B_DT26:DA31_C B 26 ? C 31 ? 20 1 
1 A DC 21 1_555 B DG 3 1_555 -0.372 0.092  -0.073 10.757 -11.557 8.371   19 B_DC27:DG30_C B 27 ? C 30 ? 19 1 
# 
loop_
_ndb_struct_na_base_pair_step.model_number 
_ndb_struct_na_base_pair_step.i_label_asym_id_1 
_ndb_struct_na_base_pair_step.i_label_comp_id_1 
_ndb_struct_na_base_pair_step.i_label_seq_id_1 
_ndb_struct_na_base_pair_step.i_symmetry_1 
_ndb_struct_na_base_pair_step.j_label_asym_id_1 
_ndb_struct_na_base_pair_step.j_label_comp_id_1 
_ndb_struct_na_base_pair_step.j_label_seq_id_1 
_ndb_struct_na_base_pair_step.j_symmetry_1 
_ndb_struct_na_base_pair_step.i_label_asym_id_2 
_ndb_struct_na_base_pair_step.i_label_comp_id_2 
_ndb_struct_na_base_pair_step.i_label_seq_id_2 
_ndb_struct_na_base_pair_step.i_symmetry_2 
_ndb_struct_na_base_pair_step.j_label_asym_id_2 
_ndb_struct_na_base_pair_step.j_label_comp_id_2 
_ndb_struct_na_base_pair_step.j_label_seq_id_2 
_ndb_struct_na_base_pair_step.j_symmetry_2 
_ndb_struct_na_base_pair_step.shift 
_ndb_struct_na_base_pair_step.slide 
_ndb_struct_na_base_pair_step.rise 
_ndb_struct_na_base_pair_step.tilt 
_ndb_struct_na_base_pair_step.roll 
_ndb_struct_na_base_pair_step.twist 
_ndb_struct_na_base_pair_step.x_displacement 
_ndb_struct_na_base_pair_step.y_displacement 
_ndb_struct_na_base_pair_step.helical_rise 
_ndb_struct_na_base_pair_step.inclination 
_ndb_struct_na_base_pair_step.tip 
_ndb_struct_na_base_pair_step.helical_twist 
_ndb_struct_na_base_pair_step.step_number 
_ndb_struct_na_base_pair_step.step_name 
_ndb_struct_na_base_pair_step.i_auth_asym_id_1 
_ndb_struct_na_base_pair_step.i_auth_seq_id_1 
_ndb_struct_na_base_pair_step.i_PDB_ins_code_1 
_ndb_struct_na_base_pair_step.j_auth_asym_id_1 
_ndb_struct_na_base_pair_step.j_auth_seq_id_1 
_ndb_struct_na_base_pair_step.j_PDB_ins_code_1 
_ndb_struct_na_base_pair_step.i_auth_asym_id_2 
_ndb_struct_na_base_pair_step.i_auth_seq_id_2 
_ndb_struct_na_base_pair_step.i_PDB_ins_code_2 
_ndb_struct_na_base_pair_step.j_auth_asym_id_2 
_ndb_struct_na_base_pair_step.j_auth_seq_id_2 
_ndb_struct_na_base_pair_step.j_PDB_ins_code_2 
1 A DA 3  1_555 C DT 7 1_555 A DC 4  1_555 C DG 6 1_555 -0.368 -0.739 3.395 2.376  -1.326 25.263 -1.284 1.549  3.381 -3.021 -5.413 
25.407 1  BB_DA9DC10:DG41DT42_DD  B 9  ? D 42 ? B 10 ? D 41 ? 
1 A DC 4  1_555 C DG 6 1_555 A DG 5  1_555 C DC 5 1_555 -0.241 0.356  3.549 -2.011 3.144  42.006 0.141  0.110  3.572 4.375  2.798 
42.164 2  BB_DC10DG11:DC40DG41_DD B 10 ? D 41 ? B 11 ? D 40 ? 
1 A DG 5  1_555 C DC 5 1_555 A DA 6  1_555 C DT 4 1_555 -0.398 -0.082 3.225 0.578  4.996  34.459 -0.885 0.751  3.175 8.377  -0.970 
34.813 3  BB_DG11DA12:DT39DC40_DD B 11 ? D 40 ? B 12 ? D 39 ? 
1 A DA 6  1_555 C DT 4 1_555 A DC 7  1_555 C DG 3 1_555 0.444  -0.872 3.145 -0.074 -2.866 27.550 -1.145 -0.945 3.216 -5.998 0.154 
27.696 4  BB_DA12DC13:DG38DT39_DD B 12 ? D 39 ? B 13 ? D 38 ? 
1 A DC 7  1_555 C DG 3 1_555 A DA 8  1_555 C DT 2 1_555 0.127  -1.181 3.802 0.340  -2.834 40.202 -1.339 -0.139 3.874 -4.117 -0.493 
40.299 5  BB_DC13DA14:DT37DG38_DD B 13 ? D 38 ? B 14 ? D 37 ? 
1 A DA 8  1_555 C DT 2 1_555 A DC 9  1_555 C DG 1 1_555 0.636  -0.661 3.208 -7.457 -2.421 38.687 -0.702 -1.797 3.072 -3.609 11.117 
39.444 6  BB_DA14DC15:DG36DT37_DD B 14 ? D 37 ? B 15 ? D 36 ? 
1 A DC 9  1_555 C DG 1 1_555 A DA 10 1_555 D DT 6 1_555 -1.244 -1.547 2.442 -5.931 3.378  29.248 -3.513 1.477  2.451 6.578  11.547 
30.017 7  BB_DC15DA16:DT6DG36_AD  B 15 ? D 36 ? B 16 ? A 6  ? 
1 A DA 10 1_555 D DT 6 1_555 A DG 11 1_555 D DC 5 1_555 -0.544 -0.375 3.359 -0.479 4.216  36.636 -1.177 0.794  3.304 6.680  0.758 
36.872 8  BB_DA16DG17:DC5DT6_AA   B 16 ? A 6  ? B 17 ? A 5  ? 
1 A DG 11 1_555 D DC 5 1_555 A DA 12 1_555 D DT 4 1_555 -0.583 -0.064 3.436 0.447  1.112  36.537 -0.263 0.995  3.426 1.773  -0.714 
36.556 9  BB_DG17DA18:DT4DC5_AA   B 17 ? A 5  ? B 18 ? A 4  ? 
1 A DA 12 1_555 D DT 4 1_555 A DC 13 1_555 D DG 3 1_555 0.318  -1.271 3.418 2.546  -1.878 30.107 -2.030 -0.063 3.504 -3.603 -4.885 
30.269 10 BB_DA18DC19:DG3DT4_AA   B 18 ? A 4  ? B 19 ? A 3  ? 
1 A DC 13 1_555 D DG 3 1_555 A DG 14 1_555 D DC 2 1_555 0.072  -0.323 3.496 -3.149 1.692  33.578 -0.849 -0.667 3.455 2.918  5.432 
33.762 11 BB_DC19DG20:DC2DG3_AA   B 19 ? A 3  ? B 20 ? A 2  ? 
1 A DG 14 1_555 D DC 2 1_555 A DT 15 1_555 D DA 1 1_555 0.302  -1.392 3.263 -3.558 0.506  31.005 -2.682 -1.230 3.187 0.943  6.628 
31.207 12 BB_DG20DT21:DA1DC2_AA   B 20 ? A 2  ? B 21 ? A 1  ? 
1 A DT 15 1_555 D DA 1 1_555 A DC 16 1_555 B DG 8 1_555 -0.688 -1.632 2.965 -0.757 0.443  32.021 -3.029 1.123  2.958 0.803  1.371 
32.033 13 BB_DT21DC22:DG35DA1_CA  B 21 ? A 1  ? B 22 ? C 35 ? 
1 A DC 16 1_555 B DG 8 1_555 A DG 17 1_555 B DC 7 1_555 -0.320 0.244  3.405 -1.265 4.356  41.213 -0.141 0.311  3.421 6.166  1.791 
41.451 14 BB_DC22DG23:DC34DG35_CC B 22 ? C 35 ? B 23 ? C 34 ? 
1 A DG 17 1_555 B DC 7 1_555 A DA 18 1_555 B DT 6 1_555 0.022  -0.613 3.475 2.612  3.035  35.932 -1.439 0.354  3.407 4.901  -4.217 
36.147 15 BB_DG23DA24:DT33DC34_CC B 23 ? C 34 ? B 24 ? C 33 ? 
1 A DA 18 1_555 B DT 6 1_555 A DC 19 1_555 B DG 5 1_555 0.965  -1.315 3.251 2.511  1.522  28.482 -3.003 -1.386 3.249 3.082  -5.086 
28.630 16 BB_DA24DC25:DG32DT33_CC B 24 ? C 33 ? B 25 ? C 32 ? 
1 A DC 19 1_555 B DG 5 1_555 A DT 20 1_555 B DA 4 1_555 -0.577 -0.962 3.100 5.761  6.062  28.230 -3.064 2.248  2.672 12.097 
-11.496 29.419 17 BB_DC25DT26:DA31DG32_CC B 25 ? C 32 ? B 26 ? C 31 ? 
1 A DT 20 1_555 B DA 4 1_555 A DC 21 1_555 B DG 3 1_555 1.016  0.373  3.321 5.179  3.572  33.214 0.038  -0.872 3.456 6.181  -8.960 
33.788 18 BB_DT26DC27:DG30DA31_CC B 26 ? C 31 ? B 27 ? C 30 ? 
# 
loop_
_pdbx_audit_support.funding_organization 
_pdbx_audit_support.country 
_pdbx_audit_support.grant_number 
_pdbx_audit_support.ordinal 
'National Science Foundation (NSF, United States)'                                         'United States' 1360635     1 
'National Institutes of Health/National Institute of General Medical Sciences (NIH/NIGMS)' 'United States' R01GM104960 2 
'National Science Foundation (NSF, United States)'                                         'United States' NSF2004250  3 
# 
_pdbx_entity_nonpoly.entity_id   5 
_pdbx_entity_nonpoly.name        'CACODYLATE ION' 
_pdbx_entity_nonpoly.comp_id     CAC 
# 
_pdbx_initial_refinement_model.id               1 
_pdbx_initial_refinement_model.entity_id_list   ? 
_pdbx_initial_refinement_model.type             'experimental model' 
_pdbx_initial_refinement_model.source_name      PDB 
_pdbx_initial_refinement_model.accession_code   5VY6 
_pdbx_initial_refinement_model.details          ? 
# 
_pdbx_struct_assembly_auth_evidence.id                     1 
_pdbx_struct_assembly_auth_evidence.assembly_id            1 
_pdbx_struct_assembly_auth_evidence.experimental_support   none 
_pdbx_struct_assembly_auth_evidence.details                ? 
# 
